data_8WY1
#
_entry.id   8WY1
#
_cell.length_a   172.719
_cell.length_b   172.719
_cell.length_c   395.599
_cell.angle_alpha   90.00
_cell.angle_beta   90.00
_cell.angle_gamma   90.00
#
_symmetry.space_group_name_H-M   'P 41 21 2'
#
_entity_poly.entity_id   1
_entity_poly.type   'polypeptide(L)'
_entity_poly.pdbx_seq_one_letter_code
;MIISKEKTVSQEEMEELRLVARKTWRYFEDFVTEGQNYLPPDNFQEDPPNGVAERTSPTNIGLYLVSVIGARDLGYITTT
EMVERIKKTLDTIEKMEKWNGHLYNWYNTKTLEPLRPYYVSTVDSGNLVGYLITVKEAIGEFLNKPLIDIELAKGLKDTI
KMLNVKGITEDIFTTILSKTTLVPSEWEAFLNKIREKLLSSQDDLENIKRLKNIIIALKGEMKEFLVWTEFDESEKEQEI
FKRYKEVFEEHSSPKELEKVYKNYLLEIEEVFKKATEEEKALLKSQKDKVAQALEKIKKLEAEIENIKSTIENLVEKTEF
RHLYDEKRQLFSIGYNVEEEKLTKSYYDLLASEARQASFIAIAKKEVDKKHWFKLGRMLAIENRYKGLVSWSGTMFEYFM
PLLVMRNYQNTLLDETYAFAVRVQKNYAKELGIPWGISESGFYAFDMNLNYQYKAFGVPSLGLKRGLSHDKVVAPYGSLL
AIGVDVEGVLQNIRFFKKEGAEGKYGFYEAIDYTPERVPFGKKSAIVKSFMAHHQGMVFVALDNFINNNVMQKRFHKDPR
IKAAQILLQEKMPMYLDITREEREGARKLEHHHHHH
;
_entity_poly.pdbx_strand_id   A,B,C,D
#
# COMPACT_ATOMS: atom_id res chain seq x y z
N THR A 8 -10.84 43.80 36.03
CA THR A 8 -12.07 44.52 35.55
C THR A 8 -11.97 44.82 34.06
N VAL A 9 -13.11 44.74 33.38
CA VAL A 9 -13.24 44.88 31.91
C VAL A 9 -13.73 46.30 31.59
N SER A 10 -13.09 46.96 30.63
CA SER A 10 -13.49 48.28 30.08
C SER A 10 -14.74 48.13 29.23
N GLN A 11 -15.64 49.13 29.25
CA GLN A 11 -16.85 49.19 28.38
C GLN A 11 -16.43 48.85 26.95
N GLU A 12 -15.37 49.49 26.45
CA GLU A 12 -14.79 49.19 25.13
C GLU A 12 -14.56 47.67 25.01
N GLU A 13 -13.82 47.08 25.97
CA GLU A 13 -13.53 45.62 26.00
C GLU A 13 -14.86 44.86 25.83
N MET A 14 -15.76 45.00 26.81
CA MET A 14 -17.08 44.32 26.82
C MET A 14 -17.69 44.41 25.41
N GLU A 15 -17.82 45.62 24.86
CA GLU A 15 -18.49 45.90 23.56
C GLU A 15 -18.02 44.87 22.53
N GLU A 16 -16.70 44.63 22.53
CA GLU A 16 -16.05 43.62 21.65
C GLU A 16 -16.62 42.24 21.98
N LEU A 17 -16.54 41.82 23.24
CA LEU A 17 -17.06 40.51 23.72
C LEU A 17 -18.52 40.33 23.26
N ARG A 18 -19.33 41.39 23.46
CA ARG A 18 -20.76 41.41 23.08
C ARG A 18 -20.89 41.16 21.57
N LEU A 19 -20.15 41.92 20.75
CA LEU A 19 -20.17 41.77 19.27
C LEU A 19 -19.88 40.33 18.90
N VAL A 20 -18.86 39.74 19.52
CA VAL A 20 -18.42 38.34 19.26
C VAL A 20 -19.57 37.39 19.61
N ALA A 21 -20.22 37.62 20.75
CA ALA A 21 -21.44 36.92 21.16
C ALA A 21 -22.47 37.00 20.02
N ARG A 22 -22.74 38.21 19.53
CA ARG A 22 -23.71 38.48 18.43
C ARG A 22 -23.31 37.64 17.20
N LYS A 23 -22.09 37.84 16.71
CA LYS A 23 -21.57 37.07 15.56
C LYS A 23 -21.77 35.59 15.85
N THR A 24 -21.43 35.11 17.05
CA THR A 24 -21.52 33.68 17.43
C THR A 24 -22.99 33.24 17.37
N TRP A 25 -23.91 34.02 17.96
CA TRP A 25 -25.37 33.75 17.92
C TRP A 25 -25.81 33.57 16.47
N ARG A 26 -25.25 34.40 15.59
CA ARG A 26 -25.62 34.41 14.16
C ARG A 26 -25.63 32.97 13.65
N TYR A 27 -24.64 32.14 14.01
CA TYR A 27 -24.59 30.72 13.55
C TYR A 27 -26.02 30.18 13.59
N PHE A 28 -26.67 30.27 14.74
CA PHE A 28 -28.00 29.66 15.01
C PHE A 28 -29.09 30.40 14.22
N GLU A 29 -29.07 31.73 14.30
CA GLU A 29 -29.91 32.63 13.47
C GLU A 29 -29.99 32.02 12.07
N ASP A 30 -28.83 31.74 11.48
CA ASP A 30 -28.63 31.52 10.03
C ASP A 30 -28.90 30.04 9.70
N PHE A 31 -28.46 29.07 10.49
CA PHE A 31 -28.44 27.64 10.06
C PHE A 31 -29.51 26.80 10.75
N VAL A 32 -30.19 27.34 11.77
CA VAL A 32 -31.37 26.67 12.39
C VAL A 32 -32.58 27.06 11.55
N THR A 33 -32.98 26.17 10.62
CA THR A 33 -34.01 26.41 9.60
C THR A 33 -35.22 25.52 9.87
N GLU A 34 -36.40 25.93 9.39
CA GLU A 34 -37.57 25.03 9.22
C GLU A 34 -37.08 23.69 8.66
N GLY A 35 -36.26 23.74 7.62
CA GLY A 35 -35.76 22.56 6.89
C GLY A 35 -34.98 21.60 7.77
N GLN A 36 -34.19 22.12 8.72
CA GLN A 36 -33.38 21.33 9.69
C GLN A 36 -34.27 20.96 10.88
N ASN A 37 -35.60 21.04 10.71
CA ASN A 37 -36.62 20.71 11.74
C ASN A 37 -36.32 21.52 13.00
N TYR A 38 -35.80 22.73 12.84
CA TYR A 38 -35.52 23.73 13.92
C TYR A 38 -34.42 23.20 14.86
N LEU A 39 -33.56 22.32 14.36
CA LEU A 39 -32.36 21.84 15.07
C LEU A 39 -31.15 22.55 14.49
N PRO A 40 -30.07 22.73 15.28
CA PRO A 40 -28.81 23.20 14.73
C PRO A 40 -28.05 22.02 14.13
N PRO A 41 -27.55 22.19 12.90
CA PRO A 41 -26.66 21.19 12.30
C PRO A 41 -25.24 21.23 12.89
N ASP A 42 -24.58 20.07 13.03
CA ASP A 42 -23.26 19.95 13.72
C ASP A 42 -22.40 21.15 13.35
N ASN A 43 -22.22 21.45 12.07
CA ASN A 43 -21.22 22.45 11.65
C ASN A 43 -21.55 23.04 10.27
N PHE A 44 -20.92 24.18 9.99
CA PHE A 44 -20.82 24.78 8.63
C PHE A 44 -19.34 25.00 8.30
N GLN A 45 -18.88 24.38 7.21
CA GLN A 45 -17.48 24.43 6.72
C GLN A 45 -17.40 25.50 5.62
N GLU A 46 -16.52 26.48 5.79
CA GLU A 46 -16.38 27.61 4.85
C GLU A 46 -15.40 27.23 3.73
N ASP A 47 -14.09 27.14 4.03
CA ASP A 47 -13.00 27.22 3.02
C ASP A 47 -13.14 26.05 2.07
N PRO A 48 -13.01 24.78 2.52
CA PRO A 48 -13.59 23.69 1.77
C PRO A 48 -15.10 23.93 1.93
N PRO A 49 -15.83 24.33 0.87
CA PRO A 49 -17.16 24.90 1.01
C PRO A 49 -18.28 23.85 1.07
N ASN A 50 -18.01 22.69 1.67
CA ASN A 50 -18.97 21.54 1.68
C ASN A 50 -20.26 21.99 2.36
N GLY A 51 -20.27 23.20 2.93
CA GLY A 51 -21.48 23.92 3.36
C GLY A 51 -21.89 23.48 4.76
N VAL A 52 -23.16 23.08 4.94
CA VAL A 52 -23.74 22.76 6.27
C VAL A 52 -23.99 21.26 6.32
N ALA A 53 -23.43 20.56 7.31
CA ALA A 53 -23.67 19.13 7.52
C ALA A 53 -25.02 18.98 8.23
N GLU A 54 -25.81 17.98 7.86
CA GLU A 54 -27.27 17.93 8.18
C GLU A 54 -27.51 16.93 9.32
N ARG A 55 -26.50 16.75 10.15
CA ARG A 55 -26.56 15.88 11.36
C ARG A 55 -26.55 16.78 12.59
N THR A 56 -27.08 16.31 13.72
CA THR A 56 -27.07 17.06 15.00
C THR A 56 -27.08 16.06 16.16
N SER A 57 -26.42 16.45 17.26
CA SER A 57 -26.27 15.66 18.51
C SER A 57 -27.19 16.23 19.57
N PRO A 58 -27.64 15.40 20.53
CA PRO A 58 -28.40 15.88 21.69
C PRO A 58 -27.83 17.19 22.22
N THR A 59 -26.50 17.20 22.40
CA THR A 59 -25.71 18.33 22.96
C THR A 59 -25.94 19.58 22.10
N ASN A 60 -25.66 19.50 20.80
CA ASN A 60 -25.92 20.59 19.82
C ASN A 60 -27.27 21.22 20.19
N ILE A 61 -28.30 20.38 20.22
CA ILE A 61 -29.74 20.77 20.35
C ILE A 61 -29.90 21.54 21.66
N GLY A 62 -29.47 20.93 22.76
CA GLY A 62 -29.50 21.51 24.11
C GLY A 62 -28.87 22.88 24.11
N LEU A 63 -27.64 22.97 23.60
CA LEU A 63 -26.85 24.22 23.59
C LEU A 63 -27.61 25.29 22.79
N TYR A 64 -28.28 24.93 21.69
CA TYR A 64 -29.10 25.91 20.92
C TYR A 64 -30.20 26.45 21.83
N LEU A 65 -30.96 25.56 22.48
CA LEU A 65 -32.11 25.91 23.36
C LEU A 65 -31.68 26.92 24.43
N VAL A 66 -30.61 26.60 25.17
CA VAL A 66 -30.04 27.49 26.23
C VAL A 66 -29.46 28.74 25.56
N SER A 67 -28.94 28.64 24.34
CA SER A 67 -28.45 29.80 23.56
C SER A 67 -29.62 30.73 23.27
N VAL A 68 -30.74 30.19 22.82
CA VAL A 68 -31.98 30.96 22.55
C VAL A 68 -32.24 31.85 23.78
N ILE A 69 -32.36 31.24 24.95
CA ILE A 69 -32.54 31.98 26.22
C ILE A 69 -31.46 33.06 26.29
N GLY A 70 -30.20 32.65 26.13
CA GLY A 70 -29.01 33.52 26.15
C GLY A 70 -29.18 34.68 25.18
N ALA A 71 -29.76 34.42 24.00
CA ALA A 71 -30.04 35.45 22.99
C ALA A 71 -30.85 36.57 23.65
N ARG A 72 -32.03 36.22 24.17
CA ARG A 72 -32.93 37.17 24.86
C ARG A 72 -32.10 37.90 25.94
N ASP A 73 -31.29 37.20 26.73
CA ASP A 73 -30.48 37.82 27.81
C ASP A 73 -29.70 39.02 27.29
N LEU A 74 -29.10 38.90 26.11
CA LEU A 74 -28.24 39.96 25.51
C LEU A 74 -29.09 40.96 24.72
N GLY A 75 -30.29 40.54 24.32
CA GLY A 75 -31.28 41.38 23.63
C GLY A 75 -31.31 41.12 22.14
N TYR A 76 -30.87 39.93 21.73
CA TYR A 76 -30.69 39.54 20.31
C TYR A 76 -32.01 39.00 19.76
N ILE A 77 -32.90 38.55 20.63
CA ILE A 77 -34.31 38.22 20.24
C ILE A 77 -35.26 38.89 21.21
N THR A 78 -36.53 38.83 20.87
CA THR A 78 -37.68 39.38 21.63
C THR A 78 -38.28 38.25 22.47
N THR A 79 -38.98 38.59 23.55
CA THR A 79 -39.57 37.59 24.47
C THR A 79 -40.39 36.59 23.63
N THR A 80 -41.20 37.11 22.71
CA THR A 80 -42.05 36.31 21.79
C THR A 80 -41.12 35.40 20.98
N GLU A 81 -40.26 36.00 20.15
CA GLU A 81 -39.30 35.30 19.26
C GLU A 81 -38.74 34.11 20.07
N MET A 82 -38.24 34.37 21.26
CA MET A 82 -37.65 33.36 22.17
C MET A 82 -38.59 32.16 22.26
N VAL A 83 -39.71 32.33 22.98
CA VAL A 83 -40.70 31.25 23.26
C VAL A 83 -40.89 30.41 22.00
N GLU A 84 -41.12 31.10 20.88
CA GLU A 84 -41.38 30.47 19.56
C GLU A 84 -40.31 29.41 19.32
N ARG A 85 -39.05 29.81 19.11
CA ARG A 85 -37.96 28.91 18.65
C ARG A 85 -37.90 27.67 19.56
N ILE A 86 -38.06 27.90 20.85
CA ILE A 86 -38.03 26.83 21.88
C ILE A 86 -39.22 25.92 21.62
N LYS A 87 -40.42 26.48 21.55
CA LYS A 87 -41.67 25.70 21.25
C LYS A 87 -41.34 24.73 20.12
N LYS A 88 -41.03 25.29 18.94
CA LYS A 88 -40.86 24.52 17.67
C LYS A 88 -39.80 23.44 17.91
N THR A 89 -38.62 23.85 18.35
CA THR A 89 -37.46 22.94 18.59
C THR A 89 -37.94 21.80 19.48
N LEU A 90 -38.63 22.11 20.56
CA LEU A 90 -39.18 21.10 21.50
C LEU A 90 -40.18 20.18 20.76
N ASP A 91 -41.10 20.78 19.98
CA ASP A 91 -42.08 20.02 19.16
C ASP A 91 -41.31 18.92 18.43
N THR A 92 -40.19 19.31 17.81
CA THR A 92 -39.27 18.42 17.06
C THR A 92 -38.73 17.33 17.99
N ILE A 93 -38.18 17.74 19.13
CA ILE A 93 -37.60 16.80 20.12
C ILE A 93 -38.66 15.76 20.49
N GLU A 94 -39.87 16.21 20.86
CA GLU A 94 -40.99 15.34 21.30
C GLU A 94 -41.27 14.28 20.24
N LYS A 95 -40.87 14.52 18.99
CA LYS A 95 -41.03 13.58 17.85
C LYS A 95 -39.94 12.51 17.87
N MET A 96 -38.68 12.91 18.08
CA MET A 96 -37.47 12.10 17.72
C MET A 96 -37.45 10.74 18.44
N GLU A 97 -37.24 9.65 17.68
CA GLU A 97 -37.09 8.23 18.16
C GLU A 97 -36.16 8.26 19.38
N LYS A 98 -36.71 8.01 20.57
CA LYS A 98 -35.95 8.04 21.85
C LYS A 98 -35.61 6.62 22.27
N TRP A 99 -34.86 6.48 23.37
CA TRP A 99 -34.43 5.21 24.01
C TRP A 99 -34.46 5.37 25.52
N ASN A 100 -35.46 4.81 26.19
CA ASN A 100 -35.68 4.97 27.65
C ASN A 100 -35.77 6.47 27.99
N GLY A 101 -36.30 7.28 27.08
CA GLY A 101 -36.47 8.74 27.25
C GLY A 101 -35.18 9.51 26.99
N HIS A 102 -34.20 8.88 26.34
CA HIS A 102 -32.93 9.50 25.88
C HIS A 102 -33.04 9.86 24.39
N LEU A 103 -32.38 10.94 23.97
CA LEU A 103 -32.08 11.17 22.54
C LEU A 103 -30.93 10.26 22.13
N TYR A 104 -30.86 9.92 20.85
CA TYR A 104 -29.77 9.11 20.27
C TYR A 104 -28.52 9.98 20.12
N ASN A 105 -27.37 9.30 20.00
CA ASN A 105 -26.03 9.85 19.71
C ASN A 105 -26.11 10.97 18.67
N TRP A 106 -26.71 10.67 17.51
CA TRP A 106 -26.90 11.61 16.37
C TRP A 106 -28.27 11.42 15.70
N TYR A 107 -28.87 12.49 15.21
CA TYR A 107 -30.00 12.44 14.26
C TYR A 107 -29.59 13.18 12.97
N ASN A 108 -30.32 12.89 11.90
CA ASN A 108 -30.32 13.70 10.65
C ASN A 108 -31.27 14.88 10.87
N THR A 109 -30.82 16.11 10.59
CA THR A 109 -31.61 17.36 10.80
C THR A 109 -32.91 17.36 9.99
N LYS A 110 -33.03 16.54 8.92
CA LYS A 110 -34.16 16.52 7.96
C LYS A 110 -34.99 15.24 8.11
N THR A 111 -34.35 14.06 8.08
CA THR A 111 -35.03 12.74 8.24
C THR A 111 -35.44 12.55 9.71
N LEU A 112 -34.90 13.36 10.64
CA LEU A 112 -35.08 13.22 12.11
C LEU A 112 -34.92 11.76 12.50
N GLU A 113 -34.02 11.06 11.81
CA GLU A 113 -33.86 9.60 11.98
C GLU A 113 -32.59 9.41 12.80
N PRO A 114 -32.61 8.48 13.78
CA PRO A 114 -31.38 8.04 14.43
C PRO A 114 -30.33 7.73 13.36
N LEU A 115 -29.14 8.30 13.48
CA LEU A 115 -28.05 8.06 12.50
C LEU A 115 -27.53 6.63 12.65
N ARG A 116 -26.62 6.26 11.76
CA ARG A 116 -26.26 4.85 11.48
C ARG A 116 -25.91 4.16 12.79
N PRO A 117 -24.76 4.44 13.45
CA PRO A 117 -24.30 3.58 14.53
C PRO A 117 -25.22 3.79 15.74
N TYR A 118 -26.50 3.40 15.62
CA TYR A 118 -27.56 3.54 16.64
C TYR A 118 -26.88 3.46 18.01
N TYR A 119 -26.71 4.62 18.67
CA TYR A 119 -25.97 4.76 19.94
C TYR A 119 -26.59 5.86 20.79
N VAL A 120 -26.53 5.69 22.11
CA VAL A 120 -27.03 6.66 23.12
C VAL A 120 -25.85 7.09 23.98
N SER A 121 -25.39 8.34 23.86
CA SER A 121 -24.22 8.82 24.64
C SER A 121 -24.69 9.34 25.99
N THR A 122 -23.98 8.93 27.04
CA THR A 122 -24.25 9.34 28.44
C THR A 122 -24.11 10.85 28.51
N VAL A 123 -22.91 11.32 28.16
CA VAL A 123 -22.52 12.75 28.16
C VAL A 123 -23.59 13.53 27.40
N ASP A 124 -23.87 13.12 26.15
CA ASP A 124 -24.83 13.77 25.22
C ASP A 124 -26.13 13.99 25.98
N SER A 125 -26.76 12.92 26.47
CA SER A 125 -27.99 12.98 27.32
C SER A 125 -27.73 13.93 28.49
N GLY A 126 -26.76 13.56 29.35
CA GLY A 126 -26.40 14.33 30.55
C GLY A 126 -26.40 15.83 30.30
N ASN A 127 -25.58 16.28 29.34
CA ASN A 127 -25.50 17.71 28.96
C ASN A 127 -26.89 18.22 28.63
N LEU A 128 -27.55 17.60 27.65
CA LEU A 128 -28.86 18.03 27.13
C LEU A 128 -29.84 18.26 28.29
N VAL A 129 -30.01 17.23 29.13
CA VAL A 129 -30.94 17.28 30.31
C VAL A 129 -30.69 18.60 31.05
N GLY A 130 -29.44 18.82 31.46
CA GLY A 130 -29.00 20.05 32.14
C GLY A 130 -29.47 21.29 31.40
N TYR A 131 -29.21 21.34 30.10
CA TYR A 131 -29.47 22.53 29.24
C TYR A 131 -30.99 22.78 29.24
N LEU A 132 -31.79 21.71 29.28
CA LEU A 132 -33.27 21.78 29.35
C LEU A 132 -33.70 22.38 30.69
N ILE A 133 -33.25 21.75 31.77
CA ILE A 133 -33.53 22.16 33.16
C ILE A 133 -33.29 23.67 33.26
N THR A 134 -32.12 24.11 32.80
CA THR A 134 -31.72 25.53 32.70
C THR A 134 -32.84 26.35 32.05
N VAL A 135 -33.25 25.97 30.84
CA VAL A 135 -34.29 26.68 30.03
C VAL A 135 -35.59 26.72 30.84
N LYS A 136 -36.03 25.58 31.36
CA LYS A 136 -37.25 25.49 32.19
C LYS A 136 -37.24 26.62 33.24
N GLU A 137 -36.23 26.62 34.12
CA GLU A 137 -36.16 27.57 35.25
C GLU A 137 -35.99 29.01 34.75
N ALA A 138 -35.49 29.19 33.54
CA ALA A 138 -35.21 30.51 32.94
C ALA A 138 -36.49 31.10 32.33
N ILE A 139 -37.19 30.35 31.47
CA ILE A 139 -38.19 30.94 30.51
C ILE A 139 -39.25 31.72 31.30
N GLY A 140 -39.67 31.17 32.44
CA GLY A 140 -40.59 31.84 33.37
C GLY A 140 -40.25 33.30 33.53
N GLU A 141 -38.98 33.61 33.79
CA GLU A 141 -38.50 34.97 34.17
C GLU A 141 -39.15 36.03 33.28
N PHE A 142 -39.42 35.68 32.01
CA PHE A 142 -39.72 36.65 30.93
C PHE A 142 -41.20 37.05 30.91
N LEU A 143 -42.00 36.51 31.83
CA LEU A 143 -43.40 36.93 32.08
C LEU A 143 -43.40 38.22 32.91
N ASN A 144 -42.33 38.50 33.66
CA ASN A 144 -42.22 39.77 34.43
C ASN A 144 -41.01 40.58 33.96
N LYS A 145 -40.39 40.16 32.84
CA LYS A 145 -39.28 40.91 32.21
C LYS A 145 -39.84 41.65 30.99
N PRO A 146 -39.55 42.97 30.91
CA PRO A 146 -40.24 43.87 29.97
C PRO A 146 -40.12 43.45 28.51
N LEU A 147 -41.24 43.38 27.77
CA LEU A 147 -41.26 43.15 26.30
C LEU A 147 -40.46 44.26 25.60
N ILE A 148 -40.41 45.44 26.23
CA ILE A 148 -39.56 46.60 25.85
C ILE A 148 -38.57 46.88 26.98
N ASP A 149 -37.40 46.25 26.95
CA ASP A 149 -36.31 46.54 27.91
C ASP A 149 -35.10 47.03 27.13
N ILE A 150 -34.26 47.76 27.84
CA ILE A 150 -33.04 48.43 27.31
C ILE A 150 -32.18 47.41 26.57
N GLU A 151 -32.12 46.15 27.04
CA GLU A 151 -31.20 45.13 26.46
C GLU A 151 -31.54 44.88 24.99
N LEU A 152 -32.79 45.06 24.56
CA LEU A 152 -33.24 44.87 23.15
C LEU A 152 -32.62 45.96 22.27
N ALA A 153 -32.18 47.07 22.88
CA ALA A 153 -31.47 48.19 22.23
C ALA A 153 -29.97 47.93 22.27
N LYS A 154 -29.40 47.66 23.45
CA LYS A 154 -28.01 47.17 23.58
C LYS A 154 -27.78 46.05 22.55
N GLY A 155 -28.83 45.24 22.30
CA GLY A 155 -28.82 44.09 21.38
C GLY A 155 -28.74 44.53 19.93
N LEU A 156 -29.68 45.37 19.48
CA LEU A 156 -29.68 45.95 18.12
C LEU A 156 -28.32 46.61 17.86
N LYS A 157 -27.76 47.36 18.83
CA LYS A 157 -26.42 48.01 18.73
C LYS A 157 -25.41 47.00 18.19
N ASP A 158 -25.33 45.84 18.84
CA ASP A 158 -24.43 44.72 18.44
C ASP A 158 -24.82 44.29 17.02
N THR A 159 -26.12 44.04 16.78
CA THR A 159 -26.68 43.70 15.44
C THR A 159 -26.16 44.69 14.39
N ILE A 160 -26.16 46.00 14.69
CA ILE A 160 -25.83 47.11 13.75
C ILE A 160 -24.33 47.04 13.50
N LYS A 161 -23.52 47.07 14.57
CA LYS A 161 -22.06 46.94 14.47
C LYS A 161 -21.76 45.78 13.51
N MET A 162 -22.40 44.63 13.74
CA MET A 162 -22.19 43.40 12.93
C MET A 162 -22.60 43.66 11.47
N LEU A 163 -23.85 44.03 11.20
CA LEU A 163 -24.41 44.09 9.82
C LEU A 163 -23.79 45.21 8.98
N ASN A 164 -23.43 46.35 9.59
CA ASN A 164 -22.80 47.51 8.89
C ASN A 164 -23.53 47.83 7.59
N VAL A 165 -24.45 48.80 7.60
CA VAL A 165 -25.16 49.27 6.36
C VAL A 165 -25.18 50.81 6.35
N LYS A 166 -24.11 51.43 5.89
CA LYS A 166 -24.02 52.90 5.64
C LYS A 166 -24.43 53.67 6.90
N GLY A 167 -25.21 54.77 6.77
CA GLY A 167 -25.82 55.57 7.85
C GLY A 167 -26.08 54.83 9.15
N ILE A 168 -26.49 53.56 9.08
CA ILE A 168 -26.64 52.65 10.24
C ILE A 168 -25.27 52.39 10.87
N THR A 169 -24.89 53.20 11.86
CA THR A 169 -23.60 53.13 12.60
C THR A 169 -23.92 53.06 14.10
N GLU A 170 -22.91 52.76 14.92
CA GLU A 170 -23.07 52.56 16.39
C GLU A 170 -23.59 53.85 17.08
N ASP A 171 -22.91 54.97 16.85
CA ASP A 171 -23.18 56.31 17.48
C ASP A 171 -24.70 56.60 17.48
N ILE A 172 -25.40 56.24 16.39
CA ILE A 172 -26.88 56.38 16.22
C ILE A 172 -27.56 56.17 17.58
N PHE A 173 -27.20 55.10 18.29
CA PHE A 173 -27.77 54.70 19.59
C PHE A 173 -27.57 55.83 20.62
N THR A 174 -26.34 55.95 21.15
CA THR A 174 -25.94 56.94 22.20
C THR A 174 -27.14 57.24 23.12
N THR A 175 -27.90 58.32 22.83
CA THR A 175 -29.14 58.73 23.52
C THR A 175 -29.84 57.52 24.16
N ILE A 176 -30.46 56.65 23.36
CA ILE A 176 -31.35 55.56 23.87
C ILE A 176 -30.63 54.76 24.98
N LEU A 177 -29.36 54.38 24.72
CA LEU A 177 -28.53 53.53 25.63
C LEU A 177 -28.07 54.35 26.84
N SER A 178 -28.06 55.68 26.74
CA SER A 178 -27.61 56.60 27.82
C SER A 178 -28.58 56.54 29.00
N LYS A 179 -29.77 55.92 28.81
CA LYS A 179 -30.88 55.83 29.79
C LYS A 179 -30.95 54.43 30.40
N THR A 180 -30.97 54.32 31.72
CA THR A 180 -31.16 53.05 32.48
C THR A 180 -32.36 52.28 31.91
N THR A 181 -33.37 53.00 31.42
CA THR A 181 -34.63 52.39 30.95
C THR A 181 -34.92 52.81 29.51
N LEU A 182 -35.72 51.99 28.82
CA LEU A 182 -36.20 52.27 27.45
C LEU A 182 -37.71 52.53 27.55
N VAL A 183 -38.12 53.74 27.15
CA VAL A 183 -39.55 54.14 27.15
C VAL A 183 -40.11 53.94 25.74
N PRO A 184 -41.13 53.07 25.61
CA PRO A 184 -41.63 52.62 24.30
C PRO A 184 -41.74 53.68 23.20
N SER A 185 -42.17 54.89 23.55
CA SER A 185 -42.31 56.03 22.60
C SER A 185 -40.94 56.31 21.95
N GLU A 186 -39.92 56.60 22.78
CA GLU A 186 -38.52 56.81 22.32
C GLU A 186 -38.13 55.68 21.37
N TRP A 187 -38.43 54.42 21.76
CA TRP A 187 -38.13 53.16 21.02
C TRP A 187 -38.85 53.19 19.67
N GLU A 188 -40.19 53.30 19.67
CA GLU A 188 -41.03 53.43 18.46
C GLU A 188 -40.32 54.38 17.49
N ALA A 189 -39.96 55.57 17.99
CA ALA A 189 -39.31 56.66 17.23
C ALA A 189 -37.99 56.16 16.64
N PHE A 190 -37.08 55.73 17.52
CA PHE A 190 -35.73 55.22 17.22
C PHE A 190 -35.82 54.13 16.14
N LEU A 191 -36.67 53.12 16.34
CA LEU A 191 -36.86 51.99 15.39
C LEU A 191 -37.30 52.49 14.01
N ASN A 192 -38.17 53.49 13.96
CA ASN A 192 -38.68 54.07 12.69
C ASN A 192 -37.59 54.93 12.05
N LYS A 193 -36.93 55.79 12.83
CA LYS A 193 -35.73 56.58 12.39
C LYS A 193 -34.79 55.64 11.61
N ILE A 194 -34.40 54.53 12.23
CA ILE A 194 -33.48 53.50 11.66
C ILE A 194 -34.15 52.87 10.43
N ARG A 195 -35.45 52.55 10.50
CA ARG A 195 -36.24 52.05 9.34
C ARG A 195 -36.07 53.01 8.14
N GLU A 196 -36.04 54.32 8.41
CA GLU A 196 -36.03 55.36 7.36
C GLU A 196 -34.65 55.42 6.71
N LYS A 197 -33.57 55.74 7.44
CA LYS A 197 -32.18 55.83 6.87
C LYS A 197 -31.83 54.54 6.12
N LEU A 198 -32.50 53.42 6.40
CA LEU A 198 -32.41 52.13 5.65
C LEU A 198 -33.05 52.28 4.26
N LEU A 199 -34.25 52.85 4.17
CA LEU A 199 -34.98 53.07 2.88
C LEU A 199 -34.07 53.84 1.93
N SER A 200 -33.27 54.79 2.45
CA SER A 200 -32.32 55.65 1.68
C SER A 200 -30.98 54.94 1.42
N SER A 201 -30.27 54.53 2.47
CA SER A 201 -28.94 53.86 2.37
C SER A 201 -29.02 52.72 1.35
N GLN A 202 -28.20 52.76 0.29
CA GLN A 202 -28.24 51.77 -0.83
C GLN A 202 -27.02 50.83 -0.77
N ASP A 203 -26.72 50.27 0.41
CA ASP A 203 -25.70 49.19 0.59
C ASP A 203 -26.25 47.88 0.04
N ASP A 204 -25.47 46.81 0.18
CA ASP A 204 -25.85 45.42 -0.19
C ASP A 204 -27.31 45.19 0.21
N LEU A 205 -28.24 45.19 -0.76
CA LEU A 205 -29.70 44.94 -0.52
C LEU A 205 -29.87 43.83 0.53
N GLU A 206 -29.17 42.70 0.39
CA GLU A 206 -29.18 41.54 1.33
C GLU A 206 -28.96 42.02 2.78
N ASN A 207 -27.83 42.66 3.06
CA ASN A 207 -27.51 43.22 4.39
C ASN A 207 -28.64 44.13 4.87
N ILE A 208 -29.07 45.10 4.04
CA ILE A 208 -30.24 45.99 4.31
C ILE A 208 -31.41 45.12 4.76
N LYS A 209 -31.85 44.20 3.90
CA LYS A 209 -32.99 43.27 4.15
C LYS A 209 -32.91 42.78 5.61
N ARG A 210 -31.81 42.14 6.01
CA ARG A 210 -31.67 41.56 7.38
C ARG A 210 -32.11 42.60 8.41
N LEU A 211 -31.48 43.77 8.38
CA LEU A 211 -31.73 44.85 9.36
C LEU A 211 -33.20 45.27 9.33
N LYS A 212 -33.82 45.33 8.13
CA LYS A 212 -35.28 45.59 7.98
C LYS A 212 -36.03 44.56 8.83
N ASN A 213 -35.83 43.27 8.54
CA ASN A 213 -36.54 42.12 9.17
C ASN A 213 -36.27 42.09 10.68
N ILE A 214 -35.08 42.52 11.11
CA ILE A 214 -34.68 42.56 12.55
C ILE A 214 -35.30 43.82 13.18
N ILE A 215 -35.67 44.83 12.38
CA ILE A 215 -36.47 46.01 12.82
C ILE A 215 -37.97 45.70 12.66
N ILE A 216 -38.34 44.90 11.66
CA ILE A 216 -39.72 44.37 11.45
C ILE A 216 -40.12 43.55 12.68
N ALA A 217 -39.23 42.66 13.13
CA ALA A 217 -39.37 41.81 14.32
C ALA A 217 -39.62 42.70 15.56
N LEU A 218 -38.83 43.75 15.72
CA LEU A 218 -38.84 44.59 16.94
C LEU A 218 -40.15 45.38 17.07
N LYS A 219 -40.59 45.99 15.97
CA LYS A 219 -41.90 46.69 15.92
C LYS A 219 -43.00 45.65 15.99
N GLY A 220 -42.82 44.50 15.36
CA GLY A 220 -43.74 43.34 15.38
C GLY A 220 -44.28 43.03 16.77
N GLU A 221 -43.40 42.73 17.73
CA GLU A 221 -43.74 42.53 19.16
C GLU A 221 -44.54 43.75 19.66
N MET A 222 -44.05 44.96 19.39
CA MET A 222 -44.61 46.23 19.93
C MET A 222 -46.05 46.46 19.44
N LYS A 223 -46.29 46.41 18.13
CA LYS A 223 -47.64 46.61 17.50
C LYS A 223 -48.61 45.61 18.14
N GLU A 224 -48.21 44.33 18.20
CA GLU A 224 -49.01 43.19 18.68
C GLU A 224 -49.38 43.40 20.17
N PHE A 225 -48.38 43.58 21.05
CA PHE A 225 -48.53 43.46 22.52
C PHE A 225 -48.77 44.84 23.15
N LEU A 226 -48.21 45.91 22.58
CA LEU A 226 -48.42 47.30 23.10
C LEU A 226 -49.30 48.05 22.10
N VAL A 227 -50.55 47.60 21.92
CA VAL A 227 -51.50 48.19 20.92
C VAL A 227 -51.78 49.66 21.29
N TRP A 228 -51.41 50.12 22.49
CA TRP A 228 -51.64 51.54 22.88
C TRP A 228 -50.83 52.46 21.97
N THR A 229 -49.97 51.95 21.08
CA THR A 229 -49.23 52.76 20.08
C THR A 229 -50.10 52.95 18.83
N GLU A 230 -51.07 52.03 18.60
CA GLU A 230 -51.87 51.87 17.34
C GLU A 230 -53.28 52.43 17.52
N PHE A 231 -53.50 53.29 18.52
CA PHE A 231 -54.77 54.04 18.77
C PHE A 231 -54.71 55.35 17.99
N ASP A 232 -55.68 55.62 17.12
CA ASP A 232 -55.71 56.82 16.22
C ASP A 232 -56.07 58.07 17.04
N GLU A 233 -55.78 59.25 16.51
CA GLU A 233 -55.66 60.52 17.30
C GLU A 233 -56.97 60.75 18.09
N SER A 234 -58.12 60.43 17.51
CA SER A 234 -59.47 60.57 18.13
C SER A 234 -59.62 59.60 19.31
N GLU A 235 -59.13 58.36 19.17
CA GLU A 235 -59.13 57.34 20.25
C GLU A 235 -58.23 57.78 21.41
N LYS A 236 -57.11 58.45 21.13
CA LYS A 236 -56.13 58.95 22.15
C LYS A 236 -56.78 60.02 23.03
N GLU A 237 -57.83 60.69 22.53
CA GLU A 237 -58.56 61.76 23.25
C GLU A 237 -59.39 61.15 24.39
N GLN A 238 -60.13 60.07 24.14
CA GLN A 238 -61.04 59.41 25.13
C GLN A 238 -60.39 59.50 26.52
N GLU A 239 -61.03 60.22 27.45
CA GLU A 239 -60.44 60.58 28.77
C GLU A 239 -59.82 59.32 29.40
N ILE A 240 -60.51 58.17 29.31
CA ILE A 240 -60.05 56.85 29.85
C ILE A 240 -58.59 56.61 29.46
N PHE A 241 -58.20 56.93 28.21
CA PHE A 241 -56.84 56.76 27.65
C PHE A 241 -55.85 57.70 28.36
N LYS A 242 -56.31 58.90 28.72
CA LYS A 242 -55.48 60.00 29.26
C LYS A 242 -55.17 59.75 30.75
N ARG A 243 -55.93 58.86 31.41
CA ARG A 243 -55.64 58.39 32.79
C ARG A 243 -54.58 57.28 32.71
N TYR A 244 -54.62 56.47 31.65
CA TYR A 244 -53.88 55.19 31.53
C TYR A 244 -52.59 55.38 30.70
N LYS A 245 -52.35 56.58 30.20
CA LYS A 245 -51.20 56.90 29.32
C LYS A 245 -49.86 56.61 30.03
N GLU A 246 -49.67 57.15 31.23
CA GLU A 246 -48.38 57.05 31.95
C GLU A 246 -48.25 55.66 32.59
N VAL A 247 -49.35 54.88 32.68
CA VAL A 247 -49.33 53.50 33.24
C VAL A 247 -49.09 52.48 32.12
N PHE A 248 -49.34 52.85 30.86
CA PHE A 248 -48.95 52.02 29.70
C PHE A 248 -47.43 52.10 29.51
N GLU A 249 -46.84 53.28 29.73
CA GLU A 249 -45.38 53.54 29.61
C GLU A 249 -44.63 52.94 30.80
N GLU A 250 -45.22 52.92 31.99
CA GLU A 250 -44.54 52.50 33.24
C GLU A 250 -44.56 50.97 33.37
N HIS A 251 -45.15 50.22 32.41
CA HIS A 251 -45.36 48.76 32.52
C HIS A 251 -45.45 48.11 31.14
N SER A 252 -44.47 47.25 30.79
CA SER A 252 -44.36 46.60 29.46
C SER A 252 -44.11 45.07 29.58
N SER A 253 -44.11 44.52 30.79
CA SER A 253 -43.94 43.05 31.04
C SER A 253 -45.26 42.34 30.72
N PRO A 254 -45.24 41.09 30.21
CA PRO A 254 -46.48 40.36 29.92
C PRO A 254 -47.52 40.28 31.05
N LYS A 255 -47.09 40.20 32.32
CA LYS A 255 -47.99 40.12 33.50
C LYS A 255 -48.39 41.54 33.90
N GLU A 256 -47.44 42.48 33.93
CA GLU A 256 -47.69 43.92 34.18
C GLU A 256 -48.66 44.48 33.14
N LEU A 257 -48.69 43.92 31.93
CA LEU A 257 -49.66 44.27 30.86
C LEU A 257 -50.98 43.56 31.12
N GLU A 258 -50.93 42.23 31.29
CA GLU A 258 -52.12 41.40 31.59
C GLU A 258 -52.98 42.13 32.63
N LYS A 259 -52.34 42.64 33.70
CA LYS A 259 -53.03 43.37 34.79
C LYS A 259 -53.56 44.71 34.25
N VAL A 260 -52.69 45.57 33.69
CA VAL A 260 -53.08 46.92 33.20
C VAL A 260 -54.23 46.78 32.19
N TYR A 261 -54.17 45.76 31.33
CA TYR A 261 -55.09 45.59 30.18
C TYR A 261 -56.50 45.23 30.68
N LYS A 262 -56.65 44.34 31.66
CA LYS A 262 -57.96 44.01 32.27
C LYS A 262 -58.57 45.27 32.90
N ASN A 263 -57.77 45.98 33.71
CA ASN A 263 -58.21 47.15 34.52
C ASN A 263 -58.64 48.31 33.60
N TYR A 264 -58.16 48.32 32.35
CA TYR A 264 -58.58 49.25 31.28
C TYR A 264 -59.85 48.70 30.61
N LEU A 265 -60.02 47.38 30.56
CA LEU A 265 -61.16 46.71 29.88
C LEU A 265 -62.38 46.70 30.80
N LEU A 266 -62.17 46.75 32.12
CA LEU A 266 -63.27 46.85 33.10
C LEU A 266 -63.72 48.32 33.21
N GLU A 267 -62.80 49.27 33.04
CA GLU A 267 -63.07 50.74 33.06
C GLU A 267 -63.76 51.16 31.76
N ILE A 268 -63.43 50.50 30.62
CA ILE A 268 -64.11 50.75 29.31
C ILE A 268 -65.59 50.45 29.54
N GLU A 269 -65.87 49.28 30.12
CA GLU A 269 -67.22 48.73 30.38
C GLU A 269 -68.04 49.73 31.21
N GLU A 270 -67.40 50.29 32.25
CA GLU A 270 -68.03 51.21 33.24
C GLU A 270 -68.50 52.49 32.55
N VAL A 271 -67.61 53.15 31.81
CA VAL A 271 -67.84 54.52 31.25
C VAL A 271 -68.48 54.42 29.87
N PHE A 272 -68.87 53.20 29.42
CA PHE A 272 -69.51 52.96 28.10
C PHE A 272 -71.00 53.31 28.15
N LYS A 273 -71.60 53.34 29.35
CA LYS A 273 -73.02 53.70 29.58
C LYS A 273 -73.21 55.23 29.60
N LYS A 274 -72.17 55.97 30.04
CA LYS A 274 -72.17 57.45 30.22
C LYS A 274 -71.33 58.09 29.11
N ALA A 275 -71.62 57.74 27.85
CA ALA A 275 -70.81 58.16 26.68
C ALA A 275 -71.71 58.39 25.47
N THR A 276 -71.38 59.39 24.65
CA THR A 276 -72.05 59.70 23.36
C THR A 276 -71.88 58.49 22.43
N GLU A 277 -72.70 58.43 21.36
CA GLU A 277 -72.66 57.32 20.37
C GLU A 277 -71.36 57.44 19.56
N GLU A 278 -70.79 58.65 19.51
CA GLU A 278 -69.44 58.96 18.98
C GLU A 278 -68.38 58.44 19.96
N GLU A 279 -68.59 58.63 21.27
CA GLU A 279 -67.64 58.19 22.34
C GLU A 279 -67.70 56.67 22.46
N LYS A 280 -68.86 56.07 22.18
CA LYS A 280 -69.11 54.61 22.29
C LYS A 280 -68.38 53.87 21.15
N ALA A 281 -68.34 54.45 19.94
CA ALA A 281 -67.69 53.85 18.75
C ALA A 281 -66.17 53.80 18.94
N LEU A 282 -65.63 54.84 19.58
CA LEU A 282 -64.18 55.03 19.87
C LEU A 282 -63.79 54.14 21.05
N LEU A 283 -64.62 54.12 22.11
CA LEU A 283 -64.45 53.21 23.27
C LEU A 283 -64.57 51.75 22.81
N LYS A 284 -65.31 51.49 21.73
CA LYS A 284 -65.59 50.10 21.24
C LYS A 284 -64.40 49.58 20.46
N SER A 285 -63.85 50.41 19.57
CA SER A 285 -62.57 50.19 18.87
C SER A 285 -61.46 49.82 19.87
N GLN A 286 -61.36 50.55 20.98
CA GLN A 286 -60.29 50.35 22.01
C GLN A 286 -60.54 49.07 22.79
N LYS A 287 -61.79 48.80 23.19
CA LYS A 287 -62.14 47.51 23.84
C LYS A 287 -61.61 46.40 22.92
N ASP A 288 -62.00 46.42 21.65
CA ASP A 288 -61.84 45.29 20.69
C ASP A 288 -60.36 44.96 20.47
N LYS A 289 -59.50 45.99 20.38
CA LYS A 289 -58.04 45.85 20.17
C LYS A 289 -57.39 45.27 21.42
N VAL A 290 -57.62 45.94 22.56
CA VAL A 290 -57.02 45.64 23.89
C VAL A 290 -57.50 44.25 24.36
N ALA A 291 -58.60 43.77 23.78
CA ALA A 291 -59.17 42.42 24.02
C ALA A 291 -58.22 41.34 23.45
N GLN A 292 -58.00 41.36 22.13
CA GLN A 292 -57.05 40.46 21.43
C GLN A 292 -55.68 40.55 22.08
N ALA A 293 -55.22 41.80 22.32
CA ALA A 293 -53.90 42.12 22.92
C ALA A 293 -53.76 41.37 24.25
N LEU A 294 -54.85 41.21 24.99
CA LEU A 294 -54.91 40.40 26.25
C LEU A 294 -54.92 38.92 25.90
N GLU A 295 -55.82 38.49 25.00
CA GLU A 295 -55.93 37.08 24.54
C GLU A 295 -54.56 36.55 24.13
N LYS A 296 -53.73 37.40 23.51
CA LYS A 296 -52.36 37.05 23.05
C LYS A 296 -51.45 36.85 24.26
N ILE A 297 -51.52 37.76 25.23
CA ILE A 297 -50.70 37.68 26.47
C ILE A 297 -51.06 36.37 27.18
N LYS A 298 -52.36 36.04 27.29
CA LYS A 298 -52.85 34.79 27.92
C LYS A 298 -52.22 33.59 27.20
N LYS A 299 -52.17 33.63 25.87
CA LYS A 299 -51.57 32.56 25.04
C LYS A 299 -50.07 32.47 25.35
N LEU A 300 -49.33 33.58 25.25
CA LEU A 300 -47.87 33.66 25.55
C LEU A 300 -47.60 32.98 26.89
N GLU A 301 -48.29 33.41 27.95
CA GLU A 301 -48.21 32.86 29.34
C GLU A 301 -48.37 31.33 29.30
N ALA A 302 -49.35 30.88 28.53
CA ALA A 302 -49.71 29.44 28.38
C ALA A 302 -48.59 28.68 27.65
N GLU A 303 -48.27 29.09 26.42
CA GLU A 303 -47.19 28.47 25.58
C GLU A 303 -45.94 28.29 26.45
N ILE A 304 -45.61 29.26 27.31
CA ILE A 304 -44.48 29.20 28.29
C ILE A 304 -44.68 27.97 29.19
N GLU A 305 -45.78 27.90 29.92
CA GLU A 305 -46.03 26.81 30.90
C GLU A 305 -45.95 25.47 30.16
N ASN A 306 -46.58 25.38 28.98
CA ASN A 306 -46.53 24.17 28.11
C ASN A 306 -45.07 23.78 27.90
N ILE A 307 -44.20 24.72 27.53
CA ILE A 307 -42.73 24.52 27.42
C ILE A 307 -42.24 23.94 28.77
N LYS A 308 -42.33 24.72 29.85
CA LYS A 308 -41.83 24.34 31.19
C LYS A 308 -42.27 22.89 31.50
N SER A 309 -43.55 22.60 31.29
CA SER A 309 -44.17 21.26 31.55
C SER A 309 -43.54 20.24 30.60
N THR A 310 -43.52 20.54 29.30
CA THR A 310 -42.97 19.63 28.27
C THR A 310 -41.53 19.29 28.65
N ILE A 311 -40.71 20.31 28.96
CA ILE A 311 -39.29 20.11 29.40
C ILE A 311 -39.32 19.18 30.62
N GLU A 312 -39.87 19.67 31.73
CA GLU A 312 -39.90 18.95 33.04
C GLU A 312 -40.16 17.47 32.73
N ASN A 313 -41.20 17.19 31.94
CA ASN A 313 -41.56 15.81 31.52
C ASN A 313 -40.31 15.14 30.93
N LEU A 314 -39.80 15.69 29.81
CA LEU A 314 -38.75 15.03 28.99
C LEU A 314 -37.57 14.65 29.89
N VAL A 315 -37.28 15.49 30.88
CA VAL A 315 -36.20 15.29 31.89
C VAL A 315 -36.54 14.05 32.73
N GLU A 316 -37.68 14.07 33.44
CA GLU A 316 -38.09 12.98 34.36
C GLU A 316 -38.34 11.69 33.58
N LYS A 317 -38.40 11.77 32.24
CA LYS A 317 -38.57 10.62 31.31
C LYS A 317 -37.22 9.93 31.05
N THR A 318 -36.12 10.66 31.22
CA THR A 318 -34.74 10.24 30.86
C THR A 318 -34.17 9.29 31.92
N GLU A 319 -34.13 7.99 31.63
CA GLU A 319 -33.76 6.94 32.62
C GLU A 319 -32.24 6.70 32.58
N PHE A 320 -31.47 7.54 33.28
CA PHE A 320 -30.00 7.45 33.40
C PHE A 320 -29.61 6.10 34.01
N ARG A 321 -30.46 5.55 34.88
CA ARG A 321 -30.34 4.19 35.47
C ARG A 321 -29.68 3.25 34.46
N HIS A 322 -30.13 3.34 33.21
CA HIS A 322 -29.82 2.37 32.14
C HIS A 322 -28.35 2.46 31.72
N LEU A 323 -27.66 3.59 32.02
CA LEU A 323 -26.27 3.84 31.53
C LEU A 323 -25.24 3.69 32.65
N TYR A 324 -25.69 3.18 33.81
CA TYR A 324 -24.93 3.06 35.07
C TYR A 324 -24.69 1.59 35.36
N ASP A 325 -23.43 1.16 35.49
CA ASP A 325 -23.08 -0.23 35.91
C ASP A 325 -23.10 -0.26 37.44
N GLU A 326 -24.30 -0.46 38.03
CA GLU A 326 -24.52 -0.50 39.49
C GLU A 326 -23.26 -1.06 40.15
N LYS A 327 -22.71 -2.14 39.59
CA LYS A 327 -21.58 -2.87 40.22
C LYS A 327 -20.34 -1.98 40.27
N ARG A 328 -19.99 -1.25 39.23
CA ARG A 328 -18.83 -0.31 39.30
C ARG A 328 -19.24 1.02 39.93
N GLN A 329 -20.50 1.17 40.33
CA GLN A 329 -21.05 2.43 40.92
C GLN A 329 -20.69 3.56 39.96
N LEU A 330 -20.72 3.28 38.65
CA LEU A 330 -20.08 4.15 37.63
C LEU A 330 -20.90 4.22 36.35
N PHE A 331 -20.75 5.34 35.65
CA PHE A 331 -21.45 5.62 34.38
C PHE A 331 -20.60 5.11 33.22
N SER A 332 -21.19 4.26 32.38
CA SER A 332 -20.60 3.81 31.09
C SER A 332 -20.63 4.96 30.09
N ILE A 333 -19.76 4.89 29.09
CA ILE A 333 -19.62 5.91 28.01
C ILE A 333 -21.00 6.16 27.39
N GLY A 334 -21.70 5.06 27.12
CA GLY A 334 -23.07 5.04 26.58
C GLY A 334 -23.48 3.65 26.13
N TYR A 335 -24.68 3.55 25.55
CA TYR A 335 -25.31 2.26 25.17
C TYR A 335 -25.24 2.08 23.65
N ASN A 336 -24.66 0.97 23.21
CA ASN A 336 -24.65 0.49 21.80
C ASN A 336 -25.94 -0.28 21.56
N VAL A 337 -26.91 0.32 20.86
CA VAL A 337 -28.28 -0.27 20.74
C VAL A 337 -28.18 -1.48 19.80
N GLU A 338 -27.13 -1.55 18.98
CA GLU A 338 -27.00 -2.55 17.89
C GLU A 338 -26.59 -3.91 18.46
N GLU A 339 -25.84 -3.96 19.57
CA GLU A 339 -25.55 -5.22 20.29
C GLU A 339 -26.39 -5.30 21.57
N GLU A 340 -27.43 -4.49 21.70
CA GLU A 340 -28.23 -4.36 22.95
C GLU A 340 -27.32 -4.54 24.18
N LYS A 341 -26.13 -3.93 24.15
CA LYS A 341 -25.11 -4.02 25.22
C LYS A 341 -24.70 -2.60 25.64
N LEU A 342 -24.40 -2.40 26.93
CA LEU A 342 -23.78 -1.14 27.42
C LEU A 342 -22.29 -1.21 27.09
N THR A 343 -21.67 -0.06 26.86
CA THR A 343 -20.27 0.03 26.41
C THR A 343 -19.34 -0.49 27.52
N LYS A 344 -18.22 -1.09 27.12
CA LYS A 344 -17.17 -1.59 28.04
C LYS A 344 -16.67 -0.42 28.90
N SER A 345 -15.90 0.53 28.34
CA SER A 345 -15.19 1.59 29.12
C SER A 345 -16.21 2.48 29.87
N TYR A 346 -15.73 3.27 30.84
CA TYR A 346 -16.58 4.14 31.70
C TYR A 346 -15.94 5.49 31.99
N TYR A 347 -16.76 6.42 32.48
CA TYR A 347 -16.35 7.77 32.99
C TYR A 347 -15.93 7.58 34.43
N ASP A 348 -14.67 7.16 34.55
CA ASP A 348 -13.98 6.75 35.79
C ASP A 348 -13.20 7.94 36.36
N LEU A 349 -13.57 9.18 36.01
CA LEU A 349 -12.85 10.39 36.45
C LEU A 349 -13.84 11.51 36.74
N LEU A 350 -13.54 12.31 37.77
CA LEU A 350 -14.40 13.46 38.13
C LEU A 350 -14.21 14.53 37.05
N ALA A 351 -12.97 14.86 36.73
CA ALA A 351 -12.62 15.87 35.70
C ALA A 351 -13.06 15.38 34.32
N SER A 352 -14.34 15.56 33.97
CA SER A 352 -14.95 14.97 32.74
C SER A 352 -16.37 15.53 32.57
N GLU A 353 -16.65 16.17 31.44
CA GLU A 353 -18.02 16.51 30.93
C GLU A 353 -19.09 15.55 31.51
N ALA A 354 -18.70 14.30 31.82
CA ALA A 354 -19.52 13.24 32.48
C ALA A 354 -20.09 13.73 33.79
N ARG A 355 -19.36 14.53 34.55
CA ARG A 355 -19.84 15.08 35.85
C ARG A 355 -21.27 15.61 35.65
N GLN A 356 -21.51 16.39 34.59
CA GLN A 356 -22.84 17.01 34.34
C GLN A 356 -23.87 15.88 34.27
N ALA A 357 -23.54 14.80 33.55
CA ALA A 357 -24.31 13.55 33.54
C ALA A 357 -24.40 13.00 34.97
N SER A 358 -23.25 12.67 35.55
CA SER A 358 -23.09 11.99 36.87
C SER A 358 -23.88 12.75 37.94
N PHE A 359 -23.86 14.08 37.90
CA PHE A 359 -24.53 15.00 38.88
C PHE A 359 -26.04 14.91 38.74
N ILE A 360 -26.53 15.12 37.52
CA ILE A 360 -27.98 15.19 37.20
C ILE A 360 -28.63 13.87 37.61
N ALA A 361 -27.95 12.75 37.37
CA ALA A 361 -28.40 11.42 37.82
C ALA A 361 -28.71 11.46 39.33
N ILE A 362 -27.72 11.84 40.14
CA ILE A 362 -27.85 11.84 41.63
C ILE A 362 -28.95 12.81 42.02
N ALA A 363 -29.03 13.95 41.34
CA ALA A 363 -29.97 15.06 41.64
C ALA A 363 -31.40 14.61 41.33
N LYS A 364 -31.58 13.83 40.26
CA LYS A 364 -32.85 13.16 39.85
C LYS A 364 -33.15 12.00 40.80
N LYS A 365 -32.22 11.68 41.69
CA LYS A 365 -32.25 10.55 42.66
C LYS A 365 -32.40 9.25 41.85
N GLU A 366 -31.61 9.11 40.78
CA GLU A 366 -31.58 7.89 39.95
C GLU A 366 -30.40 7.01 40.37
N VAL A 367 -29.34 7.60 40.94
CA VAL A 367 -28.21 6.83 41.55
C VAL A 367 -27.87 7.44 42.92
N ASP A 368 -27.10 6.66 43.70
CA ASP A 368 -26.73 6.97 45.10
C ASP A 368 -25.95 8.28 45.13
N LYS A 369 -26.14 9.08 46.18
CA LYS A 369 -25.40 10.35 46.41
C LYS A 369 -23.90 10.05 46.42
N LYS A 370 -23.54 8.83 46.82
CA LYS A 370 -22.18 8.21 46.88
C LYS A 370 -21.49 8.20 45.50
N HIS A 371 -22.24 7.98 44.42
CA HIS A 371 -21.65 7.86 43.05
C HIS A 371 -20.66 9.01 42.88
N TRP A 372 -21.08 10.22 43.23
CA TRP A 372 -20.32 11.46 43.01
C TRP A 372 -18.90 11.28 43.52
N PHE A 373 -18.75 10.54 44.63
CA PHE A 373 -17.46 10.41 45.36
C PHE A 373 -16.71 9.17 44.86
N LYS A 374 -17.38 8.24 44.19
CA LYS A 374 -16.72 7.08 43.54
C LYS A 374 -16.00 7.54 42.26
N LEU A 375 -16.43 8.62 41.60
CA LEU A 375 -15.72 9.18 40.39
C LEU A 375 -14.25 9.44 40.75
N GLY A 376 -13.31 8.97 39.94
CA GLY A 376 -11.86 9.11 40.17
C GLY A 376 -11.45 10.56 40.36
N ARG A 377 -10.83 10.85 41.50
CA ARG A 377 -10.22 12.17 41.80
C ARG A 377 -8.72 11.94 41.89
N MET A 378 -8.01 12.49 40.92
CA MET A 378 -6.55 12.37 40.79
C MET A 378 -5.97 13.77 40.81
N LEU A 379 -5.05 14.09 41.71
CA LEU A 379 -4.39 15.43 41.65
C LEU A 379 -3.05 15.24 40.97
N ALA A 380 -2.63 16.26 40.21
CA ALA A 380 -1.26 16.40 39.70
C ALA A 380 -0.69 17.71 40.24
N ILE A 381 0.21 17.63 41.22
CA ILE A 381 0.88 18.82 41.82
C ILE A 381 1.95 19.29 40.82
N GLU A 382 1.63 20.34 40.05
CA GLU A 382 2.57 20.99 39.10
C GLU A 382 2.99 22.32 39.73
N ASN A 383 4.28 22.64 39.69
CA ASN A 383 4.88 23.72 40.52
C ASN A 383 4.24 23.63 41.91
N ARG A 384 3.36 24.58 42.21
CA ARG A 384 2.70 24.68 43.53
C ARG A 384 1.25 24.26 43.37
N TYR A 385 0.56 24.89 42.42
CA TYR A 385 -0.89 24.66 42.15
C TYR A 385 -1.10 23.17 41.92
N LYS A 386 -2.19 22.66 42.46
CA LYS A 386 -2.57 21.22 42.38
C LYS A 386 -3.90 21.21 41.66
N GLY A 387 -4.25 20.09 41.05
CA GLY A 387 -5.55 20.02 40.37
C GLY A 387 -5.84 18.66 39.78
N LEU A 388 -7.14 18.33 39.72
CA LEU A 388 -7.65 17.07 39.14
C LEU A 388 -7.11 16.93 37.72
N VAL A 389 -6.63 15.75 37.39
CA VAL A 389 -6.30 15.38 35.98
C VAL A 389 -7.55 14.78 35.39
N SER A 390 -7.65 14.94 34.08
CA SER A 390 -8.73 14.44 33.20
C SER A 390 -8.14 13.39 32.27
N TRP A 391 -9.01 12.66 31.55
CA TRP A 391 -8.59 11.58 30.62
C TRP A 391 -7.94 12.14 29.33
N SER A 392 -7.95 13.44 29.04
CA SER A 392 -7.58 13.99 27.70
C SER A 392 -6.76 15.26 27.81
N GLY A 393 -7.16 16.17 28.71
CA GLY A 393 -6.50 17.47 28.95
C GLY A 393 -7.24 18.59 28.25
N THR A 394 -8.32 18.26 27.54
CA THR A 394 -9.17 19.24 26.82
C THR A 394 -9.79 20.18 27.83
N MET A 395 -9.58 21.48 27.67
CA MET A 395 -10.31 22.53 28.42
C MET A 395 -11.78 22.10 28.58
N PHE A 396 -12.46 21.75 27.50
CA PHE A 396 -13.89 21.33 27.52
C PHE A 396 -14.14 20.33 28.67
N GLU A 397 -13.30 19.31 28.85
CA GLU A 397 -13.41 18.26 29.94
C GLU A 397 -13.65 18.92 31.31
N TYR A 398 -12.99 20.05 31.53
CA TYR A 398 -13.00 20.84 32.77
C TYR A 398 -14.16 21.84 32.76
N PHE A 399 -14.50 22.52 31.66
CA PHE A 399 -15.30 23.77 31.67
C PHE A 399 -16.70 23.62 31.06
N MET A 400 -16.96 22.58 30.27
CA MET A 400 -18.28 22.37 29.62
C MET A 400 -19.39 22.32 30.68
N PRO A 401 -19.16 21.60 31.80
CA PRO A 401 -20.06 21.72 32.95
C PRO A 401 -20.33 23.16 33.37
N LEU A 402 -19.30 23.99 33.50
CA LEU A 402 -19.38 25.34 34.16
C LEU A 402 -20.32 26.28 33.41
N LEU A 403 -20.87 25.85 32.29
CA LEU A 403 -22.00 26.54 31.61
C LEU A 403 -23.18 26.62 32.57
N VAL A 404 -23.52 25.53 33.24
CA VAL A 404 -24.73 25.43 34.13
C VAL A 404 -24.29 25.04 35.55
N MET A 405 -23.48 23.99 35.71
CA MET A 405 -22.90 23.56 37.01
C MET A 405 -22.17 24.76 37.61
N ARG A 406 -22.39 25.04 38.90
CA ARG A 406 -21.75 26.19 39.57
C ARG A 406 -20.33 25.82 40.00
N ASN A 407 -19.63 26.86 40.41
CA ASN A 407 -18.37 26.69 41.15
C ASN A 407 -18.50 27.45 42.45
N TYR A 408 -18.16 26.79 43.56
CA TYR A 408 -17.97 27.38 44.91
C TYR A 408 -16.47 27.51 45.16
N GLN A 409 -16.04 28.62 45.78
CA GLN A 409 -14.60 28.93 45.99
C GLN A 409 -13.94 27.90 46.92
N ASN A 410 -12.64 27.66 46.74
CA ASN A 410 -11.77 26.81 47.60
C ASN A 410 -12.15 25.35 47.48
N THR A 411 -13.23 25.05 46.76
CA THR A 411 -13.70 23.67 46.55
C THR A 411 -12.67 22.92 45.70
N LEU A 412 -12.73 21.59 45.73
CA LEU A 412 -11.84 20.72 44.93
C LEU A 412 -11.86 21.23 43.50
N LEU A 413 -13.05 21.20 42.89
CA LEU A 413 -13.29 21.69 41.52
C LEU A 413 -12.55 23.02 41.34
N ASP A 414 -12.79 24.01 42.22
CA ASP A 414 -12.26 25.39 42.05
C ASP A 414 -10.75 25.32 41.83
N GLU A 415 -10.00 24.83 42.82
CA GLU A 415 -8.53 24.65 42.72
C GLU A 415 -8.22 24.18 41.29
N THR A 416 -8.91 23.11 40.87
CA THR A 416 -8.72 22.43 39.57
C THR A 416 -9.03 23.42 38.43
N TYR A 417 -10.21 24.03 38.40
CA TYR A 417 -10.64 24.94 37.31
C TYR A 417 -9.52 25.96 37.05
N ALA A 418 -8.83 26.46 38.08
CA ALA A 418 -7.68 27.38 37.95
C ALA A 418 -6.45 26.65 37.44
N PHE A 419 -5.99 25.64 38.18
CA PHE A 419 -4.92 24.70 37.78
C PHE A 419 -4.92 24.51 36.27
N ALA A 420 -6.06 24.11 35.69
CA ALA A 420 -6.22 23.83 34.24
C ALA A 420 -5.75 25.03 33.42
N VAL A 421 -6.39 26.19 33.61
CA VAL A 421 -6.07 27.48 32.92
C VAL A 421 -4.55 27.71 32.98
N ARG A 422 -3.93 27.62 34.17
CA ARG A 422 -2.47 27.87 34.32
C ARG A 422 -1.72 26.92 33.38
N VAL A 423 -1.76 25.60 33.61
CA VAL A 423 -0.97 24.57 32.85
C VAL A 423 -1.18 24.82 31.34
N GLN A 424 -2.45 24.91 30.93
CA GLN A 424 -2.89 25.15 29.52
C GLN A 424 -2.24 26.40 28.93
N LYS A 425 -2.04 27.44 29.74
CA LYS A 425 -1.47 28.75 29.32
C LYS A 425 0.04 28.65 29.28
N ASN A 426 0.64 27.85 30.17
CA ASN A 426 2.10 27.58 30.20
C ASN A 426 2.45 26.79 28.95
N TYR A 427 1.90 25.59 28.84
CA TYR A 427 2.07 24.70 27.67
C TYR A 427 2.09 25.55 26.41
N ALA A 428 1.09 26.42 26.28
CA ALA A 428 0.83 27.26 25.09
C ALA A 428 1.85 28.40 24.98
N LYS A 429 2.24 29.06 26.07
CA LYS A 429 3.25 30.14 25.97
C LYS A 429 4.60 29.51 25.61
N GLU A 430 4.93 28.36 26.18
CA GLU A 430 6.13 27.54 25.88
C GLU A 430 6.12 26.96 24.45
N LEU A 431 5.04 27.06 23.65
CA LEU A 431 4.95 26.69 22.21
C LEU A 431 4.72 27.94 21.36
N GLY A 432 4.45 29.11 22.00
CA GLY A 432 4.24 30.39 21.32
C GLY A 432 2.96 30.44 20.51
N ILE A 433 2.00 29.57 20.83
CA ILE A 433 0.63 29.52 20.22
C ILE A 433 -0.36 30.04 21.26
N PRO A 434 -1.49 30.64 20.86
CA PRO A 434 -2.49 31.07 21.85
C PRO A 434 -3.00 29.83 22.61
N TRP A 435 -3.42 29.99 23.87
CA TRP A 435 -3.72 28.86 24.79
C TRP A 435 -5.12 28.30 24.55
N GLY A 436 -5.39 27.14 25.13
CA GLY A 436 -6.74 26.56 25.11
C GLY A 436 -6.83 25.41 24.14
N ILE A 437 -5.84 24.53 24.19
CA ILE A 437 -5.77 23.31 23.34
C ILE A 437 -6.89 22.40 23.84
N SER A 438 -7.82 22.06 22.97
CA SER A 438 -9.00 21.24 23.34
C SER A 438 -9.51 20.53 22.08
N GLU A 439 -10.42 19.58 22.29
CA GLU A 439 -11.01 18.71 21.25
C GLU A 439 -11.64 19.62 20.21
N SER A 440 -11.07 19.65 19.00
CA SER A 440 -11.40 20.58 17.90
C SER A 440 -11.11 19.92 16.55
N GLY A 441 -11.56 20.54 15.47
CA GLY A 441 -11.16 20.16 14.10
C GLY A 441 -9.72 20.56 13.86
N PHE A 442 -9.11 20.03 12.80
CA PHE A 442 -7.72 20.37 12.38
C PHE A 442 -7.56 20.19 10.87
N TYR A 443 -6.46 20.67 10.33
CA TYR A 443 -6.24 20.80 8.86
C TYR A 443 -5.84 19.44 8.31
N ALA A 444 -6.77 18.50 8.35
CA ALA A 444 -6.78 17.30 7.49
C ALA A 444 -8.23 16.89 7.26
N PHE A 445 -8.47 16.07 6.23
CA PHE A 445 -9.78 15.93 5.55
C PHE A 445 -10.03 14.48 5.14
N ASP A 446 -11.31 14.09 5.15
CA ASP A 446 -11.78 12.77 4.65
C ASP A 446 -11.92 12.84 3.13
N MET A 447 -12.23 11.70 2.51
CA MET A 447 -12.30 11.57 1.04
C MET A 447 -13.18 12.68 0.45
N ASN A 448 -14.09 13.28 1.24
CA ASN A 448 -15.08 14.26 0.74
C ASN A 448 -14.66 15.69 1.13
N LEU A 449 -13.45 15.85 1.67
CA LEU A 449 -12.84 17.16 1.97
C LEU A 449 -13.58 17.82 3.14
N ASN A 450 -13.83 17.07 4.20
CA ASN A 450 -14.38 17.59 5.48
C ASN A 450 -13.28 17.57 6.53
N TYR A 451 -13.02 18.70 7.18
CA TYR A 451 -12.09 18.80 8.34
C TYR A 451 -12.36 17.63 9.30
N GLN A 452 -11.32 16.88 9.68
CA GLN A 452 -11.33 15.87 10.78
C GLN A 452 -11.42 16.59 12.13
N TYR A 453 -11.84 15.88 13.19
CA TYR A 453 -12.15 16.46 14.53
C TYR A 453 -11.74 15.45 15.60
N LYS A 454 -10.81 15.83 16.49
CA LYS A 454 -10.04 14.92 17.38
C LYS A 454 -9.82 15.57 18.75
N ALA A 455 -9.40 14.76 19.72
CA ALA A 455 -9.20 15.19 21.11
C ALA A 455 -7.78 15.74 21.27
N PHE A 456 -7.64 17.06 21.42
CA PHE A 456 -6.33 17.72 21.62
C PHE A 456 -6.28 18.29 23.03
N GLY A 457 -5.68 17.56 23.97
CA GLY A 457 -5.47 18.02 25.34
C GLY A 457 -4.11 18.66 25.49
N VAL A 458 -3.75 18.97 26.72
CA VAL A 458 -2.33 19.16 27.15
C VAL A 458 -1.95 17.89 27.90
N PRO A 459 -0.83 17.21 27.58
CA PRO A 459 -0.60 15.84 28.03
C PRO A 459 -0.39 15.72 29.56
N SER A 460 -0.06 16.83 30.23
CA SER A 460 0.07 16.91 31.71
C SER A 460 -1.30 16.62 32.35
N LEU A 461 -2.29 17.47 32.03
CA LEU A 461 -3.71 17.35 32.49
C LEU A 461 -4.34 16.10 31.85
N GLY A 462 -3.59 15.50 30.92
CA GLY A 462 -3.97 14.34 30.13
C GLY A 462 -3.44 13.07 30.75
N LEU A 463 -4.10 12.63 31.81
CA LEU A 463 -4.01 11.23 32.30
C LEU A 463 -4.33 10.35 31.08
N LYS A 464 -3.29 9.78 30.47
CA LYS A 464 -3.33 8.89 29.28
C LYS A 464 -3.34 9.76 28.01
N ARG A 465 -2.16 9.88 27.39
CA ARG A 465 -1.89 10.86 26.30
C ARG A 465 -0.66 10.41 25.49
N GLY A 466 -0.77 10.61 24.16
CA GLY A 466 0.28 10.34 23.17
C GLY A 466 1.22 11.51 22.91
N LEU A 467 1.17 12.61 23.72
CA LEU A 467 1.98 13.89 23.64
C LEU A 467 1.88 14.50 22.21
N SER A 468 2.88 14.25 21.35
CA SER A 468 2.94 14.61 19.90
C SER A 468 3.08 16.12 19.77
N HIS A 469 3.17 16.67 18.54
CA HIS A 469 3.21 18.14 18.34
C HIS A 469 1.78 18.67 18.28
N ASP A 470 0.86 17.92 17.63
CA ASP A 470 -0.59 18.23 17.62
C ASP A 470 -0.82 19.57 18.31
N LYS A 471 -0.44 20.67 17.66
CA LYS A 471 -0.62 22.05 18.19
C LYS A 471 -1.89 22.64 17.58
N VAL A 472 -3.03 22.14 18.04
CA VAL A 472 -4.37 22.57 17.57
C VAL A 472 -5.04 23.36 18.69
N VAL A 473 -4.95 24.68 18.58
CA VAL A 473 -5.63 25.61 19.52
C VAL A 473 -7.02 25.88 18.97
N ALA A 474 -8.03 25.48 19.73
CA ALA A 474 -9.44 25.86 19.47
C ALA A 474 -9.84 27.01 20.38
N PRO A 475 -10.37 28.13 19.83
CA PRO A 475 -10.80 29.24 20.67
C PRO A 475 -11.87 28.80 21.67
N TYR A 476 -12.76 27.89 21.27
CA TYR A 476 -13.95 27.57 22.09
C TYR A 476 -13.48 27.29 23.51
N GLY A 477 -12.40 26.50 23.66
CA GLY A 477 -11.83 26.08 24.95
C GLY A 477 -11.31 27.25 25.76
N SER A 478 -10.61 28.21 25.12
CA SER A 478 -10.10 29.46 25.73
C SER A 478 -11.26 30.21 26.38
N LEU A 479 -12.32 30.47 25.61
CA LEU A 479 -13.51 31.24 26.03
C LEU A 479 -14.30 30.49 27.09
N LEU A 480 -14.35 29.16 27.02
CA LEU A 480 -15.11 28.35 27.99
C LEU A 480 -14.62 28.61 29.43
N ALA A 481 -13.51 29.35 29.58
CA ALA A 481 -12.89 29.69 30.88
C ALA A 481 -12.90 31.20 31.12
N ILE A 482 -13.61 31.99 30.30
CA ILE A 482 -13.68 33.48 30.53
C ILE A 482 -13.81 33.68 32.05
N GLY A 483 -14.77 32.99 32.67
CA GLY A 483 -15.01 33.02 34.12
C GLY A 483 -13.71 33.25 34.86
N VAL A 484 -12.73 32.37 34.64
CA VAL A 484 -11.48 32.32 35.46
C VAL A 484 -10.54 33.47 35.06
N ASP A 485 -9.76 33.31 33.99
CA ASP A 485 -8.68 34.28 33.65
C ASP A 485 -9.21 35.18 32.54
N VAL A 486 -10.21 36.01 32.83
CA VAL A 486 -10.85 36.90 31.82
C VAL A 486 -9.74 37.65 31.09
N GLU A 487 -8.82 38.25 31.85
CA GLU A 487 -7.62 38.91 31.30
C GLU A 487 -7.04 38.01 30.20
N GLY A 488 -6.51 36.84 30.57
CA GLY A 488 -5.91 35.84 29.66
C GLY A 488 -6.75 35.62 28.41
N VAL A 489 -8.02 35.28 28.57
CA VAL A 489 -8.96 34.97 27.46
C VAL A 489 -8.99 36.18 26.53
N LEU A 490 -9.13 37.39 27.09
CA LEU A 490 -9.14 38.63 26.27
C LEU A 490 -7.87 38.64 25.39
N GLN A 491 -6.68 38.47 25.98
CA GLN A 491 -5.41 38.45 25.21
C GLN A 491 -5.57 37.48 24.06
N ASN A 492 -5.83 36.21 24.38
CA ASN A 492 -6.07 35.13 23.38
C ASN A 492 -6.96 35.66 22.25
N ILE A 493 -8.06 36.35 22.58
CA ILE A 493 -9.05 36.84 21.57
C ILE A 493 -8.36 37.80 20.61
N ARG A 494 -7.63 38.80 21.13
CA ARG A 494 -6.83 39.70 20.26
C ARG A 494 -5.90 38.84 19.41
N PHE A 495 -5.08 38.00 20.05
CA PHE A 495 -4.11 37.04 19.42
C PHE A 495 -4.79 36.16 18.37
N PHE A 496 -6.04 35.74 18.60
CA PHE A 496 -6.87 34.98 17.62
C PHE A 496 -7.21 35.89 16.43
N LYS A 497 -7.61 37.15 16.67
CA LYS A 497 -7.93 38.14 15.59
C LYS A 497 -6.68 38.35 14.73
N LYS A 498 -5.52 38.61 15.34
CA LYS A 498 -4.22 38.82 14.64
C LYS A 498 -3.88 37.58 13.80
N GLU A 499 -4.05 36.38 14.35
CA GLU A 499 -3.83 35.08 13.62
C GLU A 499 -5.03 34.80 12.70
N GLY A 500 -6.05 35.68 12.68
CA GLY A 500 -7.11 35.73 11.65
C GLY A 500 -8.27 34.79 11.92
N ALA A 501 -8.46 34.32 13.16
CA ALA A 501 -9.51 33.34 13.52
C ALA A 501 -10.89 34.01 13.52
N GLU A 502 -10.94 35.35 13.53
CA GLU A 502 -12.19 36.12 13.46
C GLU A 502 -12.86 35.83 12.12
N GLY A 503 -14.18 35.56 12.13
CA GLY A 503 -15.00 35.29 10.94
C GLY A 503 -16.43 35.77 11.10
N LYS A 504 -17.30 35.39 10.15
CA LYS A 504 -18.72 35.83 10.08
C LYS A 504 -19.45 35.43 11.36
N TYR A 505 -19.27 34.17 11.77
CA TYR A 505 -20.00 33.53 12.89
C TYR A 505 -19.11 33.47 14.14
N GLY A 506 -18.20 34.44 14.32
CA GLY A 506 -17.37 34.57 15.53
C GLY A 506 -15.96 34.07 15.28
N PHE A 507 -15.48 33.13 16.08
CA PHE A 507 -14.13 32.53 15.97
C PHE A 507 -14.21 31.19 15.22
N TYR A 508 -13.33 30.97 14.25
CA TYR A 508 -13.27 29.71 13.46
C TYR A 508 -13.07 28.55 14.42
N GLU A 509 -13.50 27.35 14.05
CA GLU A 509 -13.41 26.14 14.91
C GLU A 509 -12.10 26.17 15.69
N ALA A 510 -10.97 26.14 14.95
CA ALA A 510 -9.60 26.02 15.51
C ALA A 510 -8.54 26.59 14.56
N ILE A 511 -7.35 26.81 15.09
CA ILE A 511 -6.09 27.08 14.32
C ILE A 511 -5.16 25.89 14.49
N ASP A 512 -4.72 25.35 13.37
CA ASP A 512 -3.79 24.20 13.30
C ASP A 512 -2.39 24.74 13.02
N TYR A 513 -1.51 24.68 14.01
CA TYR A 513 -0.10 25.12 13.90
C TYR A 513 0.78 23.90 13.61
N THR A 514 0.18 22.70 13.54
CA THR A 514 0.90 21.40 13.48
C THR A 514 1.82 21.37 12.27
N PRO A 515 3.14 21.13 12.47
CA PRO A 515 4.10 21.15 11.36
C PRO A 515 3.61 20.28 10.21
N GLU A 516 3.40 18.98 10.50
CA GLU A 516 3.06 17.89 9.53
C GLU A 516 1.96 18.34 8.58
N ARG A 517 0.97 19.09 9.09
CA ARG A 517 -0.32 19.34 8.41
C ARG A 517 -0.39 20.76 7.85
N VAL A 518 0.41 21.69 8.37
CA VAL A 518 0.44 23.08 7.84
C VAL A 518 0.97 23.03 6.41
N PRO A 519 0.30 23.72 5.46
CA PRO A 519 0.82 23.89 4.10
C PRO A 519 2.21 24.55 4.18
N PHE A 520 3.17 23.98 3.45
CA PHE A 520 4.56 24.47 3.33
C PHE A 520 4.54 25.98 3.09
N GLY A 521 5.49 26.70 3.71
CA GLY A 521 5.71 28.14 3.46
C GLY A 521 4.56 28.95 4.00
N LYS A 522 4.05 28.51 5.13
CA LYS A 522 2.91 29.09 5.87
C LYS A 522 3.08 28.51 7.28
N LYS A 523 2.66 29.25 8.31
CA LYS A 523 2.54 28.76 9.70
C LYS A 523 1.07 28.95 10.03
N SER A 524 0.47 27.98 10.68
CA SER A 524 -0.99 28.02 10.99
C SER A 524 -1.79 27.74 9.71
N ALA A 525 -2.68 26.74 9.79
CA ALA A 525 -3.76 26.48 8.83
C ALA A 525 -5.09 26.66 9.56
N ILE A 526 -5.73 27.83 9.43
CA ILE A 526 -7.03 28.06 10.12
C ILE A 526 -8.04 27.07 9.56
N VAL A 527 -8.68 26.35 10.46
CA VAL A 527 -9.79 25.41 10.17
C VAL A 527 -11.01 26.27 9.92
N LYS A 528 -11.21 26.69 8.67
CA LYS A 528 -12.30 27.59 8.24
C LYS A 528 -13.62 26.82 8.36
N SER A 529 -14.12 26.75 9.59
CA SER A 529 -15.28 25.94 10.01
C SER A 529 -15.99 26.65 11.17
N PHE A 530 -17.28 26.38 11.37
CA PHE A 530 -18.04 26.77 12.58
C PHE A 530 -18.87 25.58 13.04
N MET A 531 -18.59 25.10 14.25
CA MET A 531 -19.24 23.90 14.81
C MET A 531 -20.29 24.35 15.84
N ALA A 532 -21.54 23.94 15.65
CA ALA A 532 -22.75 24.38 16.39
C ALA A 532 -22.53 24.22 17.90
N HIS A 533 -22.05 23.06 18.33
CA HIS A 533 -21.83 22.73 19.76
C HIS A 533 -20.84 23.74 20.36
N HIS A 534 -19.67 23.90 19.73
CA HIS A 534 -18.62 24.84 20.19
C HIS A 534 -19.19 26.26 20.16
N GLN A 535 -19.86 26.63 19.07
CA GLN A 535 -20.49 27.96 18.88
C GLN A 535 -21.35 28.24 20.11
N GLY A 536 -22.22 27.30 20.48
CA GLY A 536 -23.07 27.35 21.69
C GLY A 536 -22.27 27.66 22.94
N MET A 537 -21.30 26.80 23.28
CA MET A 537 -20.39 26.94 24.45
C MET A 537 -19.90 28.39 24.52
N VAL A 538 -19.29 28.87 23.43
CA VAL A 538 -18.75 30.26 23.34
C VAL A 538 -19.87 31.22 23.73
N PHE A 539 -21.03 31.12 23.07
CA PHE A 539 -22.16 32.06 23.22
C PHE A 539 -22.57 32.11 24.69
N VAL A 540 -22.94 30.93 25.20
CA VAL A 540 -23.41 30.73 26.60
C VAL A 540 -22.33 31.30 27.53
N ALA A 541 -21.11 30.77 27.44
CA ALA A 541 -19.96 31.16 28.27
C ALA A 541 -19.83 32.68 28.31
N LEU A 542 -19.99 33.35 27.16
CA LEU A 542 -19.95 34.82 27.05
C LEU A 542 -21.10 35.39 27.91
N ASP A 543 -22.35 35.04 27.58
CA ASP A 543 -23.54 35.42 28.38
C ASP A 543 -23.18 35.25 29.87
N ASN A 544 -22.84 34.03 30.29
CA ASN A 544 -22.43 33.70 31.68
C ASN A 544 -21.51 34.79 32.20
N PHE A 545 -20.42 35.06 31.50
CA PHE A 545 -19.44 36.10 31.92
C PHE A 545 -20.13 37.46 32.08
N ILE A 546 -20.95 37.86 31.09
CA ILE A 546 -21.56 39.21 30.98
C ILE A 546 -22.61 39.39 32.09
N ASN A 547 -23.51 38.42 32.30
CA ASN A 547 -24.64 38.51 33.26
C ASN A 547 -24.38 37.63 34.49
N ASN A 548 -23.22 37.78 35.14
CA ASN A 548 -22.79 37.03 36.35
C ASN A 548 -23.39 35.62 36.35
N ASN A 549 -22.68 34.67 35.73
CA ASN A 549 -23.01 33.22 35.66
C ASN A 549 -24.54 33.02 35.77
N VAL A 550 -25.34 33.75 34.99
CA VAL A 550 -26.83 33.66 34.98
C VAL A 550 -27.25 32.20 34.82
N MET A 551 -26.93 31.59 33.67
CA MET A 551 -27.39 30.24 33.26
C MET A 551 -27.14 29.27 34.43
N GLN A 552 -26.01 29.45 35.13
CA GLN A 552 -25.63 28.66 36.33
C GLN A 552 -26.72 28.78 37.40
N LYS A 553 -27.03 30.02 37.77
CA LYS A 553 -27.97 30.35 38.87
C LYS A 553 -29.36 29.82 38.50
N ARG A 554 -29.69 29.76 37.20
CA ARG A 554 -30.96 29.22 36.67
C ARG A 554 -31.00 27.69 36.84
N PHE A 555 -29.93 27.00 36.49
CA PHE A 555 -29.80 25.53 36.61
C PHE A 555 -30.01 25.15 38.08
N HIS A 556 -29.46 25.97 38.99
CA HIS A 556 -29.49 25.75 40.46
C HIS A 556 -30.79 26.29 41.07
N LYS A 557 -31.57 27.07 40.31
CA LYS A 557 -32.99 27.38 40.66
C LYS A 557 -33.78 26.06 40.67
N ASP A 558 -33.35 25.02 39.94
CA ASP A 558 -34.07 23.72 40.01
C ASP A 558 -33.85 23.13 41.39
N PRO A 559 -34.92 22.66 42.05
CA PRO A 559 -34.83 22.02 43.36
C PRO A 559 -33.90 20.81 43.42
N ARG A 560 -34.12 19.82 42.56
CA ARG A 560 -33.35 18.54 42.50
C ARG A 560 -31.85 18.88 42.43
N ILE A 561 -31.52 19.96 41.70
CA ILE A 561 -30.14 20.48 41.52
C ILE A 561 -29.67 21.13 42.82
N LYS A 562 -30.50 21.98 43.40
CA LYS A 562 -30.19 22.65 44.69
C LYS A 562 -30.00 21.59 45.78
N ALA A 563 -30.74 20.48 45.69
CA ALA A 563 -30.63 19.28 46.57
C ALA A 563 -29.18 18.82 46.64
N ALA A 564 -28.48 18.79 45.50
CA ALA A 564 -27.14 18.21 45.35
C ALA A 564 -26.05 19.29 45.37
N GLN A 565 -26.41 20.58 45.33
CA GLN A 565 -25.47 21.69 45.02
C GLN A 565 -24.27 21.62 46.00
N ILE A 566 -24.46 20.97 47.15
CA ILE A 566 -23.42 20.83 48.20
C ILE A 566 -22.26 19.98 47.66
N LEU A 567 -22.52 19.06 46.74
CA LEU A 567 -21.46 18.18 46.15
C LEU A 567 -20.33 18.99 45.51
N LEU A 568 -20.62 20.19 44.99
CA LEU A 568 -19.61 21.03 44.29
C LEU A 568 -18.73 21.71 45.33
N GLN A 569 -19.23 21.78 46.57
CA GLN A 569 -18.61 22.48 47.74
C GLN A 569 -17.67 21.53 48.48
N GLU A 570 -17.47 20.33 47.95
CA GLU A 570 -16.35 19.42 48.33
C GLU A 570 -15.06 20.24 48.41
N LYS A 571 -14.37 20.26 49.56
CA LYS A 571 -13.08 21.01 49.72
C LYS A 571 -11.91 20.05 49.52
N MET A 572 -10.77 20.59 49.07
CA MET A 572 -9.58 19.81 48.66
C MET A 572 -8.82 19.41 49.90
N PRO A 573 -8.59 18.11 50.19
CA PRO A 573 -8.06 17.70 51.50
C PRO A 573 -6.68 18.29 51.81
N MET A 574 -6.40 18.57 53.10
CA MET A 574 -5.15 19.25 53.54
C MET A 574 -4.06 18.19 53.78
N TYR A 575 -4.43 16.95 54.07
CA TYR A 575 -3.47 15.84 54.28
C TYR A 575 -3.79 14.72 53.28
N LEU A 576 -2.78 13.93 52.89
CA LEU A 576 -2.96 12.81 51.93
C LEU A 576 -1.90 11.73 52.11
N ASP A 577 -2.28 10.48 52.41
CA ASP A 577 -1.37 9.32 52.55
C ASP A 577 -0.57 9.10 51.25
N ILE A 578 0.62 8.46 51.35
CA ILE A 578 1.57 8.23 50.20
C ILE A 578 2.09 6.79 50.16
N THR A 579 1.97 6.02 51.24
CA THR A 579 2.45 4.61 51.33
C THR A 579 1.66 3.74 50.33
N ARG A 580 2.03 2.44 50.22
CA ARG A 580 1.26 1.40 49.48
C ARG A 580 1.43 0.01 50.14
N GLU A 581 1.10 -1.08 49.43
CA GLU A 581 1.14 -2.48 49.94
C GLU A 581 1.35 -3.45 48.77
N THR B 8 35.80 -5.57 7.55
CA THR B 8 36.08 -6.62 8.57
C THR B 8 36.36 -5.96 9.92
N VAL B 9 36.43 -6.80 10.93
CA VAL B 9 36.79 -6.48 12.34
C VAL B 9 38.27 -6.77 12.56
N SER B 10 38.97 -5.89 13.28
CA SER B 10 40.40 -6.05 13.68
C SER B 10 40.55 -7.16 14.72
N GLN B 11 41.65 -7.92 14.63
CA GLN B 11 42.05 -8.95 15.63
C GLN B 11 41.79 -8.38 17.04
N GLU B 12 42.35 -7.19 17.30
CA GLU B 12 42.16 -6.47 18.58
C GLU B 12 40.65 -6.41 18.88
N GLU B 13 39.86 -5.85 17.95
CA GLU B 13 38.38 -5.69 18.08
C GLU B 13 37.81 -7.04 18.53
N MET B 14 37.94 -8.06 17.69
CA MET B 14 37.40 -9.43 17.94
C MET B 14 37.71 -9.85 19.38
N GLU B 15 38.99 -9.81 19.77
CA GLU B 15 39.44 -10.27 21.11
C GLU B 15 38.53 -9.70 22.19
N GLU B 16 38.20 -8.41 22.04
CA GLU B 16 37.27 -7.66 22.91
C GLU B 16 35.89 -8.35 22.86
N LEU B 17 35.33 -8.52 21.66
CA LEU B 17 34.00 -9.16 21.44
C LEU B 17 33.99 -10.54 22.12
N ARG B 18 35.07 -11.30 21.93
CA ARG B 18 35.25 -12.65 22.53
C ARG B 18 35.20 -12.54 24.05
N LEU B 19 36.00 -11.64 24.64
CA LEU B 19 36.02 -11.39 26.10
C LEU B 19 34.61 -11.14 26.62
N VAL B 20 33.87 -10.27 25.92
CA VAL B 20 32.49 -9.87 26.30
C VAL B 20 31.61 -11.11 26.27
N ALA B 21 31.74 -11.91 25.22
CA ALA B 21 31.07 -13.22 25.09
C ALA B 21 31.37 -14.06 26.33
N ARG B 22 32.65 -14.19 26.67
CA ARG B 22 33.13 -14.98 27.86
C ARG B 22 32.46 -14.44 29.12
N LYS B 23 32.63 -13.16 29.41
CA LYS B 23 32.00 -12.50 30.58
C LYS B 23 30.50 -12.81 30.54
N THR B 24 29.85 -12.67 29.38
CA THR B 24 28.38 -12.89 29.22
C THR B 24 28.06 -14.36 29.54
N TRP B 25 28.81 -15.31 29.00
CA TRP B 25 28.63 -16.76 29.27
C TRP B 25 28.69 -17.00 30.77
N ARG B 26 29.60 -16.29 31.44
CA ARG B 26 29.83 -16.45 32.88
C ARG B 26 28.49 -16.46 33.60
N TYR B 27 27.56 -15.56 33.23
CA TYR B 27 26.23 -15.47 33.88
C TYR B 27 25.75 -16.90 34.14
N PHE B 28 25.70 -17.71 33.08
CA PHE B 28 25.11 -19.06 33.10
C PHE B 28 26.01 -20.01 33.90
N GLU B 29 27.32 -20.00 33.61
CA GLU B 29 28.33 -20.72 34.43
C GLU B 29 27.91 -20.60 35.89
N ASP B 30 27.73 -19.36 36.34
CA ASP B 30 27.75 -18.92 37.75
C ASP B 30 26.38 -19.16 38.37
N PHE B 31 25.26 -18.89 37.67
CA PHE B 31 23.92 -18.87 38.31
C PHE B 31 23.06 -20.09 37.96
N VAL B 32 23.48 -20.88 36.97
CA VAL B 32 22.77 -22.15 36.64
C VAL B 32 23.40 -23.21 37.53
N THR B 33 22.73 -23.51 38.64
CA THR B 33 23.17 -24.42 39.73
C THR B 33 22.25 -25.63 39.78
N GLU B 34 22.75 -26.72 40.36
CA GLU B 34 21.92 -27.86 40.83
C GLU B 34 20.69 -27.29 41.54
N GLY B 35 20.88 -26.30 42.42
CA GLY B 35 19.83 -25.68 43.24
C GLY B 35 18.68 -25.11 42.41
N GLN B 36 19.01 -24.48 41.27
CA GLN B 36 18.01 -23.89 40.35
C GLN B 36 17.50 -24.97 39.37
N ASN B 37 17.68 -26.25 39.74
CA ASN B 37 17.31 -27.43 38.92
C ASN B 37 17.89 -27.28 37.51
N TYR B 38 19.08 -26.68 37.40
CA TYR B 38 19.85 -26.50 36.14
C TYR B 38 19.11 -25.59 35.14
N LEU B 39 18.26 -24.70 35.66
CA LEU B 39 17.61 -23.62 34.88
C LEU B 39 18.32 -22.31 35.16
N PRO B 40 18.33 -21.36 34.22
CA PRO B 40 18.84 -20.02 34.48
C PRO B 40 17.76 -19.19 35.15
N PRO B 41 18.10 -18.53 36.27
CA PRO B 41 17.18 -17.60 36.92
C PRO B 41 17.04 -16.26 36.17
N ASP B 42 15.84 -15.67 36.15
CA ASP B 42 15.51 -14.50 35.28
C ASP B 42 16.70 -13.55 35.28
N ASN B 43 17.18 -13.15 36.46
CA ASN B 43 18.18 -12.05 36.54
C ASN B 43 18.99 -12.14 37.83
N PHE B 44 20.12 -11.42 37.85
CA PHE B 44 20.89 -11.11 39.06
C PHE B 44 21.11 -9.59 39.14
N GLN B 45 20.65 -8.98 40.22
CA GLN B 45 20.72 -7.52 40.50
C GLN B 45 21.93 -7.25 41.39
N GLU B 46 22.83 -6.37 40.95
CA GLU B 46 24.08 -6.05 41.66
C GLU B 46 23.82 -4.93 42.67
N ASP B 47 23.65 -3.68 42.20
CA ASP B 47 23.83 -2.44 43.00
C ASP B 47 22.83 -2.48 44.15
N PRO B 48 21.51 -2.42 43.88
CA PRO B 48 20.56 -2.90 44.87
C PRO B 48 20.83 -4.41 44.89
N PRO B 49 21.41 -4.97 45.98
CA PRO B 49 22.00 -6.30 45.94
C PRO B 49 20.99 -7.42 46.19
N ASN B 50 19.75 -7.26 45.73
CA ASN B 50 18.63 -8.20 46.00
C ASN B 50 19.00 -9.58 45.46
N GLY B 51 20.12 -9.66 44.72
CA GLY B 51 20.78 -10.94 44.40
C GLY B 51 20.18 -11.58 43.17
N VAL B 52 19.86 -12.87 43.27
CA VAL B 52 19.39 -13.69 42.12
C VAL B 52 17.89 -13.95 42.33
N ALA B 53 17.10 -13.77 41.28
CA ALA B 53 15.67 -14.13 41.25
C ALA B 53 15.56 -15.64 41.08
N GLU B 54 14.58 -16.28 41.70
CA GLU B 54 14.46 -17.77 41.72
C GLU B 54 13.38 -18.19 40.71
N ARG B 55 13.09 -17.35 39.72
CA ARG B 55 12.07 -17.62 38.69
C ARG B 55 12.78 -17.75 37.34
N THR B 56 12.16 -18.42 36.35
CA THR B 56 12.68 -18.54 34.98
C THR B 56 11.52 -18.75 33.99
N SER B 57 11.68 -18.27 32.77
CA SER B 57 10.68 -18.34 31.66
C SER B 57 11.14 -19.38 30.64
N PRO B 58 10.21 -19.99 29.89
CA PRO B 58 10.56 -20.87 28.78
C PRO B 58 11.73 -20.31 27.96
N THR B 59 11.63 -19.03 27.61
CA THR B 59 12.63 -18.27 26.80
C THR B 59 14.00 -18.35 27.46
N ASN B 60 14.09 -17.92 28.72
CA ASN B 60 15.32 -17.98 29.53
C ASN B 60 15.96 -19.34 29.26
N ILE B 61 15.19 -20.39 29.50
CA ILE B 61 15.64 -21.82 29.49
C ILE B 61 16.22 -22.14 28.11
N GLY B 62 15.44 -21.87 27.07
CA GLY B 62 15.84 -22.07 25.66
C GLY B 62 17.17 -21.39 25.38
N LEU B 63 17.25 -20.11 25.72
CA LEU B 63 18.45 -19.29 25.45
C LEU B 63 19.67 -19.87 26.18
N TYR B 64 19.50 -20.40 27.39
CA TYR B 64 20.61 -21.08 28.11
C TYR B 64 21.08 -22.29 27.29
N LEU B 65 20.14 -23.15 26.87
CA LEU B 65 20.42 -24.40 26.12
C LEU B 65 21.24 -24.09 24.86
N VAL B 66 20.77 -23.15 24.04
CA VAL B 66 21.47 -22.72 22.80
C VAL B 66 22.78 -22.02 23.18
N SER B 67 22.82 -21.32 24.32
CA SER B 67 24.06 -20.69 24.85
C SER B 67 25.09 -21.78 25.15
N VAL B 68 24.67 -22.84 25.82
CA VAL B 68 25.55 -24.00 26.14
C VAL B 68 26.27 -24.41 24.85
N ILE B 69 25.50 -24.71 23.81
CA ILE B 69 26.04 -25.05 22.47
C ILE B 69 27.06 -23.96 22.10
N GLY B 70 26.61 -22.70 22.15
CA GLY B 70 27.41 -21.51 21.82
C GLY B 70 28.71 -21.50 22.61
N ALA B 71 28.65 -21.89 23.88
CA ALA B 71 29.84 -21.99 24.75
C ALA B 71 30.90 -22.86 24.05
N ARG B 72 30.54 -24.11 23.77
CA ARG B 72 31.43 -25.08 23.07
C ARG B 72 31.95 -24.41 21.79
N ASP B 73 31.10 -23.74 21.01
CA ASP B 73 31.50 -23.08 19.73
C ASP B 73 32.74 -22.21 19.94
N LEU B 74 32.78 -21.44 21.03
CA LEU B 74 33.87 -20.47 21.32
C LEU B 74 35.01 -21.16 22.08
N GLY B 75 34.71 -22.30 22.70
CA GLY B 75 35.70 -23.17 23.37
C GLY B 75 35.67 -22.98 24.87
N TYR B 76 34.54 -22.50 25.40
CA TYR B 76 34.38 -22.13 26.82
C TYR B 76 34.02 -23.38 27.64
N ILE B 77 33.46 -24.40 26.99
CA ILE B 77 33.27 -25.74 27.60
C ILE B 77 33.82 -26.80 26.66
N THR B 78 33.88 -28.02 27.17
CA THR B 78 34.37 -29.24 26.49
C THR B 78 33.16 -29.96 25.90
N THR B 79 33.36 -30.78 24.86
CA THR B 79 32.26 -31.53 24.21
C THR B 79 31.43 -32.23 25.29
N THR B 80 32.12 -32.92 26.21
CA THR B 80 31.51 -33.65 27.34
C THR B 80 30.71 -32.65 28.19
N GLU B 81 31.40 -31.68 28.79
CA GLU B 81 30.79 -30.62 29.66
C GLU B 81 29.46 -30.20 29.01
N MET B 82 29.52 -29.85 27.72
CA MET B 82 28.34 -29.41 26.93
C MET B 82 27.20 -30.40 27.13
N VAL B 83 27.32 -31.59 26.53
CA VAL B 83 26.27 -32.65 26.54
C VAL B 83 25.64 -32.70 27.93
N GLU B 84 26.49 -32.75 28.96
CA GLU B 84 26.06 -32.85 30.38
C GLU B 84 24.97 -31.80 30.64
N ARG B 85 25.34 -30.50 30.62
CA ARG B 85 24.45 -29.39 31.06
C ARG B 85 23.10 -29.52 30.36
N ILE B 86 23.14 -29.83 29.06
CA ILE B 86 21.93 -29.99 28.21
C ILE B 86 21.13 -31.16 28.77
N LYS B 87 21.77 -32.34 28.91
CA LYS B 87 21.11 -33.55 29.45
C LYS B 87 20.32 -33.14 30.68
N LYS B 88 21.02 -32.66 31.72
CA LYS B 88 20.44 -32.36 33.06
C LYS B 88 19.26 -31.40 32.88
N THR B 89 19.53 -30.24 32.24
CA THR B 89 18.53 -29.17 32.02
C THR B 89 17.30 -29.81 31.38
N LEU B 90 17.49 -30.63 30.35
CA LEU B 90 16.37 -31.32 29.66
C LEU B 90 15.66 -32.27 30.63
N ASP B 91 16.41 -33.05 31.41
CA ASP B 91 15.84 -33.97 32.44
C ASP B 91 14.85 -33.15 33.27
N THR B 92 15.26 -31.95 33.68
CA THR B 92 14.46 -30.96 34.44
C THR B 92 13.21 -30.56 33.66
N ILE B 93 13.39 -30.19 32.40
CA ILE B 93 12.26 -29.77 31.52
C ILE B 93 11.25 -30.92 31.47
N GLU B 94 11.70 -32.15 31.19
CA GLU B 94 10.84 -33.35 31.06
C GLU B 94 9.99 -33.53 32.32
N LYS B 95 10.40 -32.94 33.45
CA LYS B 95 9.68 -32.96 34.74
C LYS B 95 8.55 -31.91 34.74
N MET B 96 8.83 -30.68 34.29
CA MET B 96 8.02 -29.46 34.58
C MET B 96 6.57 -29.60 34.10
N GLU B 97 5.59 -29.29 34.98
CA GLU B 97 4.12 -29.28 34.69
C GLU B 97 3.91 -28.57 33.35
N LYS B 98 3.52 -29.30 32.31
CA LYS B 98 3.33 -28.76 30.93
C LYS B 98 1.84 -28.54 30.68
N TRP B 99 1.51 -27.96 29.52
CA TRP B 99 0.13 -27.70 29.03
C TRP B 99 0.09 -27.97 27.53
N ASN B 100 -0.44 -29.12 27.14
CA ASN B 100 -0.45 -29.64 25.75
C ASN B 100 0.97 -29.59 25.17
N GLY B 101 1.98 -29.92 26.00
CA GLY B 101 3.40 -29.99 25.60
C GLY B 101 4.05 -28.62 25.57
N HIS B 102 3.41 -27.59 26.17
CA HIS B 102 3.96 -26.23 26.36
C HIS B 102 4.55 -26.10 27.76
N LEU B 103 5.62 -25.33 27.90
CA LEU B 103 6.05 -24.83 29.23
C LEU B 103 5.13 -23.67 29.60
N TYR B 104 4.96 -23.46 30.90
CA TYR B 104 4.19 -22.33 31.47
C TYR B 104 4.99 -21.04 31.31
N ASN B 105 4.27 -19.92 31.41
CA ASN B 105 4.74 -18.52 31.36
C ASN B 105 6.03 -18.38 32.17
N TRP B 106 5.98 -18.81 33.44
CA TRP B 106 7.10 -18.78 34.43
C TRP B 106 7.08 -20.04 35.30
N TYR B 107 8.25 -20.53 35.71
CA TYR B 107 8.40 -21.51 36.81
C TYR B 107 9.29 -20.88 37.89
N ASN B 108 9.19 -21.43 39.10
CA ASN B 108 10.17 -21.26 40.20
C ASN B 108 11.36 -22.19 39.92
N THR B 109 12.59 -21.66 39.96
CA THR B 109 13.84 -22.40 39.67
C THR B 109 14.03 -23.58 40.64
N LYS B 110 13.39 -23.57 41.82
CA LYS B 110 13.61 -24.57 42.91
C LYS B 110 12.39 -25.50 43.02
N THR B 111 11.19 -24.93 43.15
CA THR B 111 9.92 -25.70 43.30
C THR B 111 9.52 -26.30 41.95
N LEU B 112 10.15 -25.85 40.84
CA LEU B 112 9.80 -26.24 39.44
C LEU B 112 8.28 -26.18 39.28
N GLU B 113 7.62 -25.25 39.96
CA GLU B 113 6.16 -25.13 39.97
C GLU B 113 5.81 -23.95 39.05
N PRO B 114 4.74 -24.08 38.25
CA PRO B 114 4.16 -22.95 37.56
C PRO B 114 3.99 -21.76 38.51
N LEU B 115 4.40 -20.57 38.10
CA LEU B 115 4.15 -19.30 38.82
C LEU B 115 2.68 -18.95 38.87
N ARG B 116 2.40 -17.78 39.46
CA ARG B 116 1.07 -17.49 40.05
C ARG B 116 0.05 -17.47 38.92
N PRO B 117 0.01 -16.42 38.06
CA PRO B 117 -1.11 -16.27 37.14
C PRO B 117 -0.98 -17.36 36.06
N TYR B 118 -1.11 -18.64 36.46
CA TYR B 118 -1.04 -19.85 35.59
C TYR B 118 -1.33 -19.43 34.15
N TYR B 119 -0.26 -19.31 33.35
CA TYR B 119 -0.33 -18.78 31.97
C TYR B 119 0.70 -19.47 31.07
N VAL B 120 0.36 -19.63 29.79
CA VAL B 120 1.25 -20.19 28.72
C VAL B 120 1.45 -19.10 27.67
N SER B 121 2.68 -18.67 27.41
CA SER B 121 2.92 -17.59 26.42
C SER B 121 3.28 -18.20 25.08
N THR B 122 2.68 -17.68 24.00
CA THR B 122 2.91 -18.09 22.60
C THR B 122 4.39 -17.89 22.30
N VAL B 123 4.81 -16.63 22.41
CA VAL B 123 6.20 -16.17 22.12
C VAL B 123 7.14 -17.06 22.93
N ASP B 124 6.92 -17.16 24.25
CA ASP B 124 7.77 -17.92 25.21
C ASP B 124 7.99 -19.31 24.61
N SER B 125 6.91 -20.07 24.40
CA SER B 125 6.94 -21.40 23.74
C SER B 125 7.67 -21.27 22.40
N GLY B 126 7.10 -20.49 21.48
CA GLY B 126 7.65 -20.21 20.13
C GLY B 126 9.17 -20.11 20.14
N ASN B 127 9.70 -19.16 20.89
CA ASN B 127 11.16 -18.94 21.02
C ASN B 127 11.82 -20.25 21.43
N LEU B 128 11.41 -20.78 22.58
CA LEU B 128 11.98 -22.00 23.21
C LEU B 128 12.09 -23.12 22.17
N VAL B 129 10.96 -23.45 21.53
CA VAL B 129 10.88 -24.54 20.51
C VAL B 129 12.03 -24.35 19.53
N GLY B 130 12.11 -23.17 18.90
CA GLY B 130 13.19 -22.81 17.97
C GLY B 130 14.56 -23.10 18.55
N TYR B 131 14.80 -22.65 19.79
CA TYR B 131 16.12 -22.75 20.48
C TYR B 131 16.45 -24.24 20.64
N LEU B 132 15.43 -25.06 20.89
CA LEU B 132 15.57 -26.54 21.02
C LEU B 132 15.97 -27.14 19.67
N ILE B 133 15.17 -26.88 18.65
CA ILE B 133 15.37 -27.35 17.25
C ILE B 133 16.82 -27.09 16.88
N THR B 134 17.27 -25.85 17.12
CA THR B 134 18.67 -25.40 16.92
C THR B 134 19.64 -26.38 17.58
N VAL B 135 19.45 -26.61 18.89
CA VAL B 135 20.34 -27.48 19.71
C VAL B 135 20.35 -28.88 19.12
N LYS B 136 19.17 -29.44 18.85
CA LYS B 136 19.04 -30.78 18.24
C LYS B 136 20.01 -30.88 17.05
N GLU B 137 19.82 -30.03 16.03
CA GLU B 137 20.58 -30.12 14.76
C GLU B 137 22.05 -29.83 14.99
N ALA B 138 22.38 -29.11 16.06
CA ALA B 138 23.75 -28.65 16.37
C ALA B 138 24.52 -29.77 17.08
N ILE B 139 23.95 -30.34 18.15
CA ILE B 139 24.70 -31.21 19.12
C ILE B 139 25.37 -32.35 18.35
N GLY B 140 24.67 -32.91 17.35
CA GLY B 140 25.21 -33.96 16.47
C GLY B 140 26.63 -33.61 16.04
N GLU B 141 26.83 -32.39 15.56
CA GLU B 141 28.09 -31.93 14.90
C GLU B 141 29.30 -32.39 15.72
N PHE B 142 29.17 -32.49 17.05
CA PHE B 142 30.30 -32.65 18.00
C PHE B 142 30.81 -34.09 18.10
N LEU B 143 30.16 -35.02 17.38
CA LEU B 143 30.65 -36.41 17.24
C LEU B 143 31.72 -36.49 16.15
N ASN B 144 31.79 -35.52 15.25
CA ASN B 144 32.91 -35.41 14.26
C ASN B 144 33.69 -34.12 14.46
N LYS B 145 33.46 -33.42 15.58
CA LYS B 145 34.21 -32.19 15.93
C LYS B 145 35.20 -32.56 17.04
N PRO B 146 36.48 -32.18 16.87
CA PRO B 146 37.56 -32.66 17.72
C PRO B 146 37.34 -32.39 19.22
N LEU B 147 37.49 -33.44 20.05
CA LEU B 147 37.49 -33.32 21.54
C LEU B 147 38.61 -32.38 21.98
N ILE B 148 39.68 -32.33 21.20
CA ILE B 148 40.80 -31.33 21.28
C ILE B 148 40.82 -30.52 20.00
N ASP B 149 40.13 -29.36 19.98
CA ASP B 149 40.37 -28.37 18.90
C ASP B 149 40.95 -27.11 19.53
N ILE B 150 41.66 -26.36 18.69
CA ILE B 150 42.32 -25.08 19.01
C ILE B 150 41.36 -24.15 19.75
N GLU B 151 40.05 -24.17 19.43
CA GLU B 151 39.03 -23.25 20.02
C GLU B 151 39.01 -23.41 21.56
N LEU B 152 39.33 -24.58 22.10
CA LEU B 152 39.34 -24.86 23.56
C LEU B 152 40.49 -24.12 24.23
N ALA B 153 41.48 -23.71 23.43
CA ALA B 153 42.64 -22.89 23.85
C ALA B 153 42.31 -21.41 23.65
N LYS B 154 41.85 -21.02 22.46
CA LYS B 154 41.28 -19.67 22.22
C LYS B 154 40.29 -19.36 23.36
N GLY B 155 39.58 -20.39 23.84
CA GLY B 155 38.57 -20.31 24.91
C GLY B 155 39.20 -20.01 26.26
N LEU B 156 40.13 -20.85 26.71
CA LEU B 156 40.88 -20.65 27.98
C LEU B 156 41.51 -19.25 27.97
N LYS B 157 42.08 -18.82 26.84
CA LYS B 157 42.68 -17.46 26.67
C LYS B 157 41.70 -16.42 27.19
N ASP B 158 40.47 -16.46 26.69
CA ASP B 158 39.36 -15.55 27.11
C ASP B 158 39.14 -15.75 28.62
N THR B 159 38.98 -17.01 29.06
CA THR B 159 38.81 -17.39 30.50
C THR B 159 39.88 -16.67 31.35
N ILE B 160 41.13 -16.66 30.87
CA ILE B 160 42.28 -16.15 31.68
C ILE B 160 42.26 -14.62 31.63
N LYS B 161 42.13 -14.02 30.45
CA LYS B 161 41.91 -12.55 30.31
C LYS B 161 40.87 -12.15 31.36
N MET B 162 39.74 -12.85 31.41
CA MET B 162 38.63 -12.57 32.37
C MET B 162 39.14 -12.74 33.80
N LEU B 163 39.59 -13.93 34.21
CA LEU B 163 39.85 -14.26 35.64
C LEU B 163 41.05 -13.46 36.21
N ASN B 164 41.95 -12.97 35.36
CA ASN B 164 43.02 -12.01 35.72
C ASN B 164 43.74 -12.49 36.98
N VAL B 165 44.16 -13.75 36.99
CA VAL B 165 44.78 -14.41 38.19
C VAL B 165 46.30 -14.21 38.13
N LYS B 166 46.78 -13.05 38.59
CA LYS B 166 48.21 -12.78 38.88
C LYS B 166 49.05 -13.06 37.63
N GLY B 167 50.25 -13.66 37.78
CA GLY B 167 51.16 -14.07 36.67
C GLY B 167 50.46 -14.57 35.41
N ILE B 168 49.32 -15.25 35.58
CA ILE B 168 48.49 -15.84 34.48
C ILE B 168 47.87 -14.69 33.67
N THR B 169 48.47 -14.40 32.51
CA THR B 169 48.05 -13.37 31.54
C THR B 169 47.82 -13.99 30.15
N GLU B 170 47.76 -13.16 29.10
CA GLU B 170 47.38 -13.58 27.74
C GLU B 170 48.57 -14.22 27.01
N ASP B 171 49.71 -13.49 27.00
CA ASP B 171 50.98 -13.85 26.30
C ASP B 171 51.31 -15.33 26.50
N ILE B 172 51.06 -15.88 27.70
CA ILE B 172 51.25 -17.31 28.06
C ILE B 172 50.92 -18.19 26.83
N PHE B 173 49.78 -17.93 26.20
CA PHE B 173 49.26 -18.70 25.04
C PHE B 173 50.26 -18.58 23.88
N THR B 174 50.34 -17.43 23.20
CA THR B 174 51.21 -17.15 22.02
C THR B 174 51.46 -18.44 21.22
N THR B 175 52.55 -19.16 21.50
CA THR B 175 52.90 -20.48 20.91
C THR B 175 51.63 -21.26 20.53
N ILE B 176 50.89 -21.75 21.54
CA ILE B 176 49.74 -22.68 21.36
C ILE B 176 48.78 -22.12 20.30
N LEU B 177 48.44 -20.82 20.39
CA LEU B 177 47.47 -20.12 19.50
C LEU B 177 48.15 -19.62 18.23
N SER B 178 49.36 -20.09 17.92
CA SER B 178 50.11 -19.71 16.70
C SER B 178 50.00 -20.81 15.64
N LYS B 179 49.41 -21.97 16.00
CA LYS B 179 49.29 -23.18 15.13
C LYS B 179 47.81 -23.42 14.87
N THR B 180 47.44 -23.64 13.60
CA THR B 180 46.06 -23.97 13.15
C THR B 180 45.48 -25.11 14.00
N THR B 181 46.32 -26.02 14.48
CA THR B 181 45.88 -27.23 15.23
C THR B 181 46.47 -27.22 16.64
N LEU B 182 45.84 -27.96 17.54
CA LEU B 182 46.30 -28.16 18.94
C LEU B 182 46.63 -29.64 19.13
N VAL B 183 47.88 -29.95 19.53
CA VAL B 183 48.42 -31.34 19.55
C VAL B 183 48.42 -31.85 20.99
N PRO B 184 47.72 -32.98 21.26
CA PRO B 184 47.41 -33.40 22.63
C PRO B 184 48.52 -33.23 23.69
N SER B 185 49.75 -33.59 23.33
CA SER B 185 50.92 -33.55 24.23
C SER B 185 51.16 -32.09 24.63
N GLU B 186 51.34 -31.21 23.64
CA GLU B 186 51.53 -29.74 23.83
C GLU B 186 50.48 -29.22 24.81
N TRP B 187 49.21 -29.62 24.61
CA TRP B 187 48.02 -29.20 25.40
C TRP B 187 48.20 -29.70 26.84
N GLU B 188 48.34 -31.04 27.02
CA GLU B 188 48.64 -31.67 28.33
C GLU B 188 49.69 -30.82 29.07
N ALA B 189 50.79 -30.49 28.38
CA ALA B 189 51.93 -29.70 28.89
C ALA B 189 51.46 -28.32 29.34
N PHE B 190 50.87 -27.57 28.39
CA PHE B 190 50.34 -26.19 28.59
C PHE B 190 49.44 -26.17 29.83
N LEU B 191 48.45 -27.07 29.89
CA LEU B 191 47.46 -27.15 30.99
C LEU B 191 48.15 -27.39 32.35
N ASN B 192 49.18 -28.23 32.37
CA ASN B 192 49.96 -28.54 33.59
C ASN B 192 50.82 -27.32 33.98
N LYS B 193 51.55 -26.73 33.01
CA LYS B 193 52.32 -25.48 33.24
C LYS B 193 51.44 -24.47 33.98
N ILE B 194 50.24 -24.18 33.43
CA ILE B 194 49.27 -23.20 34.00
C ILE B 194 48.90 -23.68 35.41
N ARG B 195 48.59 -24.98 35.54
CA ARG B 195 48.22 -25.57 36.83
C ARG B 195 49.34 -25.36 37.86
N GLU B 196 50.59 -25.41 37.45
CA GLU B 196 51.78 -25.33 38.35
C GLU B 196 51.91 -23.90 38.89
N LYS B 197 52.14 -22.89 38.04
CA LYS B 197 52.33 -21.47 38.50
C LYS B 197 51.17 -21.04 39.42
N LEU B 198 50.02 -21.70 39.25
CA LEU B 198 48.78 -21.51 40.07
C LEU B 198 48.99 -22.06 41.48
N LEU B 199 49.59 -23.24 41.64
CA LEU B 199 49.86 -23.87 42.97
C LEU B 199 50.49 -22.86 43.91
N SER B 200 51.41 -22.03 43.40
CA SER B 200 52.20 -21.02 44.17
C SER B 200 51.40 -19.73 44.39
N SER B 201 50.97 -19.07 43.30
CA SER B 201 50.23 -17.77 43.34
C SER B 201 49.07 -17.89 44.32
N GLN B 202 49.06 -17.10 45.40
CA GLN B 202 48.00 -17.12 46.46
C GLN B 202 47.29 -15.76 46.42
N ASP B 203 46.93 -15.28 45.21
CA ASP B 203 46.11 -14.05 44.98
C ASP B 203 44.64 -14.41 45.25
N ASP B 204 43.69 -13.99 44.40
CA ASP B 204 42.24 -14.27 44.57
C ASP B 204 42.00 -15.79 44.64
N LEU B 205 42.06 -16.39 45.83
CA LEU B 205 41.97 -17.86 46.01
C LEU B 205 40.80 -18.42 45.17
N GLU B 206 39.63 -17.78 45.27
CA GLU B 206 38.38 -18.16 44.55
C GLU B 206 38.66 -18.25 43.04
N ASN B 207 39.14 -17.15 42.43
CA ASN B 207 39.49 -17.13 40.98
C ASN B 207 40.46 -18.26 40.66
N ILE B 208 41.54 -18.41 41.42
CA ILE B 208 42.53 -19.54 41.29
C ILE B 208 41.75 -20.83 41.21
N LYS B 209 40.98 -21.16 42.26
CA LYS B 209 40.15 -22.39 42.31
C LYS B 209 39.50 -22.64 40.93
N ARG B 210 38.68 -21.68 40.48
CA ARG B 210 37.92 -21.76 39.22
C ARG B 210 38.87 -22.19 38.11
N LEU B 211 39.93 -21.41 37.89
CA LEU B 211 40.87 -21.62 36.75
C LEU B 211 41.47 -23.03 36.84
N LYS B 212 41.82 -23.48 38.05
CA LYS B 212 42.35 -24.84 38.32
C LYS B 212 41.34 -25.83 37.74
N ASN B 213 40.10 -25.79 38.25
CA ASN B 213 39.01 -26.74 37.92
C ASN B 213 38.69 -26.68 36.43
N ILE B 214 38.73 -25.48 35.84
CA ILE B 214 38.40 -25.24 34.40
C ILE B 214 39.54 -25.82 33.57
N ILE B 215 40.76 -25.90 34.14
CA ILE B 215 41.93 -26.56 33.49
C ILE B 215 41.94 -28.06 33.85
N ILE B 216 41.48 -28.41 35.06
CA ILE B 216 41.35 -29.83 35.52
C ILE B 216 40.34 -30.55 34.61
N ALA B 217 39.21 -29.89 34.36
CA ALA B 217 38.12 -30.26 33.43
C ALA B 217 38.70 -30.62 32.06
N LEU B 218 39.55 -29.75 31.52
CA LEU B 218 40.13 -29.87 30.16
C LEU B 218 41.03 -31.11 30.06
N LYS B 219 41.88 -31.36 31.06
CA LYS B 219 42.74 -32.57 31.11
C LYS B 219 41.83 -33.79 31.28
N GLY B 220 40.79 -33.65 32.11
CA GLY B 220 39.79 -34.70 32.41
C GLY B 220 39.25 -35.39 31.16
N GLU B 221 38.64 -34.62 30.24
CA GLU B 221 38.16 -35.09 28.91
C GLU B 221 39.33 -35.80 28.20
N MET B 222 40.51 -35.19 28.18
CA MET B 222 41.68 -35.62 27.38
C MET B 222 42.18 -36.99 27.86
N LYS B 223 42.46 -37.12 29.15
CA LYS B 223 42.98 -38.38 29.76
C LYS B 223 41.97 -39.50 29.51
N GLU B 224 40.68 -39.23 29.70
CA GLU B 224 39.58 -40.22 29.54
C GLU B 224 39.48 -40.70 28.09
N PHE B 225 39.35 -39.78 27.13
CA PHE B 225 38.96 -40.08 25.73
C PHE B 225 40.19 -40.24 24.83
N LEU B 226 41.31 -39.55 25.11
CA LEU B 226 42.64 -39.83 24.50
C LEU B 226 43.54 -40.54 25.51
N VAL B 227 43.17 -41.77 25.87
CA VAL B 227 43.80 -42.53 26.99
C VAL B 227 45.28 -42.81 26.66
N TRP B 228 45.72 -42.62 25.40
CA TRP B 228 47.08 -43.00 24.96
C TRP B 228 48.12 -42.03 25.52
N THR B 229 47.75 -40.87 26.07
CA THR B 229 48.69 -39.98 26.80
C THR B 229 49.07 -40.63 28.15
N GLU B 230 48.23 -41.57 28.61
CA GLU B 230 48.36 -42.27 29.94
C GLU B 230 48.86 -43.70 29.77
N PHE B 231 49.51 -44.01 28.64
CA PHE B 231 50.26 -45.28 28.39
C PHE B 231 51.70 -45.08 28.88
N ASP B 232 52.19 -45.98 29.76
CA ASP B 232 53.57 -45.90 30.33
C ASP B 232 54.61 -46.33 29.28
N GLU B 233 55.87 -45.95 29.49
CA GLU B 233 56.95 -46.00 28.46
C GLU B 233 56.97 -47.37 27.81
N SER B 234 56.93 -48.45 28.60
CA SER B 234 56.97 -49.86 28.13
C SER B 234 55.79 -50.15 27.20
N GLU B 235 54.59 -49.65 27.53
CA GLU B 235 53.37 -49.80 26.67
C GLU B 235 53.60 -49.10 25.33
N LYS B 236 54.14 -47.88 25.36
CA LYS B 236 54.37 -47.03 24.15
C LYS B 236 55.47 -47.64 23.28
N GLU B 237 56.39 -48.42 23.87
CA GLU B 237 57.54 -49.04 23.15
C GLU B 237 57.01 -50.18 22.26
N GLN B 238 56.13 -51.03 22.80
CA GLN B 238 55.47 -52.14 22.06
C GLN B 238 55.19 -51.67 20.64
N GLU B 239 55.81 -52.32 19.65
CA GLU B 239 55.83 -51.88 18.23
C GLU B 239 54.44 -51.40 17.81
N ILE B 240 53.38 -52.17 18.13
CA ILE B 240 51.98 -51.89 17.68
C ILE B 240 51.65 -50.41 17.91
N PHE B 241 52.03 -49.83 19.06
CA PHE B 241 51.72 -48.41 19.41
C PHE B 241 52.35 -47.49 18.34
N LYS B 242 53.54 -47.86 17.84
CA LYS B 242 54.40 -47.01 16.97
C LYS B 242 53.89 -47.05 15.53
N ARG B 243 53.00 -47.99 15.18
CA ARG B 243 52.25 -48.02 13.89
C ARG B 243 51.12 -46.97 13.96
N TYR B 244 50.53 -46.81 15.14
CA TYR B 244 49.27 -46.04 15.38
C TYR B 244 49.60 -44.67 15.99
N LYS B 245 50.88 -44.34 16.17
CA LYS B 245 51.30 -43.18 17.03
C LYS B 245 50.91 -41.85 16.37
N GLU B 246 51.21 -41.66 15.07
CA GLU B 246 50.85 -40.41 14.34
C GLU B 246 49.36 -40.43 13.96
N VAL B 247 48.68 -41.57 14.11
CA VAL B 247 47.23 -41.76 13.84
C VAL B 247 46.41 -41.35 15.07
N PHE B 248 47.01 -41.50 16.26
CA PHE B 248 46.37 -41.06 17.53
C PHE B 248 46.35 -39.52 17.57
N GLU B 249 47.44 -38.91 17.11
CA GLU B 249 47.66 -37.43 17.14
C GLU B 249 46.85 -36.75 16.04
N GLU B 250 46.67 -37.40 14.88
CA GLU B 250 46.01 -36.81 13.68
C GLU B 250 44.50 -37.11 13.72
N HIS B 251 43.96 -37.45 14.90
CA HIS B 251 42.51 -37.73 15.11
C HIS B 251 42.09 -37.50 16.56
N SER B 252 41.06 -36.67 16.76
CA SER B 252 40.56 -36.22 18.09
C SER B 252 39.03 -36.33 18.18
N SER B 253 38.33 -36.53 17.05
CA SER B 253 36.84 -36.54 17.00
C SER B 253 36.35 -37.84 17.64
N PRO B 254 35.22 -37.83 18.40
CA PRO B 254 34.70 -39.04 19.01
C PRO B 254 34.51 -40.26 18.07
N LYS B 255 34.21 -40.01 16.78
CA LYS B 255 34.01 -41.07 15.75
C LYS B 255 35.38 -41.46 15.16
N GLU B 256 36.23 -40.48 14.84
CA GLU B 256 37.65 -40.70 14.40
C GLU B 256 38.43 -41.49 15.46
N LEU B 257 38.05 -41.37 16.74
CA LEU B 257 38.62 -42.15 17.87
C LEU B 257 37.99 -43.54 17.88
N GLU B 258 36.64 -43.59 17.91
CA GLU B 258 35.86 -44.87 17.87
C GLU B 258 36.48 -45.80 16.83
N LYS B 259 36.80 -45.27 15.63
CA LYS B 259 37.47 -45.99 14.52
C LYS B 259 38.87 -46.43 14.96
N VAL B 260 39.76 -45.49 15.31
CA VAL B 260 41.18 -45.78 15.64
C VAL B 260 41.21 -46.82 16.77
N TYR B 261 40.30 -46.71 17.73
CA TYR B 261 40.30 -47.54 18.97
C TYR B 261 39.96 -49.00 18.66
N LYS B 262 38.96 -49.29 17.83
CA LYS B 262 38.58 -50.68 17.49
C LYS B 262 39.73 -51.32 16.68
N ASN B 263 40.29 -50.59 15.71
CA ASN B 263 41.34 -51.08 14.78
C ASN B 263 42.62 -51.43 15.56
N TYR B 264 42.82 -50.74 16.69
CA TYR B 264 43.96 -50.94 17.63
C TYR B 264 43.64 -52.12 18.55
N LEU B 265 42.35 -52.36 18.86
CA LEU B 265 41.88 -53.49 19.70
C LEU B 265 41.91 -54.79 18.89
N LEU B 266 41.64 -54.69 17.58
CA LEU B 266 41.61 -55.86 16.66
C LEU B 266 43.04 -56.17 16.21
N GLU B 267 43.92 -55.16 16.11
CA GLU B 267 45.35 -55.37 15.74
C GLU B 267 46.15 -55.84 16.96
N ILE B 268 45.74 -55.51 18.18
CA ILE B 268 46.32 -56.02 19.47
C ILE B 268 46.07 -57.54 19.61
N GLU B 269 45.00 -58.05 19.00
CA GLU B 269 44.69 -59.50 18.93
C GLU B 269 45.75 -60.26 18.12
N GLU B 270 46.39 -59.63 17.12
CA GLU B 270 47.22 -60.28 16.07
C GLU B 270 48.60 -60.69 16.59
N VAL B 271 49.32 -59.74 17.18
CA VAL B 271 50.71 -59.95 17.71
C VAL B 271 50.64 -60.41 19.17
N PHE B 272 49.44 -60.81 19.66
CA PHE B 272 49.20 -61.38 21.01
C PHE B 272 49.59 -62.86 21.03
N LYS B 273 49.71 -63.53 19.86
CA LYS B 273 50.29 -64.90 19.75
C LYS B 273 51.83 -64.81 19.62
N LYS B 274 52.33 -63.73 19.00
CA LYS B 274 53.75 -63.56 18.56
C LYS B 274 54.46 -62.55 19.48
N ALA B 275 54.25 -62.66 20.78
CA ALA B 275 54.76 -61.73 21.82
C ALA B 275 54.98 -62.49 23.14
N THR B 276 55.97 -62.05 23.92
CA THR B 276 56.34 -62.60 25.24
C THR B 276 55.18 -62.36 26.23
N GLU B 277 55.22 -62.94 27.43
CA GLU B 277 54.25 -62.70 28.54
C GLU B 277 54.55 -61.37 29.23
N GLU B 278 55.78 -60.86 29.02
CA GLU B 278 56.22 -59.47 29.30
C GLU B 278 55.57 -58.50 28.29
N GLU B 279 55.27 -58.95 27.06
CA GLU B 279 54.62 -58.17 25.96
C GLU B 279 53.09 -58.39 25.95
N LYS B 280 52.61 -59.54 26.41
CA LYS B 280 51.15 -59.90 26.42
C LYS B 280 50.45 -59.16 27.57
N ALA B 281 51.13 -58.99 28.70
CA ALA B 281 50.66 -58.21 29.88
C ALA B 281 50.60 -56.71 29.52
N LEU B 282 51.54 -56.23 28.69
CA LEU B 282 51.61 -54.83 28.21
C LEU B 282 50.57 -54.60 27.10
N LEU B 283 50.41 -55.56 26.18
CA LEU B 283 49.36 -55.51 25.12
C LEU B 283 47.98 -55.56 25.79
N LYS B 284 47.86 -56.26 26.94
CA LYS B 284 46.55 -56.48 27.62
C LYS B 284 46.26 -55.27 28.50
N SER B 285 47.27 -54.70 29.16
CA SER B 285 47.21 -53.39 29.85
C SER B 285 46.61 -52.31 28.91
N GLN B 286 47.08 -52.25 27.66
CA GLN B 286 46.60 -51.25 26.66
C GLN B 286 45.17 -51.58 26.23
N LYS B 287 44.90 -52.86 25.94
CA LYS B 287 43.55 -53.36 25.57
C LYS B 287 42.54 -52.86 26.61
N ASP B 288 42.86 -53.07 27.90
CA ASP B 288 41.98 -52.77 29.07
C ASP B 288 41.64 -51.27 29.13
N LYS B 289 42.60 -50.40 28.85
CA LYS B 289 42.45 -48.91 28.88
C LYS B 289 41.60 -48.47 27.69
N VAL B 290 42.03 -48.87 26.49
CA VAL B 290 41.42 -48.55 25.16
C VAL B 290 39.96 -49.04 25.15
N ALA B 291 39.64 -50.05 25.96
CA ALA B 291 38.29 -50.64 26.09
C ALA B 291 37.32 -49.64 26.70
N GLN B 292 37.59 -49.23 27.95
CA GLN B 292 36.73 -48.29 28.70
C GLN B 292 36.69 -46.96 27.95
N ALA B 293 37.84 -46.53 27.39
CA ALA B 293 37.98 -45.29 26.59
C ALA B 293 37.02 -45.31 25.40
N LEU B 294 36.81 -46.49 24.80
CA LEU B 294 35.86 -46.72 23.68
C LEU B 294 34.43 -46.80 24.25
N GLU B 295 34.23 -47.60 25.30
CA GLU B 295 32.94 -47.74 26.03
C GLU B 295 32.39 -46.35 26.37
N LYS B 296 33.25 -45.40 26.71
CA LYS B 296 32.84 -44.02 27.07
C LYS B 296 32.48 -43.24 25.80
N ILE B 297 33.18 -43.45 24.69
CA ILE B 297 32.82 -42.84 23.37
C ILE B 297 31.40 -43.31 23.02
N LYS B 298 31.11 -44.60 23.19
CA LYS B 298 29.77 -45.20 22.91
C LYS B 298 28.72 -44.49 23.77
N LYS B 299 29.04 -44.22 25.05
CA LYS B 299 28.14 -43.49 25.98
C LYS B 299 27.89 -42.08 25.43
N LEU B 300 28.95 -41.31 25.16
CA LEU B 300 28.88 -39.92 24.63
C LEU B 300 27.93 -39.91 23.43
N GLU B 301 28.21 -40.76 22.42
CA GLU B 301 27.40 -40.93 21.17
C GLU B 301 25.92 -41.09 21.53
N ALA B 302 25.65 -41.95 22.52
CA ALA B 302 24.30 -42.31 23.00
C ALA B 302 23.64 -41.10 23.67
N GLU B 303 24.24 -40.57 24.74
CA GLU B 303 23.70 -39.41 25.51
C GLU B 303 23.28 -38.31 24.51
N ILE B 304 24.07 -38.10 23.46
CA ILE B 304 23.77 -37.14 22.34
C ILE B 304 22.42 -37.50 21.71
N GLU B 305 22.29 -38.73 21.18
CA GLU B 305 21.07 -39.19 20.48
C GLU B 305 19.87 -39.06 21.43
N ASN B 306 20.01 -39.49 22.69
CA ASN B 306 18.96 -39.34 23.75
C ASN B 306 18.49 -37.89 23.75
N ILE B 307 19.42 -36.94 23.83
CA ILE B 307 19.12 -35.49 23.72
C ILE B 307 18.33 -35.26 22.42
N LYS B 308 18.96 -35.49 21.26
CA LYS B 308 18.35 -35.24 19.92
C LYS B 308 16.92 -35.77 19.92
N SER B 309 16.72 -37.02 20.34
CA SER B 309 15.39 -37.68 20.33
C SER B 309 14.50 -37.01 21.38
N THR B 310 14.99 -36.80 22.59
CA THR B 310 14.22 -36.13 23.67
C THR B 310 13.75 -34.77 23.16
N ILE B 311 14.65 -33.96 22.60
CA ILE B 311 14.30 -32.63 22.02
C ILE B 311 13.22 -32.86 20.97
N GLU B 312 13.58 -33.54 19.87
CA GLU B 312 12.68 -33.79 18.71
C GLU B 312 11.27 -34.04 19.28
N ASN B 313 11.17 -34.96 20.23
CA ASN B 313 9.88 -35.31 20.87
C ASN B 313 9.28 -34.03 21.45
N LEU B 314 9.95 -33.38 22.40
CA LEU B 314 9.42 -32.22 23.17
C LEU B 314 8.85 -31.17 22.21
N VAL B 315 9.48 -30.99 21.05
CA VAL B 315 9.06 -30.06 19.97
C VAL B 315 7.72 -30.57 19.40
N GLU B 316 7.68 -31.79 18.86
CA GLU B 316 6.49 -32.38 18.19
C GLU B 316 5.37 -32.57 19.21
N LYS B 317 5.67 -32.42 20.51
CA LYS B 317 4.70 -32.50 21.65
C LYS B 317 3.94 -31.16 21.77
N THR B 318 4.57 -30.05 21.35
CA THR B 318 4.12 -28.65 21.59
C THR B 318 3.00 -28.27 20.61
N GLU B 319 1.75 -28.27 21.06
CA GLU B 319 0.55 -28.08 20.19
C GLU B 319 0.25 -26.58 20.04
N PHE B 320 0.92 -25.91 19.10
CA PHE B 320 0.74 -24.47 18.78
C PHE B 320 -0.70 -24.19 18.37
N ARG B 321 -1.34 -25.15 17.71
CA ARG B 321 -2.73 -25.01 17.24
C ARG B 321 -3.58 -24.44 18.37
N HIS B 322 -3.28 -24.77 19.63
CA HIS B 322 -4.06 -24.35 20.83
C HIS B 322 -4.00 -22.82 21.03
N LEU B 323 -3.02 -22.12 20.45
CA LEU B 323 -2.80 -20.66 20.69
C LEU B 323 -3.21 -19.83 19.47
N TYR B 324 -3.87 -20.46 18.49
CA TYR B 324 -4.22 -19.88 17.17
C TYR B 324 -5.75 -19.73 17.09
N ASP B 325 -6.24 -18.50 16.85
CA ASP B 325 -7.68 -18.19 16.61
C ASP B 325 -7.95 -18.48 15.13
N GLU B 326 -8.21 -19.75 14.79
CA GLU B 326 -8.47 -20.21 13.38
C GLU B 326 -9.16 -19.07 12.64
N LYS B 327 -10.16 -18.45 13.28
CA LYS B 327 -11.04 -17.42 12.67
C LYS B 327 -10.21 -16.21 12.24
N ARG B 328 -9.30 -15.69 13.08
CA ARG B 328 -8.46 -14.53 12.67
C ARG B 328 -7.24 -14.99 11.88
N GLN B 329 -7.10 -16.31 11.63
CA GLN B 329 -5.91 -16.89 10.97
C GLN B 329 -4.67 -16.35 11.70
N LEU B 330 -4.76 -16.20 13.03
CA LEU B 330 -3.79 -15.40 13.82
C LEU B 330 -3.51 -16.04 15.19
N PHE B 331 -2.32 -15.77 15.69
CA PHE B 331 -1.81 -16.27 16.97
C PHE B 331 -2.22 -15.29 18.07
N SER B 332 -2.89 -15.79 19.11
CA SER B 332 -3.16 -15.06 20.39
C SER B 332 -1.87 -14.90 21.17
N ILE B 333 -1.84 -13.88 22.04
CA ILE B 333 -0.68 -13.53 22.90
C ILE B 333 -0.23 -14.78 23.65
N GLY B 334 -1.22 -15.49 24.20
CA GLY B 334 -1.04 -16.73 24.98
C GLY B 334 -2.33 -17.15 25.64
N TYR B 335 -2.30 -18.32 26.27
CA TYR B 335 -3.44 -18.96 26.94
C TYR B 335 -3.38 -18.66 28.44
N ASN B 336 -4.45 -18.07 28.96
CA ASN B 336 -4.69 -17.88 30.42
C ASN B 336 -5.34 -19.16 30.94
N VAL B 337 -4.59 -20.00 31.65
CA VAL B 337 -5.08 -21.36 32.04
C VAL B 337 -6.17 -21.18 33.11
N GLU B 338 -6.15 -20.05 33.82
CA GLU B 338 -7.02 -19.81 35.00
C GLU B 338 -8.46 -19.58 34.52
N GLU B 339 -8.61 -18.77 33.47
CA GLU B 339 -9.95 -18.42 32.88
C GLU B 339 -10.27 -19.39 31.72
N GLU B 340 -9.53 -20.51 31.63
CA GLU B 340 -9.67 -21.51 30.53
C GLU B 340 -9.99 -20.78 29.21
N LYS B 341 -9.35 -19.63 28.96
CA LYS B 341 -9.59 -18.76 27.77
C LYS B 341 -8.25 -18.46 27.11
N LEU B 342 -8.24 -18.35 25.79
CA LEU B 342 -7.13 -17.71 25.05
C LEU B 342 -7.25 -16.19 25.20
N THR B 343 -6.11 -15.50 25.20
CA THR B 343 -6.07 -14.05 25.54
C THR B 343 -6.74 -13.27 24.41
N LYS B 344 -7.35 -12.16 24.79
CA LYS B 344 -8.06 -11.13 23.98
C LYS B 344 -7.20 -10.76 22.75
N SER B 345 -6.00 -10.17 22.95
CA SER B 345 -5.15 -9.54 21.88
C SER B 345 -4.46 -10.62 21.05
N TYR B 346 -3.89 -10.23 19.90
CA TYR B 346 -3.16 -11.15 18.98
C TYR B 346 -1.89 -10.52 18.38
N TYR B 347 -0.97 -11.39 17.93
CA TYR B 347 0.32 -11.04 17.29
C TYR B 347 0.07 -10.80 15.81
N ASP B 348 -0.40 -9.58 15.57
CA ASP B 348 -1.04 -9.08 14.34
C ASP B 348 -0.02 -8.26 13.55
N LEU B 349 1.28 -8.50 13.72
CA LEU B 349 2.33 -7.82 12.93
C LEU B 349 3.44 -8.81 12.57
N LEU B 350 4.05 -8.63 11.40
CA LEU B 350 5.21 -9.43 11.02
C LEU B 350 6.40 -9.05 11.90
N ALA B 351 6.68 -7.75 12.03
CA ALA B 351 7.77 -7.23 12.90
C ALA B 351 7.46 -7.53 14.37
N SER B 352 7.76 -8.75 14.84
CA SER B 352 7.43 -9.20 16.22
C SER B 352 8.05 -10.58 16.49
N GLU B 353 8.85 -10.71 17.55
CA GLU B 353 9.27 -12.00 18.17
C GLU B 353 8.27 -13.14 17.88
N ALA B 354 6.98 -12.81 17.70
CA ALA B 354 5.86 -13.70 17.31
C ALA B 354 6.18 -14.48 16.06
N ARG B 355 6.87 -13.87 15.09
CA ARG B 355 7.19 -14.59 13.84
C ARG B 355 7.81 -15.95 14.18
N GLN B 356 8.74 -16.00 15.13
CA GLN B 356 9.46 -17.27 15.48
C GLN B 356 8.43 -18.32 15.82
N ALA B 357 7.44 -17.95 16.64
CA ALA B 357 6.24 -18.75 16.92
C ALA B 357 5.51 -19.06 15.60
N SER B 358 5.05 -18.01 14.92
CA SER B 358 4.20 -18.04 13.69
C SER B 358 4.87 -18.94 12.63
N PHE B 359 6.19 -18.84 12.47
CA PHE B 359 6.99 -19.60 11.48
C PHE B 359 7.03 -21.08 11.85
N ILE B 360 7.45 -21.36 13.09
CA ILE B 360 7.68 -22.73 13.63
C ILE B 360 6.35 -23.48 13.54
N ALA B 361 5.24 -22.81 13.85
CA ALA B 361 3.88 -23.37 13.70
C ALA B 361 3.71 -23.94 12.28
N ILE B 362 3.89 -23.10 11.25
CA ILE B 362 3.66 -23.49 9.83
C ILE B 362 4.64 -24.62 9.48
N ALA B 363 5.88 -24.53 9.97
CA ALA B 363 6.99 -25.45 9.66
C ALA B 363 6.70 -26.82 10.28
N LYS B 364 6.10 -26.84 11.48
CA LYS B 364 5.59 -28.03 12.22
C LYS B 364 4.31 -28.55 11.54
N LYS B 365 3.82 -27.82 10.54
CA LYS B 365 2.59 -28.14 9.76
C LYS B 365 1.38 -28.03 10.69
N GLU B 366 1.34 -27.04 11.59
CA GLU B 366 0.26 -26.91 12.60
C GLU B 366 -0.71 -25.81 12.18
N VAL B 367 -0.28 -24.85 11.34
CA VAL B 367 -1.23 -23.90 10.68
C VAL B 367 -0.94 -23.80 9.18
N ASP B 368 -1.91 -23.26 8.43
CA ASP B 368 -1.84 -23.06 6.96
C ASP B 368 -0.65 -22.15 6.64
N LYS B 369 0.04 -22.46 5.53
CA LYS B 369 1.25 -21.74 5.08
C LYS B 369 0.90 -20.26 4.89
N LYS B 370 -0.38 -19.98 4.61
CA LYS B 370 -1.00 -18.64 4.45
C LYS B 370 -0.80 -17.76 5.69
N HIS B 371 -0.83 -18.35 6.89
CA HIS B 371 -0.78 -17.58 8.15
C HIS B 371 0.33 -16.54 8.02
N TRP B 372 1.51 -17.00 7.58
CA TRP B 372 2.74 -16.16 7.50
C TRP B 372 2.40 -14.83 6.83
N PHE B 373 1.51 -14.86 5.83
CA PHE B 373 1.22 -13.71 4.93
C PHE B 373 0.03 -12.91 5.48
N LYS B 374 -0.78 -13.54 6.32
CA LYS B 374 -1.93 -12.86 6.99
C LYS B 374 -1.39 -11.93 8.09
N LEU B 375 -0.19 -12.19 8.64
CA LEU B 375 0.49 -11.29 9.61
C LEU B 375 0.59 -9.87 9.03
N GLY B 376 0.33 -8.87 9.86
CA GLY B 376 0.33 -7.45 9.43
C GLY B 376 1.69 -7.04 8.90
N ARG B 377 1.71 -6.48 7.70
CA ARG B 377 2.95 -5.93 7.09
C ARG B 377 2.67 -4.48 6.76
N MET B 378 3.19 -3.56 7.55
CA MET B 378 2.99 -2.11 7.36
C MET B 378 4.34 -1.44 7.16
N LEU B 379 4.49 -0.64 6.10
CA LEU B 379 5.78 0.00 5.81
C LEU B 379 5.74 1.43 6.28
N ALA B 380 6.93 1.95 6.61
CA ALA B 380 7.20 3.35 6.94
C ALA B 380 8.27 3.89 6.00
N ILE B 381 8.03 5.08 5.45
CA ILE B 381 9.01 5.93 4.69
C ILE B 381 9.73 6.83 5.70
N GLU B 382 10.94 6.46 6.12
CA GLU B 382 11.88 7.36 6.85
C GLU B 382 12.97 7.74 5.84
N ASN B 383 13.35 9.02 5.78
CA ASN B 383 14.17 9.58 4.67
C ASN B 383 13.59 8.98 3.38
N ARG B 384 14.32 8.05 2.75
CA ARG B 384 13.87 7.35 1.53
C ARG B 384 13.78 5.85 1.85
N TYR B 385 14.68 5.28 2.66
CA TYR B 385 14.61 3.85 3.09
C TYR B 385 13.22 3.58 3.66
N LYS B 386 12.77 2.34 3.48
CA LYS B 386 11.41 1.87 3.86
C LYS B 386 11.65 0.65 4.74
N GLY B 387 10.66 0.30 5.55
CA GLY B 387 10.74 -0.91 6.39
C GLY B 387 9.48 -1.10 7.20
N LEU B 388 9.21 -2.36 7.55
CA LEU B 388 8.09 -2.77 8.44
C LEU B 388 8.19 -1.98 9.73
N VAL B 389 7.03 -1.47 10.17
CA VAL B 389 6.90 -0.92 11.54
C VAL B 389 6.56 -2.10 12.43
N SER B 390 6.96 -1.94 13.69
CA SER B 390 6.72 -2.86 14.81
C SER B 390 5.69 -2.24 15.73
N TRP B 391 5.06 -3.07 16.55
CA TRP B 391 4.03 -2.58 17.49
C TRP B 391 4.72 -1.66 18.50
N SER B 392 5.59 -2.23 19.33
CA SER B 392 6.28 -1.54 20.46
C SER B 392 7.42 -0.63 19.95
N GLY B 393 8.21 -1.09 18.97
CA GLY B 393 9.29 -0.30 18.36
C GLY B 393 10.66 -0.69 18.92
N THR B 394 10.73 -1.84 19.59
CA THR B 394 11.92 -2.35 20.31
C THR B 394 12.83 -3.13 19.37
N MET B 395 14.13 -2.86 19.37
CA MET B 395 15.13 -3.67 18.63
C MET B 395 14.76 -5.15 18.71
N PHE B 396 14.57 -5.67 19.92
CA PHE B 396 14.34 -7.12 20.14
C PHE B 396 13.18 -7.58 19.23
N GLU B 397 12.08 -6.82 19.11
CA GLU B 397 10.90 -7.17 18.23
C GLU B 397 11.35 -7.56 16.81
N TYR B 398 12.39 -6.87 16.32
CA TYR B 398 12.98 -7.07 14.97
C TYR B 398 14.00 -8.21 14.99
N PHE B 399 14.94 -8.25 15.96
CA PHE B 399 16.22 -9.01 15.83
C PHE B 399 16.25 -10.31 16.66
N MET B 400 15.39 -10.45 17.67
CA MET B 400 15.38 -11.64 18.58
C MET B 400 15.20 -12.92 17.75
N PRO B 401 14.29 -12.95 16.78
CA PRO B 401 14.24 -14.02 15.80
C PRO B 401 15.61 -14.35 15.19
N LEU B 402 16.34 -13.35 14.71
CA LEU B 402 17.55 -13.52 13.85
C LEU B 402 18.64 -14.33 14.55
N LEU B 403 18.47 -14.63 15.82
CA LEU B 403 19.33 -15.59 16.55
C LEU B 403 19.34 -16.93 15.81
N VAL B 404 18.17 -17.39 15.35
CA VAL B 404 18.04 -18.69 14.62
C VAL B 404 17.46 -18.46 13.22
N MET B 405 16.37 -17.70 13.11
CA MET B 405 15.75 -17.32 11.81
C MET B 405 16.83 -16.71 10.92
N ARG B 406 16.90 -17.11 9.65
CA ARG B 406 17.86 -16.51 8.71
C ARG B 406 17.28 -15.20 8.17
N ASN B 407 18.16 -14.52 7.46
CA ASN B 407 17.78 -13.43 6.57
C ASN B 407 18.36 -13.76 5.20
N TYR B 408 17.55 -13.60 4.15
CA TYR B 408 17.98 -13.57 2.72
C TYR B 408 17.96 -12.11 2.27
N GLN B 409 18.95 -11.69 1.47
CA GLN B 409 19.08 -10.29 1.00
C GLN B 409 17.88 -9.88 0.13
N ASN B 410 17.58 -8.59 0.09
CA ASN B 410 16.55 -7.97 -0.79
C ASN B 410 15.16 -8.34 -0.31
N THR B 411 15.06 -9.24 0.65
CA THR B 411 13.76 -9.71 1.18
C THR B 411 13.12 -8.54 1.92
N LEU B 412 11.80 -8.62 2.11
CA LEU B 412 11.02 -7.63 2.88
C LEU B 412 11.78 -7.40 4.20
N LEU B 413 11.88 -8.48 4.99
CA LEU B 413 12.57 -8.48 6.29
C LEU B 413 13.89 -7.75 6.15
N ASP B 414 14.74 -8.10 5.17
CA ASP B 414 16.11 -7.53 5.04
C ASP B 414 16.02 -6.01 5.10
N GLU B 415 15.37 -5.40 4.11
CA GLU B 415 15.19 -3.93 4.06
C GLU B 415 14.84 -3.46 5.47
N THR B 416 13.88 -4.11 6.10
CA THR B 416 13.35 -3.78 7.45
C THR B 416 14.48 -3.88 8.47
N TYR B 417 15.16 -5.04 8.58
CA TYR B 417 16.22 -5.26 9.60
C TYR B 417 17.18 -4.06 9.56
N ALA B 418 17.52 -3.52 8.40
CA ALA B 418 18.40 -2.33 8.23
C ALA B 418 17.67 -1.04 8.61
N PHE B 419 16.55 -0.77 7.96
CA PHE B 419 15.61 0.33 8.30
C PHE B 419 15.59 0.57 9.80
N ALA B 420 15.38 -0.49 10.59
CA ALA B 420 15.36 -0.49 12.08
C ALA B 420 16.61 0.21 12.62
N VAL B 421 17.79 -0.37 12.34
CA VAL B 421 19.11 0.13 12.82
C VAL B 421 19.23 1.61 12.48
N ARG B 422 18.95 2.03 11.24
CA ARG B 422 19.08 3.46 10.87
C ARG B 422 18.23 4.32 11.83
N VAL B 423 16.90 4.16 11.82
CA VAL B 423 15.94 5.00 12.61
C VAL B 423 16.42 5.02 14.08
N GLN B 424 16.66 3.84 14.64
CA GLN B 424 17.12 3.60 16.04
C GLN B 424 18.39 4.40 16.36
N LYS B 425 19.28 4.52 15.37
CA LYS B 425 20.61 5.18 15.52
C LYS B 425 20.42 6.69 15.35
N ASN B 426 19.46 7.14 14.54
CA ASN B 426 19.11 8.57 14.38
C ASN B 426 18.51 9.07 15.68
N TYR B 427 17.35 8.48 16.04
CA TYR B 427 16.65 8.78 17.31
C TYR B 427 17.69 8.98 18.40
N ALA B 428 18.63 8.03 18.51
CA ALA B 428 19.65 7.94 19.58
C ALA B 428 20.73 9.00 19.41
N LYS B 429 21.20 9.25 18.18
CA LYS B 429 22.27 10.26 17.97
C LYS B 429 21.69 11.63 18.31
N GLU B 430 20.44 11.91 17.90
CA GLU B 430 19.74 13.16 18.28
C GLU B 430 19.83 13.36 19.80
N LEU B 431 19.46 12.35 20.57
CA LEU B 431 19.34 12.47 22.06
C LEU B 431 20.72 12.30 22.72
N GLY B 432 21.75 11.99 21.92
CA GLY B 432 23.15 11.96 22.36
C GLY B 432 23.45 10.80 23.30
N ILE B 433 22.65 9.74 23.18
CA ILE B 433 22.79 8.47 23.96
C ILE B 433 23.32 7.40 23.01
N PRO B 434 23.92 6.31 23.50
CA PRO B 434 24.16 5.14 22.67
C PRO B 434 22.82 4.61 22.12
N TRP B 435 22.79 4.02 20.92
CA TRP B 435 21.56 3.54 20.25
C TRP B 435 21.16 2.18 20.78
N GLY B 436 19.94 1.74 20.42
CA GLY B 436 19.49 0.36 20.69
C GLY B 436 18.50 0.33 21.83
N ILE B 437 17.53 1.23 21.79
CA ILE B 437 16.44 1.34 22.79
C ILE B 437 15.57 0.10 22.58
N SER B 438 15.27 -0.62 23.67
CA SER B 438 14.42 -1.83 23.60
C SER B 438 13.92 -2.17 25.01
N GLU B 439 13.02 -3.17 25.09
CA GLU B 439 12.40 -3.67 26.34
C GLU B 439 13.51 -4.05 27.31
N SER B 440 13.67 -3.28 28.40
CA SER B 440 14.79 -3.38 29.37
C SER B 440 14.34 -2.90 30.74
N GLY B 441 15.19 -3.09 31.74
CA GLY B 441 15.00 -2.46 33.06
C GLY B 441 15.30 -0.97 32.97
N PHE B 442 14.95 -0.22 34.02
CA PHE B 442 15.26 1.22 34.19
C PHE B 442 15.31 1.59 35.68
N TYR B 443 15.84 2.78 35.98
CA TYR B 443 16.23 3.18 37.34
C TYR B 443 14.98 3.61 38.12
N ALA B 444 14.10 2.66 38.39
CA ALA B 444 13.04 2.77 39.43
C ALA B 444 12.69 1.35 39.88
N PHE B 445 12.05 1.25 41.05
CA PHE B 445 12.04 0.02 41.87
C PHE B 445 10.72 -0.11 42.64
N ASP B 446 10.42 -1.35 43.00
CA ASP B 446 9.25 -1.75 43.84
C ASP B 446 9.64 -1.63 45.30
N MET B 447 8.70 -1.90 46.20
CA MET B 447 8.89 -1.71 47.66
C MET B 447 10.11 -2.51 48.13
N ASN B 448 10.63 -3.45 47.34
CA ASN B 448 11.81 -4.28 47.73
C ASN B 448 13.09 -3.76 47.08
N LEU B 449 13.01 -2.70 46.26
CA LEU B 449 14.18 -2.16 45.52
C LEU B 449 14.62 -3.15 44.43
N ASN B 450 13.68 -3.65 43.63
CA ASN B 450 14.01 -4.41 42.38
C ASN B 450 13.71 -3.56 41.16
N TYR B 451 14.69 -3.42 40.26
CA TYR B 451 14.57 -2.66 39.00
C TYR B 451 13.26 -3.04 38.30
N GLN B 452 12.45 -2.05 37.92
CA GLN B 452 11.28 -2.15 37.00
C GLN B 452 11.77 -2.50 35.58
N TYR B 453 10.93 -3.13 34.76
CA TYR B 453 11.30 -3.69 33.43
C TYR B 453 10.11 -3.51 32.49
N LYS B 454 10.27 -2.72 31.41
CA LYS B 454 9.14 -2.29 30.53
C LYS B 454 9.62 -2.07 29.11
N ALA B 455 8.66 -1.89 28.21
CA ALA B 455 8.88 -1.89 26.75
C ALA B 455 9.27 -0.47 26.31
N PHE B 456 10.53 -0.27 25.92
CA PHE B 456 11.04 1.03 25.43
C PHE B 456 11.35 0.88 23.96
N GLY B 457 10.46 1.42 23.12
CA GLY B 457 10.66 1.41 21.67
C GLY B 457 11.15 2.77 21.22
N VAL B 458 11.35 2.92 19.91
CA VAL B 458 11.52 4.24 19.24
C VAL B 458 10.18 4.59 18.59
N PRO B 459 9.63 5.80 18.85
CA PRO B 459 8.28 6.14 18.43
C PRO B 459 8.05 6.16 16.92
N SER B 460 9.14 6.29 16.15
CA SER B 460 9.17 6.23 14.65
C SER B 460 8.70 4.84 14.20
N LEU B 461 9.44 3.80 14.58
CA LEU B 461 9.14 2.36 14.31
C LEU B 461 7.94 1.92 15.16
N GLY B 462 7.45 2.86 15.95
CA GLY B 462 6.57 2.67 17.11
C GLY B 462 5.17 3.07 16.74
N LEU B 463 4.44 2.12 16.19
CA LEU B 463 2.97 2.08 16.26
C LEU B 463 2.56 2.08 17.73
N LYS B 464 1.76 3.06 18.15
CA LYS B 464 1.17 3.15 19.51
C LYS B 464 2.10 3.94 20.43
N ARG B 465 3.42 3.78 20.24
CA ARG B 465 4.53 4.23 21.15
C ARG B 465 4.10 5.40 22.06
N GLY B 466 3.65 6.52 21.46
CA GLY B 466 3.15 7.71 22.17
C GLY B 466 4.30 8.50 22.79
N LEU B 467 5.37 8.71 21.99
CA LEU B 467 6.55 9.61 22.22
C LEU B 467 7.26 9.30 23.57
N SER B 468 7.58 8.01 23.83
CA SER B 468 8.22 7.53 25.09
C SER B 468 9.46 8.38 25.38
N HIS B 469 9.29 9.57 25.96
CA HIS B 469 10.36 10.53 26.38
C HIS B 469 11.44 9.85 27.25
N ASP B 470 11.07 8.77 27.90
CA ASP B 470 11.98 7.72 28.45
C ASP B 470 13.18 7.48 27.53
N LYS B 471 14.40 7.68 28.01
CA LYS B 471 15.66 7.42 27.25
C LYS B 471 16.40 6.26 27.94
N VAL B 472 15.91 5.05 27.72
CA VAL B 472 16.47 3.80 28.30
C VAL B 472 17.14 2.99 27.18
N VAL B 473 18.45 3.13 27.09
CA VAL B 473 19.28 2.36 26.14
C VAL B 473 19.69 1.06 26.84
N ALA B 474 19.25 -0.08 26.30
CA ALA B 474 19.73 -1.41 26.70
C ALA B 474 20.77 -1.90 25.70
N PRO B 475 21.97 -2.33 26.15
CA PRO B 475 22.98 -2.80 25.21
C PRO B 475 22.47 -4.05 24.48
N TYR B 476 21.68 -4.90 25.15
CA TYR B 476 21.30 -6.21 24.55
C TYR B 476 20.79 -5.96 23.15
N GLY B 477 19.93 -4.95 22.97
CA GLY B 477 19.30 -4.55 21.69
C GLY B 477 20.31 -4.11 20.64
N SER B 478 21.32 -3.32 21.03
CA SER B 478 22.45 -2.86 20.18
C SER B 478 23.17 -4.07 19.58
N LEU B 479 23.59 -4.99 20.45
CA LEU B 479 24.33 -6.22 20.07
C LEU B 479 23.45 -7.17 19.27
N LEU B 480 22.16 -7.22 19.52
CA LEU B 480 21.24 -8.12 18.77
C LEU B 480 21.27 -7.81 17.28
N ALA B 481 21.92 -6.72 16.88
CA ALA B 481 22.07 -6.27 15.49
C ALA B 481 23.55 -6.28 15.06
N ILE B 482 24.47 -6.81 15.88
CA ILE B 482 25.92 -6.91 15.47
C ILE B 482 25.93 -7.38 14.02
N GLY B 483 25.17 -8.44 13.73
CA GLY B 483 25.00 -9.00 12.38
C GLY B 483 25.03 -7.88 11.36
N VAL B 484 24.14 -6.90 11.52
CA VAL B 484 23.90 -5.83 10.51
C VAL B 484 25.02 -4.79 10.58
N ASP B 485 24.95 -3.84 11.51
CA ASP B 485 25.86 -2.68 11.53
C ASP B 485 26.97 -2.93 12.53
N VAL B 486 27.83 -3.93 12.29
CA VAL B 486 28.93 -4.29 13.23
C VAL B 486 29.71 -3.02 13.57
N GLU B 487 30.05 -2.21 12.56
CA GLU B 487 30.66 -0.89 12.78
C GLU B 487 29.92 -0.20 13.95
N GLY B 488 28.65 0.16 13.72
CA GLY B 488 27.79 0.86 14.70
C GLY B 488 27.87 0.23 16.09
N VAL B 489 27.61 -1.08 16.18
CA VAL B 489 27.57 -1.84 17.45
C VAL B 489 28.92 -1.65 18.15
N LEU B 490 30.03 -1.78 17.42
CA LEU B 490 31.37 -1.59 18.03
C LEU B 490 31.40 -0.21 18.70
N GLN B 491 31.05 0.86 17.98
CA GLN B 491 31.04 2.24 18.54
C GLN B 491 30.26 2.20 19.85
N ASN B 492 28.99 1.81 19.77
CA ASN B 492 28.10 1.69 20.96
C ASN B 492 28.85 1.01 22.11
N ILE B 493 29.57 -0.07 21.84
CA ILE B 493 30.29 -0.86 22.89
C ILE B 493 31.34 0.02 23.56
N ARG B 494 32.16 0.73 22.79
CA ARG B 494 33.08 1.75 23.37
C ARG B 494 32.26 2.72 24.22
N PHE B 495 31.27 3.38 23.63
CA PHE B 495 30.34 4.34 24.29
C PHE B 495 29.73 3.75 25.57
N PHE B 496 29.39 2.46 25.56
CA PHE B 496 28.88 1.71 26.75
C PHE B 496 29.98 1.60 27.81
N LYS B 497 31.22 1.24 27.43
CA LYS B 497 32.35 1.12 28.40
C LYS B 497 32.64 2.50 28.99
N LYS B 498 32.73 3.54 28.15
CA LYS B 498 32.95 4.97 28.55
C LYS B 498 31.88 5.36 29.58
N GLU B 499 30.60 5.08 29.29
CA GLU B 499 29.46 5.37 30.18
C GLU B 499 29.36 4.29 31.26
N GLY B 500 30.27 3.31 31.29
CA GLY B 500 30.53 2.41 32.43
C GLY B 500 29.64 1.17 32.50
N ALA B 501 28.98 0.78 31.41
CA ALA B 501 27.99 -0.32 31.38
C ALA B 501 28.70 -1.67 31.42
N GLU B 502 30.01 -1.70 31.13
CA GLU B 502 30.84 -2.95 31.18
C GLU B 502 30.87 -3.39 32.65
N GLY B 503 30.66 -4.69 32.90
CA GLY B 503 30.54 -5.30 34.25
C GLY B 503 31.01 -6.74 34.27
N LYS B 504 30.75 -7.44 35.37
CA LYS B 504 31.26 -8.81 35.65
C LYS B 504 30.80 -9.78 34.57
N TYR B 505 29.51 -9.74 34.27
CA TYR B 505 28.78 -10.65 33.36
C TYR B 505 28.49 -9.95 32.03
N GLY B 506 29.38 -9.05 31.59
CA GLY B 506 29.27 -8.40 30.27
C GLY B 506 28.74 -6.99 30.40
N PHE B 507 27.64 -6.66 29.71
CA PHE B 507 27.03 -5.29 29.77
C PHE B 507 25.84 -5.32 30.72
N TYR B 508 25.74 -4.32 31.61
CA TYR B 508 24.63 -4.18 32.58
C TYR B 508 23.32 -4.11 31.79
N GLU B 509 22.22 -4.54 32.40
CA GLU B 509 20.90 -4.65 31.72
C GLU B 509 20.72 -3.46 30.76
N ALA B 510 20.75 -2.23 31.30
CA ALA B 510 20.49 -0.97 30.56
C ALA B 510 21.16 0.23 31.24
N ILE B 511 21.22 1.33 30.51
CA ILE B 511 21.55 2.69 31.02
C ILE B 511 20.30 3.56 30.90
N ASP B 512 19.93 4.16 32.01
CA ASP B 512 18.76 5.06 32.12
C ASP B 512 19.26 6.49 32.10
N TYR B 513 18.99 7.21 31.03
CA TYR B 513 19.37 8.64 30.85
C TYR B 513 18.20 9.53 31.26
N THR B 514 17.06 8.91 31.61
CA THR B 514 15.76 9.62 31.78
C THR B 514 15.88 10.68 32.85
N PRO B 515 15.56 11.97 32.52
CA PRO B 515 15.64 13.05 33.49
C PRO B 515 14.92 12.66 34.78
N GLU B 516 13.63 12.32 34.67
CA GLU B 516 12.69 12.04 35.81
C GLU B 516 13.36 11.13 36.85
N ARG B 517 14.11 10.13 36.39
CA ARG B 517 14.56 9.00 37.24
C ARG B 517 16.04 9.09 37.58
N VAL B 518 16.83 9.86 36.83
CA VAL B 518 18.28 10.00 37.13
C VAL B 518 18.40 10.76 38.45
N PRO B 519 19.23 10.27 39.40
CA PRO B 519 19.59 11.00 40.60
C PRO B 519 20.20 12.34 40.20
N PHE B 520 19.72 13.43 40.79
CA PHE B 520 20.05 14.83 40.38
C PHE B 520 21.56 14.98 40.25
N GLY B 521 21.99 15.71 39.22
CA GLY B 521 23.41 15.98 38.93
C GLY B 521 24.21 14.71 38.68
N LYS B 522 23.59 13.75 38.00
CA LYS B 522 24.29 12.58 37.38
C LYS B 522 23.82 12.51 35.94
N LYS B 523 24.70 12.11 35.02
CA LYS B 523 24.40 12.07 33.55
C LYS B 523 23.35 10.99 33.29
N SER B 524 23.34 9.93 34.11
CA SER B 524 22.69 8.65 33.75
C SER B 524 22.70 7.75 34.98
N ALA B 525 21.76 6.81 35.04
CA ALA B 525 21.65 5.81 36.13
C ALA B 525 21.83 4.42 35.55
N ILE B 526 23.01 3.80 35.67
CA ILE B 526 23.20 2.43 35.16
C ILE B 526 22.33 1.50 35.98
N VAL B 527 21.53 0.71 35.29
CA VAL B 527 20.69 -0.38 35.87
C VAL B 527 21.64 -1.53 36.16
N LYS B 528 22.23 -1.50 37.36
CA LYS B 528 23.24 -2.49 37.80
C LYS B 528 22.55 -3.84 38.00
N SER B 529 22.32 -4.53 36.90
CA SER B 529 21.56 -5.80 36.80
C SER B 529 22.08 -6.64 35.63
N PHE B 530 21.84 -7.95 35.64
CA PHE B 530 22.09 -8.87 34.49
C PHE B 530 20.91 -9.81 34.34
N MET B 531 20.23 -9.74 33.19
CA MET B 531 19.00 -10.53 32.95
C MET B 531 19.34 -11.71 32.03
N ALA B 532 19.05 -12.94 32.47
CA ALA B 532 19.45 -14.23 31.84
C ALA B 532 19.06 -14.25 30.37
N HIS B 533 17.81 -13.89 30.07
CA HIS B 533 17.28 -13.89 28.69
C HIS B 533 18.11 -12.95 27.81
N HIS B 534 18.30 -11.69 28.24
CA HIS B 534 19.11 -10.69 27.49
C HIS B 534 20.54 -11.20 27.36
N GLN B 535 21.10 -11.69 28.47
CA GLN B 535 22.48 -12.23 28.54
C GLN B 535 22.63 -13.25 27.41
N GLY B 536 21.69 -14.20 27.33
CA GLY B 536 21.63 -15.22 26.27
C GLY B 536 21.71 -14.62 24.88
N MET B 537 20.75 -13.74 24.55
CA MET B 537 20.67 -13.04 23.24
C MET B 537 22.04 -12.48 22.90
N VAL B 538 22.64 -11.71 23.79
CA VAL B 538 23.98 -11.10 23.57
C VAL B 538 24.96 -12.22 23.21
N PHE B 539 25.02 -13.27 24.03
CA PHE B 539 25.99 -14.37 23.90
C PHE B 539 25.85 -15.00 22.52
N VAL B 540 24.63 -15.48 22.24
CA VAL B 540 24.26 -16.16 20.97
C VAL B 540 24.58 -15.21 19.81
N ALA B 541 24.00 -14.01 19.83
CA ALA B 541 24.19 -12.96 18.79
C ALA B 541 25.68 -12.81 18.48
N LEU B 542 26.51 -12.78 19.53
CA LEU B 542 27.99 -12.67 19.38
C LEU B 542 28.49 -13.91 18.66
N ASP B 543 28.27 -15.10 19.22
CA ASP B 543 28.58 -16.40 18.55
C ASP B 543 28.22 -16.25 17.07
N ASN B 544 26.93 -16.01 16.77
CA ASN B 544 26.44 -15.82 15.39
C ASN B 544 27.41 -14.95 14.60
N PHE B 545 27.69 -13.75 15.10
CA PHE B 545 28.61 -12.81 14.42
C PHE B 545 29.98 -13.46 14.17
N ILE B 546 30.55 -14.12 15.20
CA ILE B 546 31.94 -14.65 15.18
C ILE B 546 32.03 -15.86 14.26
N ASN B 547 31.21 -16.90 14.50
CA ASN B 547 31.25 -18.17 13.72
C ASN B 547 30.15 -18.13 12.63
N ASN B 548 30.17 -17.07 11.83
CA ASN B 548 29.33 -16.86 10.63
C ASN B 548 27.94 -17.50 10.80
N ASN B 549 27.01 -16.71 11.34
CA ASN B 549 25.58 -17.04 11.60
C ASN B 549 25.40 -18.56 11.75
N VAL B 550 26.24 -19.20 12.58
CA VAL B 550 26.18 -20.68 12.84
C VAL B 550 24.76 -21.07 13.24
N MET B 551 24.29 -20.58 14.39
CA MET B 551 23.01 -20.99 15.02
C MET B 551 21.91 -20.93 13.97
N GLN B 552 21.96 -19.92 13.08
CA GLN B 552 21.03 -19.74 11.95
C GLN B 552 21.03 -21.01 11.10
N LYS B 553 22.21 -21.38 10.61
CA LYS B 553 22.41 -22.49 9.65
C LYS B 553 22.02 -23.80 10.32
N ARG B 554 22.15 -23.90 11.64
CA ARG B 554 21.74 -25.09 12.44
C ARG B 554 20.22 -25.22 12.50
N PHE B 555 19.52 -24.11 12.78
CA PHE B 555 18.03 -24.06 12.85
C PHE B 555 17.48 -24.49 11.50
N HIS B 556 18.13 -24.08 10.42
CA HIS B 556 17.72 -24.34 9.02
C HIS B 556 18.22 -25.71 8.54
N LYS B 557 19.16 -26.33 9.28
CA LYS B 557 19.50 -27.76 9.11
C LYS B 557 18.24 -28.59 9.41
N ASP B 558 17.29 -28.09 10.22
CA ASP B 558 16.04 -28.86 10.49
C ASP B 558 15.25 -28.93 9.20
N PRO B 559 14.78 -30.14 8.82
CA PRO B 559 13.96 -30.32 7.62
C PRO B 559 12.68 -29.47 7.57
N ARG B 560 11.83 -29.57 8.59
CA ARG B 560 10.53 -28.85 8.68
C ARG B 560 10.76 -27.35 8.48
N ILE B 561 11.91 -26.84 8.97
CA ILE B 561 12.37 -25.43 8.82
C ILE B 561 12.79 -25.19 7.37
N LYS B 562 13.61 -26.09 6.81
CA LYS B 562 14.06 -26.05 5.39
C LYS B 562 12.83 -26.02 4.48
N ALA B 563 11.77 -26.75 4.86
CA ALA B 563 10.47 -26.76 4.13
C ALA B 563 9.95 -25.33 3.95
N ALA B 564 9.97 -24.53 5.02
CA ALA B 564 9.28 -23.21 5.11
C ALA B 564 10.22 -22.07 4.71
N GLN B 565 11.52 -22.34 4.62
CA GLN B 565 12.54 -21.27 4.71
C GLN B 565 12.35 -20.27 3.57
N ILE B 566 11.62 -20.68 2.53
CA ILE B 566 11.26 -19.80 1.38
C ILE B 566 10.43 -18.59 1.86
N LEU B 567 9.71 -18.71 2.97
CA LEU B 567 8.87 -17.62 3.53
C LEU B 567 9.67 -16.34 3.76
N LEU B 568 10.95 -16.50 4.14
CA LEU B 568 11.80 -15.35 4.56
C LEU B 568 12.24 -14.59 3.31
N GLN B 569 12.15 -15.25 2.14
CA GLN B 569 12.64 -14.75 0.84
C GLN B 569 11.58 -13.92 0.12
N GLU B 570 10.45 -13.69 0.79
CA GLU B 570 9.46 -12.65 0.43
C GLU B 570 10.17 -11.37 0.00
N LYS B 571 9.95 -10.89 -1.24
CA LYS B 571 10.65 -9.70 -1.82
C LYS B 571 9.79 -8.44 -1.59
N MET B 572 10.46 -7.29 -1.53
CA MET B 572 9.87 -5.97 -1.18
C MET B 572 9.06 -5.45 -2.36
N PRO B 573 7.76 -5.17 -2.21
CA PRO B 573 6.90 -4.93 -3.38
C PRO B 573 7.32 -3.70 -4.20
N MET B 574 7.03 -3.75 -5.51
CA MET B 574 7.50 -2.74 -6.51
C MET B 574 6.56 -1.54 -6.50
N TYR B 575 5.25 -1.79 -6.44
CA TYR B 575 4.21 -0.73 -6.53
C TYR B 575 3.24 -0.90 -5.36
N LEU B 576 2.45 0.13 -5.01
CA LEU B 576 1.65 0.11 -3.76
C LEU B 576 0.39 1.00 -3.84
N ASP B 577 -0.79 0.42 -4.09
CA ASP B 577 -2.00 1.22 -4.44
C ASP B 577 -2.45 1.97 -3.19
N ILE B 578 -2.13 3.27 -3.07
CA ILE B 578 -2.49 4.14 -1.90
C ILE B 578 -4.01 4.38 -1.82
N THR B 579 -4.69 4.47 -2.96
CA THR B 579 -6.15 4.65 -3.11
C THR B 579 -6.94 3.96 -1.98
N ARG B 580 -7.82 4.70 -1.30
CA ARG B 580 -8.60 4.18 -0.13
C ARG B 580 -9.99 3.78 -0.62
N THR C 8 19.73 29.47 -9.89
CA THR C 8 19.17 30.61 -10.67
C THR C 8 19.79 30.64 -12.08
N VAL C 9 19.05 31.27 -12.97
CA VAL C 9 19.32 31.33 -14.43
C VAL C 9 20.06 32.62 -14.75
N SER C 10 21.11 32.51 -15.57
CA SER C 10 21.92 33.63 -16.11
C SER C 10 21.11 34.44 -17.12
N GLN C 11 21.30 35.77 -17.16
CA GLN C 11 20.70 36.69 -18.16
C GLN C 11 20.85 36.04 -19.53
N GLU C 12 22.07 35.62 -19.88
CA GLU C 12 22.36 34.90 -21.15
C GLU C 12 21.35 33.74 -21.27
N GLU C 13 21.32 32.83 -20.27
CA GLU C 13 20.42 31.64 -20.25
C GLU C 13 19.00 32.12 -20.58
N MET C 14 18.43 32.98 -19.73
CA MET C 14 17.07 33.54 -19.91
C MET C 14 16.89 33.97 -21.36
N GLU C 15 17.75 34.88 -21.84
CA GLU C 15 17.56 35.52 -23.17
C GLU C 15 17.43 34.41 -24.21
N GLU C 16 18.15 33.30 -24.07
CA GLU C 16 18.02 32.07 -24.91
C GLU C 16 16.58 31.57 -24.80
N LEU C 17 16.13 31.28 -23.57
CA LEU C 17 14.78 30.73 -23.29
C LEU C 17 13.73 31.66 -23.91
N ARG C 18 13.92 32.97 -23.73
CA ARG C 18 13.03 34.03 -24.26
C ARG C 18 12.97 33.89 -25.79
N LEU C 19 14.13 33.86 -26.47
CA LEU C 19 14.23 33.73 -27.95
C LEU C 19 13.41 32.51 -28.39
N VAL C 20 13.60 31.39 -27.70
CA VAL C 20 12.95 30.09 -28.03
C VAL C 20 11.44 30.28 -27.90
N ALA C 21 11.00 30.94 -26.82
CA ALA C 21 9.60 31.35 -26.61
C ALA C 21 9.12 32.10 -27.85
N ARG C 22 9.86 33.13 -28.25
CA ARG C 22 9.55 33.99 -29.42
C ARG C 22 9.39 33.11 -30.67
N LYS C 23 10.44 32.37 -31.02
CA LYS C 23 10.41 31.44 -32.17
C LYS C 23 9.17 30.56 -32.04
N THR C 24 8.92 29.99 -30.86
CA THR C 24 7.79 29.05 -30.62
C THR C 24 6.47 29.77 -30.88
N TRP C 25 6.31 30.97 -30.32
CA TRP C 25 5.09 31.81 -30.51
C TRP C 25 4.86 32.00 -32.02
N ARG C 26 5.95 32.19 -32.74
CA ARG C 26 5.90 32.47 -34.21
C ARG C 26 4.92 31.48 -34.84
N TYR C 27 4.97 30.19 -34.48
CA TYR C 27 4.06 29.17 -35.06
C TYR C 27 2.68 29.82 -35.22
N PHE C 28 2.14 30.35 -34.12
CA PHE C 28 0.75 30.88 -34.05
C PHE C 28 0.63 32.16 -34.87
N GLU C 29 1.57 33.09 -34.65
CA GLU C 29 1.69 34.30 -35.50
C GLU C 29 1.37 33.90 -36.95
N ASP C 30 2.11 32.90 -37.44
CA ASP C 30 2.30 32.61 -38.88
C ASP C 30 1.13 31.75 -39.38
N PHE C 31 0.63 30.78 -38.62
CA PHE C 31 -0.32 29.76 -39.15
C PHE C 31 -1.76 29.96 -38.66
N VAL C 32 -1.97 30.83 -37.67
CA VAL C 32 -3.35 31.21 -37.23
C VAL C 32 -3.78 32.35 -38.13
N THR C 33 -4.53 32.03 -39.19
CA THR C 33 -4.93 32.94 -40.29
C THR C 33 -6.44 33.15 -40.26
N GLU C 34 -6.91 34.25 -40.85
CA GLU C 34 -8.33 34.41 -41.26
C GLU C 34 -8.81 33.09 -41.88
N GLY C 35 -8.02 32.51 -42.79
CA GLY C 35 -8.38 31.29 -43.55
C GLY C 35 -8.64 30.10 -42.65
N GLN C 36 -7.89 29.97 -41.55
CA GLN C 36 -8.04 28.87 -40.57
C GLN C 36 -9.13 29.26 -39.55
N ASN C 37 -9.96 30.25 -39.88
CA ASN C 37 -11.05 30.78 -39.02
C ASN C 37 -10.46 31.16 -37.65
N TYR C 38 -9.21 31.62 -37.63
CA TYR C 38 -8.47 32.10 -36.43
C TYR C 38 -8.24 30.97 -35.41
N LEU C 39 -8.21 29.73 -35.90
CA LEU C 39 -7.82 28.53 -35.11
C LEU C 39 -6.39 28.16 -35.50
N PRO C 40 -5.63 27.51 -34.60
CA PRO C 40 -4.33 26.94 -34.97
C PRO C 40 -4.56 25.58 -35.61
N PRO C 41 -3.92 25.32 -36.76
CA PRO C 41 -3.92 23.98 -37.36
C PRO C 41 -3.03 22.97 -36.62
N ASP C 42 -3.45 21.69 -36.52
CA ASP C 42 -2.74 20.67 -35.69
C ASP C 42 -1.23 20.88 -35.83
N ASN C 43 -0.71 20.94 -37.05
CA ASN C 43 0.76 20.90 -37.28
C ASN C 43 1.14 21.54 -38.62
N PHE C 44 2.42 21.86 -38.76
CA PHE C 44 3.09 22.16 -40.05
C PHE C 44 4.34 21.26 -40.20
N GLN C 45 4.37 20.47 -41.28
CA GLN C 45 5.45 19.51 -41.62
C GLN C 45 6.41 20.19 -42.61
N GLU C 46 7.70 20.24 -42.27
CA GLU C 46 8.74 20.90 -43.09
C GLU C 46 9.27 19.90 -44.11
N ASP C 47 10.07 18.89 -43.69
CA ASP C 47 11.02 18.15 -44.57
C ASP C 47 10.20 17.44 -45.63
N PRO C 48 9.34 16.47 -45.28
CA PRO C 48 8.24 16.11 -46.16
C PRO C 48 7.36 17.36 -46.14
N PRO C 49 7.27 18.15 -47.23
CA PRO C 49 6.74 19.50 -47.16
C PRO C 49 5.21 19.55 -47.31
N ASN C 50 4.50 18.54 -46.79
CA ASN C 50 3.02 18.40 -47.00
C ASN C 50 2.32 19.63 -46.41
N GLY C 51 3.08 20.49 -45.74
CA GLY C 51 2.66 21.85 -45.38
C GLY C 51 1.91 21.85 -44.05
N VAL C 52 0.71 22.45 -44.02
CA VAL C 52 -0.11 22.55 -42.80
C VAL C 52 -1.26 21.56 -42.93
N ALA C 53 -1.56 20.83 -41.84
CA ALA C 53 -2.84 20.12 -41.69
C ALA C 53 -3.92 21.15 -41.36
N GLU C 54 -5.11 21.01 -41.94
CA GLU C 54 -6.18 22.03 -41.90
C GLU C 54 -7.23 21.59 -40.86
N ARG C 55 -6.79 20.84 -39.86
CA ARG C 55 -7.61 20.28 -38.76
C ARG C 55 -7.10 20.92 -37.46
N THR C 56 -7.93 20.92 -36.41
CA THR C 56 -7.54 21.43 -35.08
C THR C 56 -8.42 20.76 -34.00
N SER C 57 -7.85 20.56 -32.80
CA SER C 57 -8.48 19.91 -31.64
C SER C 57 -8.85 20.98 -30.62
N PRO C 58 -9.88 20.73 -29.78
CA PRO C 58 -10.21 21.62 -28.67
C PRO C 58 -8.95 22.11 -27.96
N THR C 59 -8.05 21.16 -27.66
CA THR C 59 -6.77 21.37 -26.93
C THR C 59 -5.93 22.42 -27.67
N ASN C 60 -5.62 22.15 -28.94
CA ASN C 60 -4.90 23.08 -29.82
C ASN C 60 -5.42 24.49 -29.55
N ILE C 61 -6.73 24.65 -29.69
CA ILE C 61 -7.46 25.95 -29.68
C ILE C 61 -7.20 26.61 -28.33
N GLY C 62 -7.47 25.88 -27.25
CA GLY C 62 -7.26 26.35 -25.87
C GLY C 62 -5.85 26.86 -25.71
N LEU C 63 -4.87 26.02 -26.09
CA LEU C 63 -3.43 26.34 -25.90
C LEU C 63 -3.08 27.61 -26.68
N TYR C 64 -3.66 27.84 -27.87
CA TYR C 64 -3.43 29.09 -28.64
C TYR C 64 -3.93 30.27 -27.80
N LEU C 65 -5.17 30.20 -27.30
CA LEU C 65 -5.84 31.28 -26.53
C LEU C 65 -4.97 31.69 -25.33
N VAL C 66 -4.56 30.71 -24.52
CA VAL C 66 -3.68 30.96 -23.34
C VAL C 66 -2.30 31.41 -23.82
N SER C 67 -1.84 30.94 -24.99
CA SER C 67 -0.57 31.40 -25.61
C SER C 67 -0.68 32.89 -25.94
N VAL C 68 -1.79 33.29 -26.55
CA VAL C 68 -2.05 34.72 -26.87
C VAL C 68 -1.77 35.54 -25.62
N ILE C 69 -2.43 35.21 -24.52
CA ILE C 69 -2.22 35.89 -23.20
C ILE C 69 -0.71 35.87 -22.93
N GLY C 70 -0.11 34.68 -22.98
CA GLY C 70 1.33 34.45 -22.77
C GLY C 70 2.18 35.36 -23.64
N ALA C 71 1.76 35.58 -24.90
CA ALA C 71 2.44 36.49 -25.85
C ALA C 71 2.58 37.86 -25.17
N ARG C 72 1.45 38.45 -24.81
CA ARG C 72 1.40 39.78 -24.15
C ARG C 72 2.34 39.72 -22.93
N ASP C 73 2.29 38.65 -22.12
CA ASP C 73 3.13 38.52 -20.89
C ASP C 73 4.61 38.79 -21.22
N LEU C 74 5.11 38.26 -22.34
CA LEU C 74 6.53 38.38 -22.73
C LEU C 74 6.76 39.68 -23.51
N GLY C 75 5.70 40.26 -24.06
CA GLY C 75 5.73 41.56 -24.76
C GLY C 75 5.69 41.39 -26.26
N TYR C 76 5.21 40.24 -26.74
CA TYR C 76 5.27 39.83 -28.17
C TYR C 76 4.04 40.39 -28.89
N ILE C 77 2.98 40.72 -28.17
CA ILE C 77 1.83 41.46 -28.76
C ILE C 77 1.51 42.65 -27.86
N THR C 78 0.62 43.51 -28.35
CA THR C 78 0.09 44.70 -27.65
C THR C 78 -1.24 44.32 -27.00
N THR C 79 -1.61 45.04 -25.94
CA THR C 79 -2.86 44.78 -25.18
C THR C 79 -4.02 44.65 -26.18
N THR C 80 -4.11 45.60 -27.11
CA THR C 80 -5.15 45.65 -28.16
C THR C 80 -5.04 44.36 -29.00
N GLU C 81 -3.91 44.18 -29.69
CA GLU C 81 -3.62 43.00 -30.55
C GLU C 81 -4.20 41.78 -29.82
N MET C 82 -3.80 41.58 -28.57
CA MET C 82 -4.24 40.44 -27.73
C MET C 82 -5.76 40.29 -27.81
N VAL C 83 -6.49 41.21 -27.18
CA VAL C 83 -7.97 41.17 -27.06
C VAL C 83 -8.57 40.75 -28.40
N GLU C 84 -8.09 41.38 -29.48
CA GLU C 84 -8.57 41.13 -30.86
C GLU C 84 -8.58 39.62 -31.10
N ARG C 85 -7.39 39.00 -31.18
CA ARG C 85 -7.22 37.56 -31.60
C ARG C 85 -8.17 36.69 -30.78
N ILE C 86 -8.29 36.97 -29.49
CA ILE C 86 -9.16 36.22 -28.55
C ILE C 86 -10.60 36.42 -29.03
N LYS C 87 -11.03 37.68 -29.17
CA LYS C 87 -12.40 37.99 -29.65
C LYS C 87 -12.70 37.10 -30.86
N LYS C 88 -11.93 37.27 -31.94
CA LYS C 88 -12.15 36.57 -33.24
C LYS C 88 -12.25 35.06 -33.01
N THR C 89 -11.19 34.49 -32.40
CA THR C 89 -11.07 33.04 -32.13
C THR C 89 -12.35 32.60 -31.41
N LEU C 90 -12.76 33.34 -30.38
CA LEU C 90 -13.98 33.04 -29.61
C LEU C 90 -15.21 33.14 -30.51
N ASP C 91 -15.31 34.19 -31.34
CA ASP C 91 -16.42 34.37 -32.30
C ASP C 91 -16.58 33.05 -33.05
N THR C 92 -15.45 32.50 -33.52
CA THR C 92 -15.36 31.19 -34.23
C THR C 92 -15.92 30.08 -33.34
N ILE C 93 -15.38 29.98 -32.13
CA ILE C 93 -15.78 28.93 -31.16
C ILE C 93 -17.30 29.00 -30.96
N GLU C 94 -17.86 30.19 -30.69
CA GLU C 94 -19.31 30.40 -30.42
C GLU C 94 -20.13 29.83 -31.58
N LYS C 95 -19.53 29.66 -32.76
CA LYS C 95 -20.21 29.06 -33.94
C LYS C 95 -20.11 27.53 -33.89
N MET C 96 -18.94 26.96 -33.58
CA MET C 96 -18.56 25.53 -33.78
C MET C 96 -19.65 24.59 -33.24
N GLU C 97 -20.16 23.66 -34.09
CA GLU C 97 -21.21 22.64 -33.73
C GLU C 97 -20.72 21.97 -32.43
N LYS C 98 -21.43 22.20 -31.32
CA LYS C 98 -21.06 21.68 -29.98
C LYS C 98 -21.91 20.45 -29.67
N TRP C 99 -21.61 19.78 -28.55
CA TRP C 99 -22.33 18.60 -28.01
C TRP C 99 -22.46 18.76 -26.50
N ASN C 100 -23.65 19.09 -26.00
CA ASN C 100 -23.88 19.39 -24.56
C ASN C 100 -22.91 20.49 -24.10
N GLY C 101 -22.56 21.43 -24.98
CA GLY C 101 -21.63 22.54 -24.69
C GLY C 101 -20.17 22.13 -24.75
N HIS C 102 -19.86 20.97 -25.34
CA HIS C 102 -18.49 20.46 -25.62
C HIS C 102 -18.08 20.79 -27.05
N LEU C 103 -16.80 21.06 -27.28
CA LEU C 103 -16.23 21.00 -28.65
C LEU C 103 -16.03 19.53 -29.01
N TYR C 104 -16.06 19.24 -30.30
CA TYR C 104 -15.83 17.88 -30.85
C TYR C 104 -14.32 17.59 -30.80
N ASN C 105 -14.01 16.30 -30.91
CA ASN C 105 -12.66 15.70 -30.98
C ASN C 105 -11.76 16.54 -31.89
N TRP C 106 -12.22 16.75 -33.14
CA TRP C 106 -11.52 17.53 -34.19
C TRP C 106 -12.50 18.37 -35.02
N TYR C 107 -12.07 19.56 -35.43
CA TYR C 107 -12.77 20.35 -36.49
C TYR C 107 -11.79 20.57 -37.64
N ASN C 108 -12.32 20.89 -38.81
CA ASN C 108 -11.54 21.41 -39.95
C ASN C 108 -11.38 22.92 -39.76
N THR C 109 -10.16 23.44 -39.89
CA THR C 109 -9.82 24.89 -39.73
C THR C 109 -10.62 25.79 -40.70
N LYS C 110 -11.16 25.25 -41.80
CA LYS C 110 -11.85 26.01 -42.88
C LYS C 110 -13.35 25.69 -42.91
N THR C 111 -13.70 24.39 -42.97
CA THR C 111 -15.11 23.90 -43.02
C THR C 111 -15.77 24.11 -41.64
N LEU C 112 -14.96 24.34 -40.58
CA LEU C 112 -15.38 24.42 -39.16
C LEU C 112 -16.37 23.31 -38.86
N GLU C 113 -16.17 22.14 -39.48
CA GLU C 113 -17.12 21.02 -39.40
C GLU C 113 -16.49 19.99 -38.47
N PRO C 114 -17.30 19.33 -37.61
CA PRO C 114 -16.83 18.14 -36.90
C PRO C 114 -16.18 17.18 -37.90
N LEU C 115 -14.96 16.74 -37.61
CA LEU C 115 -14.21 15.80 -38.49
C LEU C 115 -14.87 14.43 -38.42
N ARG C 116 -14.38 13.48 -39.20
CA ARG C 116 -15.16 12.28 -39.62
C ARG C 116 -15.70 11.56 -38.39
N PRO C 117 -14.85 10.88 -37.58
CA PRO C 117 -15.37 10.03 -36.52
C PRO C 117 -15.98 10.90 -35.41
N TYR C 118 -17.10 11.57 -35.72
CA TYR C 118 -17.87 12.44 -34.80
C TYR C 118 -17.67 11.93 -33.36
N TYR C 119 -16.83 12.61 -32.59
CA TYR C 119 -16.41 12.19 -31.22
C TYR C 119 -16.12 13.40 -30.35
N VAL C 120 -16.39 13.29 -29.04
CA VAL C 120 -16.08 14.32 -28.00
C VAL C 120 -15.11 13.69 -27.00
N SER C 121 -13.92 14.26 -26.83
CA SER C 121 -12.90 13.72 -25.89
C SER C 121 -13.01 14.46 -24.56
N THR C 122 -12.95 13.69 -23.47
CA THR C 122 -12.98 14.17 -22.08
C THR C 122 -11.79 15.10 -21.90
N VAL C 123 -10.61 14.54 -22.11
CA VAL C 123 -9.31 15.23 -21.95
C VAL C 123 -9.39 16.54 -22.74
N ASP C 124 -9.71 16.43 -24.04
CA ASP C 124 -9.77 17.57 -25.01
C ASP C 124 -10.59 18.69 -24.36
N SER C 125 -11.86 18.41 -24.02
CA SER C 125 -12.76 19.36 -23.32
C SER C 125 -12.06 19.83 -22.04
N GLY C 126 -11.78 18.90 -21.12
CA GLY C 126 -11.10 19.16 -19.83
C GLY C 126 -10.01 20.21 -19.96
N ASN C 127 -9.02 19.94 -20.79
CA ASN C 127 -7.89 20.87 -21.02
C ASN C 127 -8.45 22.24 -21.45
N LEU C 128 -9.20 22.25 -22.54
CA LEU C 128 -9.74 23.48 -23.17
C LEU C 128 -10.43 24.35 -22.11
N VAL C 129 -11.38 23.77 -21.39
CA VAL C 129 -12.16 24.48 -20.34
C VAL C 129 -11.17 25.24 -19.46
N GLY C 130 -10.22 24.50 -18.87
CA GLY C 130 -9.14 25.08 -18.04
C GLY C 130 -8.49 26.27 -18.71
N TYR C 131 -8.08 26.11 -19.98
CA TYR C 131 -7.32 27.12 -20.74
C TYR C 131 -8.20 28.37 -20.88
N LEU C 132 -9.51 28.18 -21.04
CA LEU C 132 -10.50 29.29 -21.12
C LEU C 132 -10.55 30.05 -19.78
N ILE C 133 -10.84 29.29 -18.72
CA ILE C 133 -10.94 29.80 -17.32
C ILE C 133 -9.71 30.68 -17.05
N THR C 134 -8.52 30.14 -17.35
CA THR C 134 -7.22 30.85 -17.27
C THR C 134 -7.32 32.22 -17.95
N VAL C 135 -7.71 32.22 -19.22
CA VAL C 135 -7.78 33.45 -20.06
C VAL C 135 -8.76 34.43 -19.41
N LYS C 136 -9.95 33.95 -19.05
CA LYS C 136 -10.96 34.79 -18.36
C LYS C 136 -10.30 35.59 -17.24
N GLU C 137 -9.75 34.89 -16.24
CA GLU C 137 -9.17 35.52 -15.02
C GLU C 137 -7.97 36.41 -15.38
N ALA C 138 -7.30 36.12 -16.49
CA ALA C 138 -6.06 36.80 -16.92
C ALA C 138 -6.40 38.12 -17.64
N ILE C 139 -7.29 38.08 -18.63
CA ILE C 139 -7.50 39.18 -19.63
C ILE C 139 -7.78 40.49 -18.88
N GLY C 140 -8.57 40.42 -17.81
CA GLY C 140 -8.88 41.59 -16.95
C GLY C 140 -7.61 42.39 -16.67
N GLU C 141 -6.55 41.69 -16.25
CA GLU C 141 -5.30 42.30 -15.73
C GLU C 141 -4.88 43.48 -16.60
N PHE C 142 -5.17 43.43 -17.91
CA PHE C 142 -4.55 44.31 -18.94
C PHE C 142 -5.24 45.68 -19.03
N LEU C 143 -6.32 45.88 -18.27
CA LEU C 143 -6.98 47.21 -18.13
C LEU C 143 -6.20 48.08 -17.14
N ASN C 144 -5.41 47.48 -16.25
CA ASN C 144 -4.51 48.23 -15.33
C ASN C 144 -3.05 47.87 -15.59
N LYS C 145 -2.76 47.20 -16.70
CA LYS C 145 -1.38 46.91 -17.14
C LYS C 145 -1.04 47.86 -18.27
N PRO C 146 0.14 48.52 -18.16
CA PRO C 146 0.50 49.64 -19.05
C PRO C 146 0.48 49.26 -20.54
N LEU C 147 -0.21 50.04 -21.37
CA LEU C 147 -0.19 49.90 -22.85
C LEU C 147 1.25 50.09 -23.35
N ILE C 148 2.05 50.87 -22.61
CA ILE C 148 3.54 51.00 -22.74
C ILE C 148 4.21 50.48 -21.49
N ASP C 149 4.59 49.20 -21.48
CA ASP C 149 5.47 48.66 -20.41
C ASP C 149 6.79 48.25 -21.05
N ILE C 150 7.80 48.19 -20.20
CA ILE C 150 9.18 47.74 -20.54
C ILE C 150 9.13 46.38 -21.28
N GLU C 151 8.20 45.49 -20.91
CA GLU C 151 8.15 44.10 -21.48
C GLU C 151 7.94 44.16 -23.01
N LEU C 152 7.27 45.20 -23.53
CA LEU C 152 7.01 45.36 -24.99
C LEU C 152 8.31 45.71 -25.72
N ALA C 153 9.34 46.12 -24.97
CA ALA C 153 10.71 46.38 -25.46
C ALA C 153 11.55 45.11 -25.34
N LYS C 154 11.58 44.49 -24.15
CA LYS C 154 12.18 43.13 -23.99
C LYS C 154 11.62 42.22 -25.08
N GLY C 155 10.36 42.44 -25.47
CA GLY C 155 9.63 41.67 -26.50
C GLY C 155 10.19 41.90 -27.88
N LEU C 156 10.22 43.16 -28.33
CA LEU C 156 10.80 43.53 -29.65
C LEU C 156 12.24 43.01 -29.74
N LYS C 157 13.01 43.14 -28.65
CA LYS C 157 14.42 42.63 -28.56
C LYS C 157 14.45 41.19 -29.08
N ASP C 158 13.60 40.34 -28.52
CA ASP C 158 13.46 38.92 -28.93
C ASP C 158 13.05 38.88 -30.40
N THR C 159 12.02 39.64 -30.79
CA THR C 159 11.57 39.77 -32.21
C THR C 159 12.77 40.02 -33.12
N ILE C 160 13.69 40.90 -32.72
CA ILE C 160 14.87 41.32 -33.53
C ILE C 160 15.89 40.18 -33.54
N LYS C 161 16.27 39.66 -32.36
CA LYS C 161 17.15 38.47 -32.24
C LYS C 161 16.65 37.42 -33.24
N MET C 162 15.33 37.15 -33.22
CA MET C 162 14.68 36.15 -34.11
C MET C 162 14.86 36.57 -35.57
N LEU C 163 14.34 37.73 -35.96
CA LEU C 163 14.30 38.20 -37.37
C LEU C 163 15.57 38.99 -37.69
N ASN C 164 16.76 38.46 -37.37
CA ASN C 164 18.10 39.01 -37.74
C ASN C 164 18.02 39.74 -39.09
N VAL C 165 18.08 41.07 -39.10
CA VAL C 165 17.90 41.94 -40.31
C VAL C 165 18.90 43.11 -40.22
N LYS C 166 19.91 43.12 -41.09
CA LYS C 166 20.92 44.21 -41.19
C LYS C 166 21.56 44.42 -39.81
N GLY C 167 21.96 45.66 -39.52
CA GLY C 167 22.54 46.09 -38.23
C GLY C 167 21.46 46.29 -37.18
N ILE C 168 20.20 45.95 -37.47
CA ILE C 168 19.11 45.84 -36.45
C ILE C 168 19.45 44.63 -35.57
N THR C 169 20.13 44.86 -34.44
CA THR C 169 20.62 43.80 -33.52
C THR C 169 20.09 44.03 -32.10
N GLU C 170 20.70 43.37 -31.12
CA GLU C 170 20.33 43.48 -29.69
C GLU C 170 20.87 44.77 -29.07
N ASP C 171 22.16 45.07 -29.25
CA ASP C 171 22.85 46.29 -28.76
C ASP C 171 21.99 47.53 -29.03
N ILE C 172 21.33 47.58 -30.19
CA ILE C 172 20.36 48.65 -30.60
C ILE C 172 19.58 49.11 -29.35
N PHE C 173 19.04 48.15 -28.60
CA PHE C 173 18.20 48.39 -27.41
C PHE C 173 19.06 49.08 -26.34
N THR C 174 19.95 48.31 -25.68
CA THR C 174 20.77 48.68 -24.50
C THR C 174 19.97 49.67 -23.64
N THR C 175 20.27 50.97 -23.71
CA THR C 175 19.60 52.03 -22.91
C THR C 175 18.10 51.73 -22.82
N ILE C 176 17.38 51.81 -23.94
CA ILE C 176 15.89 51.62 -24.04
C ILE C 176 15.38 50.63 -23.00
N LEU C 177 16.11 49.53 -22.73
CA LEU C 177 15.75 48.48 -21.75
C LEU C 177 16.55 48.59 -20.44
N SER C 178 17.73 49.20 -20.45
CA SER C 178 18.67 49.35 -19.31
C SER C 178 17.98 50.02 -18.12
N LYS C 179 16.94 50.82 -18.39
CA LYS C 179 16.05 51.46 -17.39
C LYS C 179 15.19 50.40 -16.71
N THR C 180 14.21 50.82 -15.92
CA THR C 180 13.22 49.96 -15.24
C THR C 180 11.86 50.10 -15.95
N THR C 181 11.61 51.23 -16.59
CA THR C 181 10.35 51.49 -17.35
C THR C 181 10.67 52.25 -18.64
N LEU C 182 9.61 52.53 -19.40
CA LEU C 182 9.69 53.12 -20.76
C LEU C 182 8.66 54.25 -20.85
N VAL C 183 9.15 55.45 -21.20
CA VAL C 183 8.35 56.69 -21.41
C VAL C 183 8.01 56.78 -22.89
N PRO C 184 6.73 56.92 -23.29
CA PRO C 184 6.33 56.95 -24.70
C PRO C 184 7.27 57.67 -25.69
N SER C 185 7.84 58.80 -25.30
CA SER C 185 8.83 59.58 -26.08
C SER C 185 10.03 58.68 -26.44
N GLU C 186 10.71 58.12 -25.45
CA GLU C 186 11.83 57.14 -25.61
C GLU C 186 11.40 56.05 -26.60
N TRP C 187 10.17 55.53 -26.43
CA TRP C 187 9.54 54.49 -27.27
C TRP C 187 9.35 55.03 -28.69
N GLU C 188 8.60 56.12 -28.84
CA GLU C 188 8.42 56.87 -30.12
C GLU C 188 9.76 56.96 -30.83
N ALA C 189 10.82 57.39 -30.11
CA ALA C 189 12.21 57.56 -30.62
C ALA C 189 12.71 56.21 -31.14
N PHE C 190 12.77 55.22 -30.26
CA PHE C 190 13.24 53.85 -30.57
C PHE C 190 12.49 53.31 -31.79
N LEU C 191 11.16 53.33 -31.78
CA LEU C 191 10.28 52.78 -32.87
C LEU C 191 10.58 53.46 -34.19
N ASN C 192 10.73 54.79 -34.19
CA ASN C 192 10.94 55.58 -35.43
C ASN C 192 12.40 55.41 -35.85
N LYS C 193 13.33 55.53 -34.88
CA LYS C 193 14.79 55.27 -35.06
C LYS C 193 14.94 53.95 -35.82
N ILE C 194 14.37 52.86 -35.30
CA ILE C 194 14.45 51.49 -35.92
C ILE C 194 13.79 51.56 -37.29
N ARG C 195 12.59 52.17 -37.37
CA ARG C 195 11.83 52.33 -38.64
C ARG C 195 12.73 52.94 -39.71
N GLU C 196 13.58 53.90 -39.32
CA GLU C 196 14.53 54.58 -40.24
C GLU C 196 15.63 53.58 -40.64
N LYS C 197 16.46 53.11 -39.70
CA LYS C 197 17.58 52.17 -39.94
C LYS C 197 17.10 50.97 -40.78
N LEU C 198 15.80 50.65 -40.74
CA LEU C 198 15.15 49.60 -41.56
C LEU C 198 15.05 50.07 -43.02
N LEU C 199 14.54 51.27 -43.25
CA LEU C 199 14.38 51.89 -44.61
C LEU C 199 15.77 51.86 -45.29
N SER C 200 16.84 52.12 -44.51
CA SER C 200 18.25 52.19 -44.96
C SER C 200 18.90 50.80 -44.95
N SER C 201 18.25 49.77 -45.50
CA SER C 201 18.72 48.36 -45.41
C SER C 201 18.10 47.52 -46.53
N GLN C 202 18.91 46.65 -47.13
CA GLN C 202 18.58 45.85 -48.35
C GLN C 202 18.57 44.36 -48.01
N ASP C 203 18.12 43.94 -46.81
CA ASP C 203 17.97 42.50 -46.45
C ASP C 203 16.74 41.92 -47.15
N ASP C 204 16.46 40.62 -46.93
CA ASP C 204 15.24 39.95 -47.46
C ASP C 204 14.05 40.89 -47.25
N LEU C 205 13.57 41.58 -48.29
CA LEU C 205 12.39 42.49 -48.21
C LEU C 205 11.33 41.90 -47.26
N GLU C 206 10.97 40.62 -47.45
CA GLU C 206 9.97 39.87 -46.62
C GLU C 206 10.28 40.02 -45.13
N ASN C 207 11.47 39.60 -44.68
CA ASN C 207 11.98 39.74 -43.30
C ASN C 207 11.80 41.21 -42.84
N ILE C 208 12.33 42.16 -43.62
CA ILE C 208 12.20 43.62 -43.35
C ILE C 208 10.73 43.94 -43.11
N LYS C 209 9.88 43.66 -44.10
CA LYS C 209 8.40 43.89 -44.04
C LYS C 209 7.89 43.53 -42.65
N ARG C 210 8.09 42.28 -42.21
CA ARG C 210 7.59 41.77 -40.91
C ARG C 210 7.90 42.80 -39.81
N LEU C 211 9.17 43.16 -39.66
CA LEU C 211 9.62 44.08 -38.57
C LEU C 211 8.90 45.42 -38.70
N LYS C 212 8.71 45.91 -39.92
CA LYS C 212 7.91 47.15 -40.19
C LYS C 212 6.51 46.97 -39.59
N ASN C 213 5.80 45.93 -40.04
CA ASN C 213 4.38 45.63 -39.72
C ASN C 213 4.24 45.42 -38.21
N ILE C 214 5.29 44.88 -37.55
CA ILE C 214 5.34 44.75 -36.07
C ILE C 214 5.54 46.14 -35.43
N ILE C 215 6.43 46.96 -35.99
CA ILE C 215 6.66 48.36 -35.53
C ILE C 215 5.45 49.23 -35.91
N ILE C 216 4.72 48.87 -36.97
CA ILE C 216 3.41 49.47 -37.36
C ILE C 216 2.42 49.24 -36.21
N ALA C 217 2.34 48.02 -35.69
CA ALA C 217 1.46 47.64 -34.56
C ALA C 217 1.84 48.46 -33.33
N LEU C 218 3.15 48.62 -33.06
CA LEU C 218 3.66 49.30 -31.83
C LEU C 218 3.26 50.78 -31.83
N LYS C 219 3.45 51.48 -32.95
CA LYS C 219 3.04 52.90 -33.10
C LYS C 219 1.51 52.94 -33.15
N GLY C 220 0.88 51.96 -33.82
CA GLY C 220 -0.59 51.80 -33.98
C GLY C 220 -1.33 51.99 -32.66
N GLU C 221 -1.02 51.15 -31.66
CA GLU C 221 -1.56 51.25 -30.27
C GLU C 221 -1.29 52.67 -29.76
N MET C 222 -0.06 53.17 -29.89
CA MET C 222 0.42 54.46 -29.29
C MET C 222 -0.37 55.64 -29.85
N LYS C 223 -0.42 55.81 -31.18
CA LYS C 223 -1.13 56.94 -31.85
C LYS C 223 -2.59 56.94 -31.40
N GLU C 224 -3.23 55.76 -31.41
CA GLU C 224 -4.67 55.58 -31.08
C GLU C 224 -4.91 55.96 -29.60
N PHE C 225 -4.20 55.35 -28.65
CA PHE C 225 -4.51 55.36 -27.20
C PHE C 225 -3.72 56.47 -26.47
N LEU C 226 -2.48 56.76 -26.90
CA LEU C 226 -1.63 57.82 -26.28
C LEU C 226 -1.53 59.02 -27.22
N VAL C 227 -2.67 59.68 -27.46
CA VAL C 227 -2.77 60.74 -28.52
C VAL C 227 -1.90 61.95 -28.14
N TRP C 228 -1.32 62.02 -26.93
CA TRP C 228 -0.50 63.21 -26.50
C TRP C 228 0.64 63.49 -27.46
N THR C 229 1.34 62.44 -27.89
CA THR C 229 2.52 62.62 -28.79
C THR C 229 2.05 62.98 -30.22
N GLU C 230 0.73 62.98 -30.46
CA GLU C 230 0.04 63.39 -31.74
C GLU C 230 -0.44 64.86 -31.69
N PHE C 231 -0.10 65.61 -30.65
CA PHE C 231 -0.37 67.07 -30.49
C PHE C 231 0.83 67.82 -31.10
N ASP C 232 0.58 68.71 -32.07
CA ASP C 232 1.63 69.46 -32.81
C ASP C 232 2.18 70.59 -31.93
N GLU C 233 3.31 71.18 -32.34
CA GLU C 233 4.15 72.12 -31.56
C GLU C 233 3.29 73.18 -30.86
N SER C 234 2.25 73.72 -31.50
CA SER C 234 1.34 74.76 -30.94
C SER C 234 0.47 74.17 -29.82
N GLU C 235 -0.02 72.93 -30.00
CA GLU C 235 -0.88 72.22 -29.02
C GLU C 235 -0.07 71.74 -27.80
N LYS C 236 1.25 71.53 -27.94
CA LYS C 236 2.13 71.07 -26.82
C LYS C 236 2.38 72.22 -25.85
N GLU C 237 2.39 73.47 -26.36
CA GLU C 237 2.73 74.67 -25.55
C GLU C 237 1.57 74.96 -24.57
N GLN C 238 0.33 74.82 -25.07
CA GLN C 238 -0.95 75.01 -24.32
C GLN C 238 -0.69 74.70 -22.84
N GLU C 239 -0.74 75.71 -21.96
CA GLU C 239 -0.34 75.55 -20.54
C GLU C 239 -1.07 74.36 -19.92
N ILE C 240 -2.34 74.14 -20.28
CA ILE C 240 -3.17 73.00 -19.79
C ILE C 240 -2.40 71.68 -19.96
N PHE C 241 -1.69 71.53 -21.09
CA PHE C 241 -0.88 70.33 -21.45
C PHE C 241 0.37 70.24 -20.56
N LYS C 242 0.93 71.39 -20.14
CA LYS C 242 2.22 71.46 -19.39
C LYS C 242 1.99 71.18 -17.90
N ARG C 243 0.73 71.16 -17.43
CA ARG C 243 0.39 70.68 -16.07
C ARG C 243 0.25 69.15 -16.12
N TYR C 244 -0.26 68.64 -17.25
CA TYR C 244 -0.67 67.23 -17.45
C TYR C 244 0.42 66.42 -18.17
N LYS C 245 1.57 67.05 -18.42
CA LYS C 245 2.76 66.46 -19.09
C LYS C 245 3.37 65.38 -18.17
N GLU C 246 3.55 65.67 -16.87
CA GLU C 246 4.04 64.71 -15.84
C GLU C 246 2.99 63.64 -15.53
N VAL C 247 1.72 63.93 -15.82
CA VAL C 247 0.54 63.06 -15.53
C VAL C 247 0.25 62.18 -16.76
N PHE C 248 0.96 62.37 -17.88
CA PHE C 248 0.94 61.49 -19.08
C PHE C 248 2.07 60.46 -18.99
N GLU C 249 3.17 60.76 -18.30
CA GLU C 249 4.39 59.90 -18.28
C GLU C 249 4.20 58.70 -17.36
N GLU C 250 3.60 58.92 -16.18
CA GLU C 250 3.49 57.85 -15.14
C GLU C 250 2.10 57.22 -15.25
N HIS C 251 1.49 57.24 -16.44
CA HIS C 251 0.07 56.80 -16.67
C HIS C 251 -0.11 56.37 -18.13
N SER C 252 -0.10 55.05 -18.37
CA SER C 252 -0.23 54.42 -19.70
C SER C 252 -1.21 53.24 -19.67
N SER C 253 -1.77 52.88 -18.51
CA SER C 253 -2.80 51.82 -18.37
C SER C 253 -4.13 52.36 -18.87
N PRO C 254 -4.98 51.54 -19.55
CA PRO C 254 -6.29 51.99 -20.02
C PRO C 254 -7.17 52.69 -18.96
N LYS C 255 -7.07 52.31 -17.68
CA LYS C 255 -7.84 52.92 -16.56
C LYS C 255 -7.14 54.18 -16.05
N GLU C 256 -5.81 54.12 -15.86
CA GLU C 256 -4.95 55.28 -15.49
C GLU C 256 -5.10 56.39 -16.53
N LEU C 257 -5.38 56.03 -17.79
CA LEU C 257 -5.62 56.99 -18.90
C LEU C 257 -7.07 57.48 -18.82
N GLU C 258 -8.01 56.53 -18.79
CA GLU C 258 -9.47 56.80 -18.69
C GLU C 258 -9.70 57.90 -17.66
N LYS C 259 -9.05 57.80 -16.49
CA LYS C 259 -9.15 58.80 -15.39
C LYS C 259 -8.56 60.14 -15.87
N VAL C 260 -7.27 60.14 -16.22
CA VAL C 260 -6.51 61.37 -16.59
C VAL C 260 -7.24 62.09 -17.72
N TYR C 261 -7.83 61.34 -18.66
CA TYR C 261 -8.50 61.87 -19.87
C TYR C 261 -9.71 62.76 -19.55
N LYS C 262 -10.63 62.31 -18.67
CA LYS C 262 -11.84 63.15 -18.40
C LYS C 262 -11.41 64.38 -17.61
N ASN C 263 -10.45 64.27 -16.68
CA ASN C 263 -9.92 65.41 -15.88
C ASN C 263 -9.21 66.44 -16.79
N TYR C 264 -8.79 66.02 -17.98
CA TYR C 264 -8.25 66.89 -19.07
C TYR C 264 -9.33 67.22 -20.10
N LEU C 265 -10.59 66.80 -19.93
CA LEU C 265 -11.77 67.24 -20.74
C LEU C 265 -12.63 68.20 -19.92
N LEU C 266 -12.73 67.94 -18.62
CA LEU C 266 -13.51 68.75 -17.64
C LEU C 266 -12.64 69.95 -17.23
N GLU C 267 -11.31 69.82 -17.18
CA GLU C 267 -10.36 70.93 -16.86
C GLU C 267 -10.21 71.85 -18.08
N ILE C 268 -10.31 71.33 -19.31
CA ILE C 268 -10.28 72.16 -20.55
C ILE C 268 -11.42 73.16 -20.43
N GLU C 269 -12.62 72.69 -20.04
CA GLU C 269 -13.85 73.53 -19.96
C GLU C 269 -13.62 74.75 -19.04
N GLU C 270 -12.79 74.64 -17.99
CA GLU C 270 -12.46 75.74 -17.03
C GLU C 270 -11.66 76.83 -17.75
N VAL C 271 -10.51 76.46 -18.34
CA VAL C 271 -9.58 77.41 -19.04
C VAL C 271 -9.91 77.39 -20.55
N PHE C 272 -11.10 76.93 -20.95
CA PHE C 272 -11.63 77.00 -22.34
C PHE C 272 -12.44 78.29 -22.54
N LYS C 273 -12.92 78.87 -21.42
CA LYS C 273 -13.67 80.16 -21.38
C LYS C 273 -12.65 81.31 -21.28
N LYS C 274 -11.50 81.07 -20.63
CA LYS C 274 -10.43 82.06 -20.29
C LYS C 274 -9.23 81.82 -21.21
N ALA C 275 -9.48 81.84 -22.51
CA ALA C 275 -8.51 81.56 -23.60
C ALA C 275 -8.91 82.36 -24.85
N THR C 276 -7.90 82.82 -25.60
CA THR C 276 -8.06 83.51 -26.91
C THR C 276 -8.74 82.56 -27.91
N GLU C 277 -9.23 83.09 -29.05
CA GLU C 277 -9.92 82.31 -30.12
C GLU C 277 -8.90 81.39 -30.79
N GLU C 278 -7.61 81.75 -30.73
CA GLU C 278 -6.50 80.86 -31.18
C GLU C 278 -6.21 79.82 -30.09
N GLU C 279 -6.33 80.18 -28.80
CA GLU C 279 -6.13 79.21 -27.67
C GLU C 279 -7.35 78.27 -27.58
N LYS C 280 -8.53 78.74 -27.98
CA LYS C 280 -9.81 77.97 -27.98
C LYS C 280 -9.81 76.98 -29.15
N ALA C 281 -9.26 77.39 -30.30
CA ALA C 281 -9.12 76.54 -31.52
C ALA C 281 -8.09 75.44 -31.26
N LEU C 282 -7.08 75.68 -30.41
CA LEU C 282 -6.09 74.68 -29.93
C LEU C 282 -6.63 73.90 -28.73
N LEU C 283 -7.58 74.44 -27.95
CA LEU C 283 -8.31 73.71 -26.87
C LEU C 283 -9.58 73.08 -27.48
N LYS C 284 -9.76 73.17 -28.81
CA LYS C 284 -10.84 72.56 -29.63
C LYS C 284 -10.31 71.18 -30.06
N SER C 285 -9.24 71.16 -30.86
CA SER C 285 -8.70 69.91 -31.45
C SER C 285 -7.98 69.09 -30.37
N GLN C 286 -7.56 69.70 -29.24
CA GLN C 286 -7.01 68.98 -28.06
C GLN C 286 -8.12 68.15 -27.39
N LYS C 287 -9.32 68.75 -27.23
CA LYS C 287 -10.51 68.08 -26.66
C LYS C 287 -10.98 66.99 -27.65
N ASP C 288 -11.04 67.29 -28.94
CA ASP C 288 -11.62 66.41 -30.00
C ASP C 288 -10.85 65.11 -30.14
N LYS C 289 -9.51 65.15 -30.04
CA LYS C 289 -8.63 63.94 -30.13
C LYS C 289 -8.78 63.09 -28.88
N VAL C 290 -8.61 63.73 -27.71
CA VAL C 290 -8.65 63.09 -26.35
C VAL C 290 -10.04 62.49 -26.12
N ALA C 291 -11.06 62.97 -26.84
CA ALA C 291 -12.45 62.46 -26.80
C ALA C 291 -12.51 61.05 -27.39
N GLN C 292 -12.17 60.90 -28.68
CA GLN C 292 -12.14 59.60 -29.40
C GLN C 292 -11.18 58.65 -28.65
N ALA C 293 -10.02 59.15 -28.20
CA ALA C 293 -8.98 58.37 -27.51
C ALA C 293 -9.53 57.81 -26.19
N LEU C 294 -10.48 58.49 -25.54
CA LEU C 294 -11.21 57.97 -24.34
C LEU C 294 -12.29 56.97 -24.80
N GLU C 295 -13.08 57.38 -25.81
CA GLU C 295 -14.13 56.55 -26.44
C GLU C 295 -13.54 55.19 -26.88
N LYS C 296 -12.27 55.14 -27.26
CA LYS C 296 -11.53 53.91 -27.63
C LYS C 296 -11.30 53.03 -26.39
N ILE C 297 -10.88 53.65 -25.28
CA ILE C 297 -10.63 52.96 -24.00
C ILE C 297 -11.94 52.29 -23.57
N LYS C 298 -13.08 53.00 -23.70
CA LYS C 298 -14.44 52.47 -23.41
C LYS C 298 -14.69 51.19 -24.22
N LYS C 299 -14.33 51.17 -25.50
CA LYS C 299 -14.50 50.00 -26.41
C LYS C 299 -13.67 48.83 -25.86
N LEU C 300 -12.36 49.04 -25.68
CA LEU C 300 -11.40 48.02 -25.17
C LEU C 300 -12.01 47.37 -23.91
N GLU C 301 -12.35 48.19 -22.91
CA GLU C 301 -12.92 47.76 -21.59
C GLU C 301 -14.15 46.89 -21.83
N ALA C 302 -14.99 47.27 -22.80
CA ALA C 302 -16.25 46.57 -23.16
C ALA C 302 -15.93 45.21 -23.78
N GLU C 303 -15.21 45.22 -24.91
CA GLU C 303 -14.83 43.97 -25.65
C GLU C 303 -14.27 42.94 -24.66
N ILE C 304 -13.48 43.40 -23.67
CA ILE C 304 -12.93 42.55 -22.56
C ILE C 304 -14.08 41.83 -21.85
N GLU C 305 -15.05 42.59 -21.28
CA GLU C 305 -16.15 42.01 -20.49
C GLU C 305 -16.92 41.01 -21.37
N ASN C 306 -17.23 41.39 -22.60
CA ASN C 306 -17.89 40.50 -23.60
C ASN C 306 -17.14 39.17 -23.65
N ILE C 307 -15.83 39.22 -23.81
CA ILE C 307 -14.93 38.02 -23.77
C ILE C 307 -15.21 37.30 -22.44
N LYS C 308 -14.88 37.92 -21.31
CA LYS C 308 -14.99 37.30 -19.96
C LYS C 308 -16.36 36.62 -19.84
N SER C 309 -17.44 37.31 -20.21
CA SER C 309 -18.82 36.77 -20.12
C SER C 309 -18.99 35.63 -21.13
N THR C 310 -18.56 35.81 -22.37
CA THR C 310 -18.62 34.76 -23.43
C THR C 310 -17.92 33.50 -22.89
N ILE C 311 -16.68 33.64 -22.40
CA ILE C 311 -15.90 32.51 -21.83
C ILE C 311 -16.75 31.89 -20.72
N GLU C 312 -16.93 32.64 -19.63
CA GLU C 312 -17.66 32.19 -18.42
C GLU C 312 -18.83 31.32 -18.89
N ASN C 313 -19.64 31.85 -19.80
CA ASN C 313 -20.81 31.13 -20.37
C ASN C 313 -20.34 29.78 -20.90
N LEU C 314 -19.44 29.78 -21.90
CA LEU C 314 -19.04 28.57 -22.66
C LEU C 314 -18.62 27.47 -21.68
N VAL C 315 -17.96 27.87 -20.59
CA VAL C 315 -17.50 26.96 -19.50
C VAL C 315 -18.73 26.35 -18.83
N GLU C 316 -19.61 27.18 -18.24
CA GLU C 316 -20.78 26.71 -17.46
C GLU C 316 -21.76 25.99 -18.39
N LYS C 317 -21.56 26.07 -19.71
CA LYS C 317 -22.36 25.36 -20.76
C LYS C 317 -21.90 23.90 -20.89
N THR C 318 -20.64 23.62 -20.56
CA THR C 318 -19.94 22.33 -20.80
C THR C 318 -20.36 21.26 -19.78
N GLU C 319 -21.21 20.31 -20.17
CA GLU C 319 -21.81 19.31 -19.25
C GLU C 319 -20.92 18.06 -19.15
N PHE C 320 -19.87 18.13 -18.32
CA PHE C 320 -18.92 17.01 -18.06
C PHE C 320 -19.67 15.79 -17.53
N ARG C 321 -20.76 16.02 -16.79
CA ARG C 321 -21.64 14.96 -16.25
C ARG C 321 -21.79 13.83 -17.29
N HIS C 322 -21.91 14.22 -18.56
CA HIS C 322 -22.24 13.30 -19.67
C HIS C 322 -21.10 12.30 -19.93
N LEU C 323 -19.88 12.59 -19.47
CA LEU C 323 -18.65 11.79 -19.79
C LEU C 323 -18.21 10.97 -18.58
N TYR C 324 -19.03 10.95 -17.52
CA TYR C 324 -18.74 10.36 -16.19
C TYR C 324 -19.67 9.16 -16.00
N ASP C 325 -19.11 7.97 -15.77
CA ASP C 325 -19.90 6.75 -15.43
C ASP C 325 -20.09 6.73 -13.92
N GLU C 326 -21.09 7.45 -13.41
CA GLU C 326 -21.42 7.53 -11.95
C GLU C 326 -21.13 6.18 -11.32
N LYS C 327 -21.45 5.07 -11.97
CA LYS C 327 -21.22 3.69 -11.46
C LYS C 327 -19.74 3.47 -11.15
N ARG C 328 -18.80 3.80 -12.03
CA ARG C 328 -17.35 3.65 -11.70
C ARG C 328 -16.82 4.90 -10.97
N GLN C 329 -17.68 5.87 -10.68
CA GLN C 329 -17.29 7.18 -10.09
C GLN C 329 -16.10 7.73 -10.89
N LEU C 330 -16.14 7.53 -12.20
CA LEU C 330 -14.95 7.69 -13.08
C LEU C 330 -15.31 8.31 -14.43
N PHE C 331 -14.33 8.99 -15.01
CA PHE C 331 -14.44 9.67 -16.31
C PHE C 331 -14.05 8.68 -17.40
N SER C 332 -14.94 8.51 -18.39
CA SER C 332 -14.66 7.75 -19.65
C SER C 332 -13.71 8.56 -20.51
N ILE C 333 -13.02 7.88 -21.43
CA ILE C 333 -12.05 8.48 -22.40
C ILE C 333 -12.74 9.64 -23.11
N GLY C 334 -13.98 9.38 -23.55
CA GLY C 334 -14.85 10.33 -24.26
C GLY C 334 -16.10 9.66 -24.81
N TYR C 335 -16.97 10.46 -25.43
CA TYR C 335 -18.28 10.06 -25.96
C TYR C 335 -18.19 9.92 -27.48
N ASN C 336 -18.53 8.72 -27.97
CA ASN C 336 -18.69 8.41 -29.40
C ASN C 336 -20.12 8.77 -29.82
N VAL C 337 -20.26 9.88 -30.54
CA VAL C 337 -21.60 10.44 -30.89
C VAL C 337 -22.29 9.47 -31.86
N GLU C 338 -21.51 8.67 -32.57
CA GLU C 338 -21.98 7.87 -33.73
C GLU C 338 -22.69 6.60 -33.21
N GLU C 339 -22.30 6.06 -32.06
CA GLU C 339 -22.94 4.88 -31.42
C GLU C 339 -23.75 5.33 -30.21
N GLU C 340 -24.03 6.64 -30.07
CA GLU C 340 -24.76 7.21 -28.90
C GLU C 340 -24.30 6.50 -27.62
N LYS C 341 -23.00 6.17 -27.51
CA LYS C 341 -22.42 5.42 -26.37
C LYS C 341 -21.21 6.20 -25.83
N LEU C 342 -21.02 6.14 -24.51
CA LEU C 342 -19.74 6.51 -23.89
C LEU C 342 -18.74 5.38 -24.13
N THR C 343 -17.46 5.73 -24.19
CA THR C 343 -16.37 4.76 -24.49
C THR C 343 -16.26 3.75 -23.34
N LYS C 344 -15.85 2.53 -23.65
CA LYS C 344 -15.60 1.43 -22.67
C LYS C 344 -14.55 1.90 -21.67
N SER C 345 -13.26 2.02 -22.06
CA SER C 345 -12.11 2.32 -21.17
C SER C 345 -12.33 3.66 -20.41
N TYR C 346 -11.58 3.85 -19.33
CA TYR C 346 -11.71 5.01 -18.41
C TYR C 346 -10.36 5.55 -17.93
N TYR C 347 -10.37 6.82 -17.50
CA TYR C 347 -9.20 7.53 -16.91
C TYR C 347 -9.18 7.23 -15.43
N ASP C 348 -8.61 6.05 -15.17
CA ASP C 348 -8.59 5.30 -13.88
C ASP C 348 -7.27 5.58 -13.17
N LEU C 349 -6.60 6.70 -13.47
CA LEU C 349 -5.28 7.01 -12.84
C LEU C 349 -5.19 8.49 -12.50
N LEU C 350 -4.53 8.82 -11.38
CA LEU C 350 -4.35 10.23 -11.00
C LEU C 350 -3.33 10.82 -11.97
N ALA C 351 -2.21 10.14 -12.18
CA ALA C 351 -1.14 10.60 -13.10
C ALA C 351 -1.64 10.58 -14.54
N SER C 352 -2.37 11.62 -14.98
CA SER C 352 -3.10 11.61 -16.28
C SER C 352 -3.57 13.01 -16.63
N GLU C 353 -3.14 13.52 -17.78
CA GLU C 353 -3.69 14.70 -18.50
C GLU C 353 -5.17 14.92 -18.14
N ALA C 354 -5.90 13.82 -17.86
CA ALA C 354 -7.35 13.71 -17.60
C ALA C 354 -7.61 13.78 -16.09
N ARG C 355 -6.70 14.43 -15.38
CA ARG C 355 -6.95 14.96 -14.01
C ARG C 355 -7.34 16.42 -14.19
N GLN C 356 -6.78 17.13 -15.19
CA GLN C 356 -7.22 18.51 -15.51
C GLN C 356 -8.71 18.46 -15.82
N ALA C 357 -9.13 17.45 -16.58
CA ALA C 357 -10.55 17.12 -16.79
C ALA C 357 -11.24 16.87 -15.44
N SER C 358 -10.77 15.82 -14.74
CA SER C 358 -11.34 15.28 -13.48
C SER C 358 -11.49 16.41 -12.45
N PHE C 359 -10.50 17.31 -12.35
CA PHE C 359 -10.45 18.45 -11.39
C PHE C 359 -11.53 19.47 -11.71
N ILE C 360 -11.56 19.94 -12.96
CA ILE C 360 -12.46 21.04 -13.41
C ILE C 360 -13.91 20.61 -13.20
N ALA C 361 -14.21 19.35 -13.47
CA ALA C 361 -15.53 18.74 -13.19
C ALA C 361 -15.91 19.01 -11.72
N ILE C 362 -15.07 18.58 -10.77
CA ILE C 362 -15.36 18.69 -9.31
C ILE C 362 -15.47 20.16 -8.94
N ALA C 363 -14.64 21.01 -9.54
CA ALA C 363 -14.57 22.46 -9.25
C ALA C 363 -15.85 23.15 -9.73
N LYS C 364 -16.38 22.71 -10.87
CA LYS C 364 -17.71 23.13 -11.43
C LYS C 364 -18.85 22.50 -10.64
N LYS C 365 -18.52 21.66 -9.66
CA LYS C 365 -19.43 20.85 -8.81
C LYS C 365 -20.36 20.07 -9.74
N GLU C 366 -19.77 19.45 -10.76
CA GLU C 366 -20.51 18.57 -11.70
C GLU C 366 -20.36 17.11 -11.23
N VAL C 367 -19.28 16.77 -10.51
CA VAL C 367 -19.11 15.44 -9.87
C VAL C 367 -18.65 15.61 -8.43
N ASP C 368 -18.79 14.53 -7.66
CA ASP C 368 -18.53 14.47 -6.20
C ASP C 368 -17.07 14.79 -5.94
N LYS C 369 -16.79 15.50 -4.84
CA LYS C 369 -15.41 15.88 -4.41
C LYS C 369 -14.58 14.59 -4.28
N LYS C 370 -15.25 13.47 -3.97
CA LYS C 370 -14.71 12.10 -3.80
C LYS C 370 -14.04 11.59 -5.07
N HIS C 371 -14.58 11.94 -6.25
CA HIS C 371 -14.07 11.41 -7.54
C HIS C 371 -12.54 11.49 -7.50
N TRP C 372 -12.02 12.66 -7.10
CA TRP C 372 -10.58 12.99 -7.11
C TRP C 372 -9.79 11.84 -6.50
N PHE C 373 -10.35 11.24 -5.44
CA PHE C 373 -9.67 10.28 -4.56
C PHE C 373 -9.96 8.86 -5.04
N LYS C 374 -10.98 8.66 -5.87
CA LYS C 374 -11.24 7.33 -6.49
C LYS C 374 -10.18 7.05 -7.58
N LEU C 375 -9.59 8.09 -8.19
CA LEU C 375 -8.57 7.96 -9.26
C LEU C 375 -7.40 7.12 -8.74
N GLY C 376 -6.92 6.16 -9.54
CA GLY C 376 -5.80 5.27 -9.23
C GLY C 376 -4.55 6.04 -8.85
N ARG C 377 -4.05 5.77 -7.65
CA ARG C 377 -2.76 6.27 -7.13
C ARG C 377 -1.88 5.05 -6.90
N MET C 378 -1.01 4.74 -7.85
CA MET C 378 -0.08 3.60 -7.77
C MET C 378 1.32 4.15 -7.53
N LEU C 379 1.99 3.71 -6.48
CA LEU C 379 3.34 4.27 -6.19
C LEU C 379 4.37 3.27 -6.65
N ALA C 380 5.36 3.81 -7.36
CA ALA C 380 6.58 3.11 -7.81
C ALA C 380 7.75 3.52 -6.90
N ILE C 381 8.48 2.51 -6.43
CA ILE C 381 9.77 2.68 -5.71
C ILE C 381 10.90 2.42 -6.73
N GLU C 382 11.53 3.47 -7.26
CA GLU C 382 12.79 3.38 -8.05
C GLU C 382 13.91 3.88 -7.13
N ASN C 383 15.05 3.19 -7.10
CA ASN C 383 16.13 3.44 -6.10
C ASN C 383 15.40 3.62 -4.76
N ARG C 384 15.38 4.85 -4.27
CA ARG C 384 14.72 5.20 -3.00
C ARG C 384 13.58 6.17 -3.28
N TYR C 385 13.74 7.13 -4.21
CA TYR C 385 12.68 8.06 -4.69
C TYR C 385 11.40 7.26 -5.02
N LYS C 386 10.23 7.82 -4.67
CA LYS C 386 8.91 7.18 -4.89
C LYS C 386 8.06 8.17 -5.67
N GLY C 387 7.03 7.69 -6.36
CA GLY C 387 6.14 8.56 -7.15
C GLY C 387 5.08 7.78 -7.90
N LEU C 388 3.94 8.42 -8.16
CA LEU C 388 2.81 7.86 -8.92
C LEU C 388 3.31 7.36 -10.27
N VAL C 389 2.85 6.18 -10.65
CA VAL C 389 2.95 5.70 -12.05
C VAL C 389 1.72 6.22 -12.77
N SER C 390 1.90 6.36 -14.09
CA SER C 390 0.88 6.74 -15.08
C SER C 390 0.69 5.56 -16.04
N TRP C 391 -0.26 5.69 -16.97
CA TRP C 391 -0.62 4.61 -17.92
C TRP C 391 0.57 4.32 -18.81
N SER C 392 0.97 5.30 -19.62
CA SER C 392 1.97 5.19 -20.71
C SER C 392 3.38 5.58 -20.24
N GLY C 393 3.52 6.66 -19.45
CA GLY C 393 4.84 7.12 -18.98
C GLY C 393 5.34 8.32 -19.73
N THR C 394 4.50 8.90 -20.59
CA THR C 394 4.76 10.19 -21.28
C THR C 394 4.87 11.30 -20.25
N MET C 395 5.96 12.05 -20.27
CA MET C 395 6.06 13.29 -19.49
C MET C 395 4.76 14.10 -19.55
N PHE C 396 4.20 14.30 -20.74
CA PHE C 396 2.89 14.99 -20.94
C PHE C 396 1.87 14.56 -19.87
N GLU C 397 1.69 13.24 -19.65
CA GLU C 397 0.72 12.64 -18.68
C GLU C 397 0.87 13.28 -17.29
N TYR C 398 2.11 13.60 -16.91
CA TYR C 398 2.50 14.22 -15.61
C TYR C 398 2.35 15.74 -15.67
N PHE C 399 2.83 16.41 -16.71
CA PHE C 399 3.15 17.87 -16.67
C PHE C 399 2.14 18.75 -17.44
N MET C 400 1.34 18.18 -18.34
CA MET C 400 0.39 18.96 -19.20
C MET C 400 -0.58 19.75 -18.31
N PRO C 401 -1.13 19.12 -17.26
CA PRO C 401 -1.86 19.86 -16.24
C PRO C 401 -1.11 21.08 -15.69
N LEU C 402 0.17 20.91 -15.32
CA LEU C 402 0.97 21.93 -14.55
C LEU C 402 1.09 23.25 -15.29
N LEU C 403 0.62 23.32 -16.54
CA LEU C 403 0.45 24.60 -17.26
C LEU C 403 -0.45 25.53 -16.45
N VAL C 404 -1.56 25.02 -15.93
CA VAL C 404 -2.57 25.83 -15.19
C VAL C 404 -2.76 25.28 -13.76
N MET C 405 -2.98 23.97 -13.61
CA MET C 405 -3.09 23.30 -12.30
C MET C 405 -1.81 23.58 -11.51
N ARG C 406 -1.95 23.94 -10.24
CA ARG C 406 -0.80 24.32 -9.39
C ARG C 406 -0.14 23.07 -8.81
N ASN C 407 1.02 23.32 -8.23
CA ASN C 407 1.67 22.33 -7.36
C ASN C 407 1.91 23.01 -6.02
N TYR C 408 1.56 22.31 -4.94
CA TYR C 408 1.95 22.63 -3.53
C TYR C 408 3.08 21.68 -3.13
N GLN C 409 4.12 22.18 -2.46
CA GLN C 409 5.31 21.39 -2.04
C GLN C 409 4.90 20.26 -1.08
N ASN C 410 5.67 19.17 -1.07
CA ASN C 410 5.52 18.02 -0.14
C ASN C 410 4.28 17.21 -0.47
N THR C 411 3.43 17.71 -1.36
CA THR C 411 2.17 17.04 -1.73
C THR C 411 2.52 15.77 -2.51
N LEU C 412 1.57 14.85 -2.59
CA LEU C 412 1.70 13.59 -3.37
C LEU C 412 2.22 13.97 -4.74
N LEU C 413 1.45 14.76 -5.49
CA LEU C 413 1.80 15.24 -6.84
C LEU C 413 3.28 15.65 -6.83
N ASP C 414 3.68 16.54 -5.91
CA ASP C 414 5.04 17.15 -5.90
C ASP C 414 6.07 16.03 -5.95
N GLU C 415 6.13 15.19 -4.93
CA GLU C 415 7.05 14.03 -4.86
C GLU C 415 7.10 13.40 -6.27
N THR C 416 5.92 13.12 -6.83
CA THR C 416 5.75 12.46 -8.14
C THR C 416 6.39 13.33 -9.24
N TYR C 417 5.99 14.60 -9.37
CA TYR C 417 6.52 15.51 -10.44
C TYR C 417 8.04 15.37 -10.50
N ALA C 418 8.73 15.30 -9.35
CA ALA C 418 10.20 15.07 -9.28
C ALA C 418 10.49 13.65 -9.76
N PHE C 419 10.01 12.63 -9.04
CA PHE C 419 10.14 11.20 -9.41
C PHE C 419 10.19 11.02 -10.93
N ALA C 420 9.19 11.55 -11.64
CA ALA C 420 9.05 11.45 -13.12
C ALA C 420 10.35 11.93 -13.79
N VAL C 421 10.71 13.20 -13.57
CA VAL C 421 11.94 13.84 -14.14
C VAL C 421 13.15 12.93 -13.87
N ARG C 422 13.35 12.47 -12.63
CA ARG C 422 14.49 11.59 -12.29
C ARG C 422 14.49 10.37 -13.23
N VAL C 423 13.48 9.50 -13.14
CA VAL C 423 13.41 8.20 -13.89
C VAL C 423 13.64 8.50 -15.39
N GLN C 424 12.88 9.48 -15.92
CA GLN C 424 12.95 9.96 -17.33
C GLN C 424 14.38 10.32 -17.75
N LYS C 425 15.16 10.90 -16.82
CA LYS C 425 16.54 11.39 -17.05
C LYS C 425 17.52 10.23 -16.93
N ASN C 426 17.23 9.26 -16.05
CA ASN C 426 18.03 8.01 -15.91
C ASN C 426 17.89 7.20 -17.20
N TYR C 427 16.66 6.76 -17.47
CA TYR C 427 16.32 6.01 -18.69
C TYR C 427 17.08 6.61 -19.88
N ALA C 428 17.04 7.93 -20.01
CA ALA C 428 17.61 8.70 -21.14
C ALA C 428 19.14 8.75 -21.05
N LYS C 429 19.73 8.90 -19.87
CA LYS C 429 21.21 8.90 -19.77
C LYS C 429 21.72 7.50 -20.13
N GLU C 430 21.05 6.44 -19.66
CA GLU C 430 21.33 5.03 -20.07
C GLU C 430 21.51 5.00 -21.61
N LEU C 431 20.54 5.54 -22.36
CA LEU C 431 20.47 5.41 -23.83
C LEU C 431 21.30 6.51 -24.52
N GLY C 432 21.84 7.44 -23.74
CA GLY C 432 22.77 8.50 -24.21
C GLY C 432 22.07 9.50 -25.11
N ILE C 433 20.76 9.65 -24.96
CA ILE C 433 19.88 10.58 -25.71
C ILE C 433 19.50 11.71 -24.76
N PRO C 434 19.06 12.88 -25.27
CA PRO C 434 18.43 13.88 -24.42
C PRO C 434 17.18 13.25 -23.77
N TRP C 435 16.82 13.68 -22.56
CA TRP C 435 15.67 13.11 -21.79
C TRP C 435 14.36 13.74 -22.25
N GLY C 436 13.25 13.15 -21.82
CA GLY C 436 11.92 13.71 -22.09
C GLY C 436 11.19 12.93 -23.15
N ILE C 437 11.22 11.61 -23.04
CA ILE C 437 10.46 10.67 -23.91
C ILE C 437 8.98 10.93 -23.62
N SER C 438 8.20 11.18 -24.66
CA SER C 438 6.75 11.49 -24.49
C SER C 438 6.06 11.34 -25.84
N GLU C 439 4.72 11.36 -25.82
CA GLU C 439 3.83 11.18 -26.98
C GLU C 439 4.20 12.25 -28.00
N SER C 440 4.77 11.83 -29.14
CA SER C 440 5.38 12.69 -30.18
C SER C 440 5.31 11.99 -31.53
N GLY C 441 5.65 12.70 -32.58
CA GLY C 441 5.88 12.10 -33.90
C GLY C 441 7.17 11.32 -33.93
N PHE C 442 7.39 10.53 -34.99
CA PHE C 442 8.64 9.76 -35.23
C PHE C 442 8.83 9.50 -36.73
N TYR C 443 10.02 9.02 -37.09
CA TYR C 443 10.47 8.97 -38.50
C TYR C 443 9.86 7.75 -39.19
N ALA C 444 8.54 7.76 -39.32
CA ALA C 444 7.79 6.90 -40.28
C ALA C 444 6.53 7.64 -40.70
N PHE C 445 5.93 7.21 -41.81
CA PHE C 445 5.00 8.01 -42.64
C PHE C 445 3.87 7.15 -43.20
N ASP C 446 2.69 7.75 -43.41
CA ASP C 446 1.52 7.13 -44.09
C ASP C 446 1.70 7.26 -45.59
N MET C 447 0.78 6.66 -46.36
CA MET C 447 0.90 6.58 -47.84
C MET C 447 1.10 7.98 -48.43
N ASN C 448 0.72 9.04 -47.69
CA ASN C 448 0.78 10.44 -48.20
C ASN C 448 1.96 11.19 -47.59
N LEU C 449 2.85 10.48 -46.90
CA LEU C 449 4.17 10.98 -46.45
C LEU C 449 3.98 11.98 -45.31
N ASN C 450 3.16 11.63 -44.32
CA ASN C 450 2.96 12.42 -43.09
C ASN C 450 3.58 11.65 -41.92
N TYR C 451 4.47 12.29 -41.15
CA TYR C 451 5.03 11.75 -39.89
C TYR C 451 3.89 11.13 -39.05
N GLN C 452 4.04 9.88 -38.61
CA GLN C 452 3.16 9.20 -37.62
C GLN C 452 3.43 9.80 -36.22
N TYR C 453 2.48 9.60 -35.28
CA TYR C 453 2.46 10.23 -33.93
C TYR C 453 1.90 9.21 -32.93
N LYS C 454 2.70 8.83 -31.91
CA LYS C 454 2.46 7.68 -30.99
C LYS C 454 2.83 8.06 -29.55
N ALA C 455 2.45 7.21 -28.60
CA ALA C 455 2.76 7.37 -27.17
C ALA C 455 4.13 6.72 -26.90
N PHE C 456 5.14 7.54 -26.60
CA PHE C 456 6.48 7.06 -26.18
C PHE C 456 6.68 7.43 -24.72
N GLY C 457 6.76 6.42 -23.87
CA GLY C 457 6.79 6.59 -22.40
C GLY C 457 7.88 5.73 -21.84
N VAL C 458 8.55 6.16 -20.77
CA VAL C 458 9.55 5.35 -20.05
C VAL C 458 8.81 4.21 -19.37
N PRO C 459 9.19 2.93 -19.60
CA PRO C 459 8.29 1.82 -19.27
C PRO C 459 8.04 1.62 -17.78
N SER C 460 8.93 2.17 -16.93
CA SER C 460 8.83 2.17 -15.45
C SER C 460 7.61 2.97 -15.04
N LEU C 461 7.60 4.28 -15.40
CA LEU C 461 6.49 5.24 -15.15
C LEU C 461 5.25 4.80 -15.95
N GLY C 462 5.46 3.82 -16.83
CA GLY C 462 4.43 3.25 -17.71
C GLY C 462 3.87 1.98 -17.14
N LEU C 463 2.56 2.01 -16.86
CA LEU C 463 1.84 0.81 -16.35
C LEU C 463 1.26 0.01 -17.52
N LYS C 464 1.95 -0.03 -18.65
CA LYS C 464 1.57 -0.90 -19.79
C LYS C 464 2.78 -1.03 -20.69
N ARG C 465 3.52 0.06 -20.96
CA ARG C 465 4.60 0.14 -21.98
C ARG C 465 5.32 -1.22 -22.02
N GLY C 466 5.19 -1.91 -23.17
CA GLY C 466 5.83 -3.20 -23.48
C GLY C 466 7.31 -3.01 -23.79
N LEU C 467 8.03 -2.25 -22.93
CA LEU C 467 9.46 -1.80 -23.02
C LEU C 467 9.78 -1.16 -24.40
N SER C 468 8.97 -0.16 -24.79
CA SER C 468 8.95 0.49 -26.13
C SER C 468 10.22 0.08 -26.91
N HIS C 469 11.41 0.41 -26.40
CA HIS C 469 12.72 0.12 -27.04
C HIS C 469 12.98 1.14 -28.16
N ASP C 470 11.93 1.62 -28.84
CA ASP C 470 11.94 2.87 -29.65
C ASP C 470 12.44 4.03 -28.77
N LYS C 471 13.36 4.83 -29.30
CA LYS C 471 14.02 5.98 -28.60
C LYS C 471 13.61 7.28 -29.30
N VAL C 472 12.40 7.75 -29.00
CA VAL C 472 11.87 9.03 -29.54
C VAL C 472 11.81 10.07 -28.42
N VAL C 473 12.81 10.92 -28.42
CA VAL C 473 12.87 12.09 -27.51
C VAL C 473 12.14 13.25 -28.18
N ALA C 474 11.04 13.70 -27.57
CA ALA C 474 10.35 14.95 -27.96
C ALA C 474 10.77 16.08 -27.01
N PRO C 475 11.24 17.22 -27.54
CA PRO C 475 11.64 18.32 -26.67
C PRO C 475 10.46 18.78 -25.81
N TYR C 476 9.26 18.78 -26.39
CA TYR C 476 8.10 19.44 -25.75
C TYR C 476 8.04 18.94 -24.31
N GLY C 477 8.18 17.62 -24.11
CA GLY C 477 8.12 16.94 -22.80
C GLY C 477 9.19 17.44 -21.82
N SER C 478 10.43 17.59 -22.29
CA SER C 478 11.58 18.14 -21.52
C SER C 478 11.22 19.51 -20.95
N LEU C 479 10.79 20.42 -21.82
CA LEU C 479 10.44 21.83 -21.46
C LEU C 479 9.20 21.86 -20.57
N LEU C 480 8.24 20.95 -20.77
CA LEU C 480 7.00 20.93 -19.96
C LEU C 480 7.33 20.78 -18.48
N ALA C 481 8.59 20.49 -18.14
CA ALA C 481 9.07 20.30 -16.75
C ALA C 481 10.13 21.34 -16.40
N ILE C 482 10.34 22.37 -17.22
CA ILE C 482 11.29 23.49 -16.89
C ILE C 482 11.12 23.79 -15.41
N GLY C 483 9.87 23.98 -14.97
CA GLY C 483 9.52 24.22 -13.56
C GLY C 483 10.46 23.45 -12.65
N VAL C 484 10.58 22.14 -12.83
CA VAL C 484 11.30 21.23 -11.90
C VAL C 484 12.81 21.38 -12.07
N ASP C 485 13.43 20.70 -13.03
CA ASP C 485 14.90 20.63 -13.14
C ASP C 485 15.34 21.60 -14.24
N VAL C 486 15.16 22.90 -14.01
CA VAL C 486 15.51 23.95 -15.01
C VAL C 486 16.92 23.68 -15.52
N GLU C 487 17.88 23.47 -14.60
CA GLU C 487 19.26 23.08 -14.95
C GLU C 487 19.17 22.00 -16.06
N GLY C 488 18.65 20.81 -15.72
CA GLY C 488 18.49 19.67 -16.64
C GLY C 488 17.95 20.08 -18.00
N VAL C 489 16.79 20.76 -18.00
CA VAL C 489 16.07 21.19 -19.23
C VAL C 489 17.03 22.03 -20.06
N LEU C 490 17.72 22.99 -19.43
CA LEU C 490 18.69 23.85 -20.15
C LEU C 490 19.70 22.95 -20.88
N GLN C 491 20.33 22.01 -20.19
CA GLN C 491 21.33 21.09 -20.80
C GLN C 491 20.67 20.48 -22.04
N ASN C 492 19.56 19.76 -21.84
CA ASN C 492 18.76 19.14 -22.93
C ASN C 492 18.63 20.11 -24.11
N ILE C 493 18.31 21.39 -23.85
CA ILE C 493 18.07 22.41 -24.92
C ILE C 493 19.34 22.57 -25.76
N ARG C 494 20.49 22.77 -25.12
CA ARG C 494 21.79 22.82 -25.83
C ARG C 494 21.92 21.53 -26.65
N PHE C 495 21.85 20.37 -25.98
CA PHE C 495 21.93 19.00 -26.56
C PHE C 495 20.95 18.84 -27.74
N PHE C 496 19.74 19.39 -27.64
CA PHE C 496 18.73 19.39 -28.74
C PHE C 496 19.25 20.24 -29.91
N LYS C 497 19.79 21.45 -29.66
CA LYS C 497 20.29 22.33 -30.74
C LYS C 497 21.48 21.66 -31.44
N LYS C 498 22.42 21.11 -30.65
CA LYS C 498 23.61 20.38 -31.17
C LYS C 498 23.15 19.21 -32.05
N GLU C 499 22.16 18.42 -31.61
CA GLU C 499 21.59 17.31 -32.42
C GLU C 499 20.62 17.86 -33.47
N GLY C 500 20.41 19.20 -33.51
CA GLY C 500 19.77 19.91 -34.64
C GLY C 500 18.24 19.93 -34.54
N ALA C 501 17.71 20.12 -33.34
CA ALA C 501 16.24 20.23 -33.12
C ALA C 501 15.81 21.69 -33.28
N GLU C 502 16.75 22.65 -33.20
CA GLU C 502 16.42 24.10 -33.35
C GLU C 502 15.95 24.32 -34.79
N GLY C 503 14.84 25.06 -34.97
CA GLY C 503 14.28 25.45 -36.28
C GLY C 503 13.59 26.80 -36.24
N LYS C 504 12.85 27.12 -37.31
CA LYS C 504 12.17 28.43 -37.52
C LYS C 504 11.21 28.72 -36.38
N TYR C 505 10.38 27.73 -36.04
CA TYR C 505 9.27 27.83 -35.05
C TYR C 505 9.66 27.18 -33.72
N GLY C 506 10.96 27.20 -33.38
CA GLY C 506 11.45 26.74 -32.07
C GLY C 506 12.10 25.38 -32.19
N PHE C 507 11.64 24.41 -31.39
CA PHE C 507 12.15 23.02 -31.38
C PHE C 507 11.26 22.11 -32.22
N TYR C 508 11.88 21.29 -33.07
CA TYR C 508 11.16 20.34 -33.96
C TYR C 508 10.37 19.39 -33.08
N GLU C 509 9.29 18.82 -33.62
CA GLU C 509 8.39 17.91 -32.88
C GLU C 509 9.22 17.00 -31.95
N ALA C 510 10.10 16.19 -32.55
CA ALA C 510 10.88 15.13 -31.87
C ALA C 510 12.13 14.75 -32.67
N ILE C 511 13.07 14.10 -31.98
CA ILE C 511 14.24 13.39 -32.57
C ILE C 511 14.04 11.89 -32.40
N ASP C 512 14.13 11.19 -33.51
CA ASP C 512 13.99 9.71 -33.57
C ASP C 512 15.40 9.12 -33.65
N TYR C 513 15.82 8.46 -32.58
CA TYR C 513 17.14 7.78 -32.49
C TYR C 513 16.95 6.30 -32.82
N THR C 514 15.70 5.87 -33.06
CA THR C 514 15.30 4.45 -33.16
C THR C 514 16.14 3.76 -34.25
N PRO C 515 16.86 2.67 -33.91
CA PRO C 515 17.67 1.97 -34.90
C PRO C 515 16.83 1.66 -36.15
N GLU C 516 15.73 0.92 -35.95
CA GLU C 516 14.84 0.37 -37.00
C GLU C 516 14.47 1.44 -38.03
N ARG C 517 14.26 2.68 -37.58
CA ARG C 517 13.63 3.74 -38.41
C ARG C 517 14.64 4.78 -38.89
N VAL C 518 15.81 4.89 -38.26
CA VAL C 518 16.81 5.91 -38.68
C VAL C 518 17.28 5.58 -40.08
N PRO C 519 17.29 6.57 -41.01
CA PRO C 519 17.89 6.41 -42.33
C PRO C 519 19.35 6.02 -42.17
N PHE C 520 19.76 4.98 -42.90
CA PHE C 520 21.02 4.25 -42.64
C PHE C 520 22.18 5.24 -42.59
N GLY C 521 23.08 5.10 -41.60
CA GLY C 521 24.33 5.86 -41.51
C GLY C 521 24.15 7.12 -40.69
N LYS C 522 23.03 7.81 -40.88
CA LYS C 522 22.68 9.03 -40.11
C LYS C 522 22.39 8.60 -38.68
N LYS C 523 22.81 9.44 -37.73
CA LYS C 523 22.89 9.10 -36.28
C LYS C 523 21.49 8.99 -35.69
N SER C 524 20.54 9.71 -36.27
CA SER C 524 19.22 10.03 -35.68
C SER C 524 18.44 10.79 -36.75
N ALA C 525 17.11 10.71 -36.72
CA ALA C 525 16.23 11.26 -37.78
C ALA C 525 15.32 12.33 -37.19
N ILE C 526 15.65 13.61 -37.39
CA ILE C 526 14.83 14.69 -36.78
C ILE C 526 13.52 14.72 -37.54
N VAL C 527 12.43 14.65 -36.79
CA VAL C 527 11.04 14.79 -37.29
C VAL C 527 10.84 16.28 -37.58
N LYS C 528 11.16 16.70 -38.79
CA LYS C 528 11.08 18.10 -39.26
C LYS C 528 9.61 18.50 -39.34
N SER C 529 9.05 18.83 -38.17
CA SER C 529 7.61 19.06 -37.94
C SER C 529 7.43 20.06 -36.79
N PHE C 530 6.31 20.79 -36.78
CA PHE C 530 5.89 21.64 -35.64
C PHE C 530 4.40 21.41 -35.37
N MET C 531 4.09 20.90 -34.18
CA MET C 531 2.70 20.55 -33.80
C MET C 531 2.18 21.64 -32.86
N ALA C 532 1.03 22.24 -33.21
CA ALA C 532 0.42 23.43 -32.56
C ALA C 532 0.26 23.20 -31.05
N HIS C 533 -0.29 22.06 -30.67
CA HIS C 533 -0.55 21.70 -29.26
C HIS C 533 0.78 21.69 -28.49
N HIS C 534 1.79 20.97 -28.98
CA HIS C 534 3.13 20.89 -28.34
C HIS C 534 3.73 22.29 -28.29
N GLN C 535 3.67 23.00 -29.41
CA GLN C 535 4.21 24.38 -29.55
C GLN C 535 3.65 25.20 -28.39
N GLY C 536 2.32 25.17 -28.20
CA GLY C 536 1.62 25.85 -27.09
C GLY C 536 2.22 25.51 -25.73
N MET C 537 2.23 24.22 -25.38
CA MET C 537 2.78 23.70 -24.10
C MET C 537 4.15 24.34 -23.85
N VAL C 538 5.06 24.22 -24.82
CA VAL C 538 6.43 24.80 -24.71
C VAL C 538 6.31 26.29 -24.37
N PHE C 539 5.52 27.02 -25.17
CA PHE C 539 5.37 28.49 -25.04
C PHE C 539 4.91 28.84 -23.63
N VAL C 540 3.75 28.30 -23.27
CA VAL C 540 3.09 28.51 -21.94
C VAL C 540 4.13 28.17 -20.87
N ALA C 541 4.63 26.92 -20.88
CA ALA C 541 5.59 26.38 -19.91
C ALA C 541 6.75 27.37 -19.71
N LEU C 542 7.25 27.94 -20.81
CA LEU C 542 8.34 28.94 -20.77
C LEU C 542 7.84 30.18 -20.01
N ASP C 543 6.77 30.80 -20.49
CA ASP C 543 6.11 31.93 -19.78
C ASP C 543 6.05 31.58 -18.29
N ASN C 544 5.37 30.48 -17.94
CA ASN C 544 5.22 29.99 -16.55
C ASN C 544 6.56 30.07 -15.84
N PHE C 545 7.60 29.47 -16.40
CA PHE C 545 8.95 29.49 -15.81
C PHE C 545 9.41 30.92 -15.55
N ILE C 546 9.26 31.81 -16.53
CA ILE C 546 9.83 33.18 -16.49
C ILE C 546 9.05 34.05 -15.49
N ASN C 547 7.73 34.14 -15.68
CA ASN C 547 6.84 35.02 -14.87
C ASN C 547 6.21 34.22 -13.71
N ASN C 548 7.04 33.50 -12.95
CA ASN C 548 6.67 32.72 -11.74
C ASN C 548 5.24 32.15 -11.90
N ASN C 549 5.15 30.96 -12.48
CA ASN C 549 3.90 30.18 -12.70
C ASN C 549 2.68 31.11 -12.76
N VAL C 550 2.75 32.18 -13.57
CA VAL C 550 1.63 33.16 -13.75
C VAL C 550 0.35 32.40 -14.09
N MET C 551 0.31 31.73 -15.25
CA MET C 551 -0.90 31.09 -15.83
C MET C 551 -1.57 30.25 -14.74
N GLN C 552 -0.75 29.59 -13.91
CA GLN C 552 -1.20 28.79 -12.74
C GLN C 552 -2.05 29.66 -11.82
N LYS C 553 -1.46 30.77 -11.37
CA LYS C 553 -2.05 31.66 -10.35
C LYS C 553 -3.33 32.28 -10.91
N ARG C 554 -3.39 32.46 -12.24
CA ARG C 554 -4.60 32.97 -12.95
C ARG C 554 -5.72 31.94 -12.92
N PHE C 555 -5.42 30.68 -13.22
CA PHE C 555 -6.39 29.56 -13.23
C PHE C 555 -7.00 29.44 -11.82
N HIS C 556 -6.16 29.63 -10.79
CA HIS C 556 -6.55 29.49 -9.37
C HIS C 556 -7.17 30.79 -8.83
N LYS C 557 -7.03 31.89 -9.57
CA LYS C 557 -7.83 33.12 -9.32
C LYS C 557 -9.31 32.79 -9.52
N ASP C 558 -9.67 31.76 -10.30
CA ASP C 558 -11.10 31.39 -10.45
C ASP C 558 -11.59 30.85 -9.12
N PRO C 559 -12.77 31.33 -8.64
CA PRO C 559 -13.39 30.83 -7.41
C PRO C 559 -13.63 29.31 -7.40
N ARG C 560 -14.37 28.79 -8.39
CA ARG C 560 -14.69 27.35 -8.52
C ARG C 560 -13.42 26.51 -8.37
N ILE C 561 -12.31 27.01 -8.91
CA ILE C 561 -10.96 26.38 -8.87
C ILE C 561 -10.41 26.47 -7.46
N LYS C 562 -10.48 27.66 -6.85
CA LYS C 562 -10.09 27.89 -5.44
C LYS C 562 -10.87 26.93 -4.52
N ALA C 563 -12.15 26.68 -4.83
CA ALA C 563 -13.04 25.72 -4.12
C ALA C 563 -12.34 24.36 -3.96
N ALA C 564 -11.68 23.88 -5.01
CA ALA C 564 -11.12 22.52 -5.09
C ALA C 564 -9.62 22.51 -4.78
N GLN C 565 -8.97 23.69 -4.77
CA GLN C 565 -7.49 23.80 -4.92
C GLN C 565 -6.82 23.01 -3.78
N ILE C 566 -7.57 22.73 -2.72
CA ILE C 566 -7.07 21.98 -1.54
C ILE C 566 -6.79 20.52 -1.93
N LEU C 567 -7.46 19.98 -2.95
CA LEU C 567 -7.23 18.60 -3.46
C LEU C 567 -5.76 18.36 -3.86
N LEU C 568 -5.06 19.41 -4.31
CA LEU C 568 -3.67 19.28 -4.83
C LEU C 568 -2.71 19.16 -3.64
N GLN C 569 -3.18 19.57 -2.45
CA GLN C 569 -2.39 19.60 -1.19
C GLN C 569 -2.45 18.26 -0.47
N GLU C 570 -3.08 17.26 -1.08
CA GLU C 570 -2.94 15.83 -0.75
C GLU C 570 -1.48 15.52 -0.43
N LYS C 571 -1.17 15.06 0.80
CA LYS C 571 0.22 14.79 1.24
C LYS C 571 0.51 13.30 1.10
N MET C 572 1.80 12.98 0.98
CA MET C 572 2.31 11.64 0.64
C MET C 572 2.20 10.73 1.86
N PRO C 573 1.50 9.58 1.77
CA PRO C 573 1.13 8.79 2.95
C PRO C 573 2.34 8.30 3.76
N MET C 574 2.18 8.16 5.08
CA MET C 574 3.30 7.83 6.01
C MET C 574 3.52 6.31 6.03
N TYR C 575 2.46 5.54 6.08
CA TYR C 575 2.54 4.06 6.20
C TYR C 575 1.74 3.43 5.06
N LEU C 576 2.13 2.24 4.61
CA LEU C 576 1.54 1.62 3.39
C LEU C 576 1.33 0.12 3.64
N ASP C 577 0.10 -0.27 4.00
CA ASP C 577 -0.21 -1.66 4.40
C ASP C 577 -0.01 -2.54 3.16
N ILE C 578 1.15 -3.20 3.05
CA ILE C 578 1.43 -4.24 2.03
C ILE C 578 0.34 -5.33 2.09
N THR C 579 0.41 -6.26 3.06
CA THR C 579 -0.58 -7.35 3.33
C THR C 579 -1.21 -7.95 2.06
N ARG C 580 -2.27 -7.35 1.50
CA ARG C 580 -2.97 -7.81 0.27
C ARG C 580 -3.39 -9.27 0.48
N THR D 8 22.84 -38.78 -37.01
CA THR D 8 23.65 -39.60 -36.07
C THR D 8 23.36 -39.14 -34.64
N VAL D 9 22.48 -39.86 -33.93
CA VAL D 9 22.49 -39.91 -32.45
C VAL D 9 23.36 -41.10 -32.06
N SER D 10 24.42 -40.85 -31.28
CA SER D 10 25.28 -41.93 -30.73
C SER D 10 24.36 -42.84 -29.91
N GLN D 11 24.40 -44.14 -30.15
CA GLN D 11 23.69 -45.16 -29.32
C GLN D 11 23.87 -44.79 -27.84
N GLU D 12 25.09 -44.49 -27.40
CA GLU D 12 25.38 -43.86 -26.08
C GLU D 12 24.36 -42.73 -25.80
N GLU D 13 24.30 -41.70 -26.67
CA GLU D 13 23.38 -40.53 -26.54
C GLU D 13 21.97 -41.08 -26.28
N MET D 14 21.41 -41.84 -27.24
CA MET D 14 20.06 -42.44 -27.14
C MET D 14 19.83 -43.00 -25.72
N GLU D 15 20.71 -43.85 -25.23
CA GLU D 15 20.57 -44.53 -23.91
C GLU D 15 20.16 -43.50 -22.85
N GLU D 16 20.81 -42.33 -22.90
CA GLU D 16 20.53 -41.15 -22.05
C GLU D 16 19.07 -40.71 -22.28
N LEU D 17 18.69 -40.45 -23.53
CA LEU D 17 17.31 -40.02 -23.92
C LEU D 17 16.30 -41.02 -23.35
N ARG D 18 16.60 -42.31 -23.52
CA ARG D 18 15.74 -43.43 -23.04
C ARG D 18 15.58 -43.31 -21.52
N LEU D 19 16.69 -43.19 -20.79
CA LEU D 19 16.68 -43.05 -19.30
C LEU D 19 15.77 -41.88 -18.90
N VAL D 20 15.90 -40.75 -19.59
CA VAL D 20 15.11 -39.51 -19.32
C VAL D 20 13.63 -39.82 -19.54
N ALA D 21 13.33 -40.51 -20.64
CA ALA D 21 11.97 -41.04 -20.94
C ALA D 21 11.47 -41.80 -19.71
N ARG D 22 12.28 -42.78 -19.25
CA ARG D 22 11.95 -43.64 -18.09
C ARG D 22 11.65 -42.77 -16.87
N LYS D 23 12.62 -41.94 -16.47
CA LYS D 23 12.46 -40.99 -15.35
C LYS D 23 11.15 -40.23 -15.56
N THR D 24 10.91 -39.69 -16.77
CA THR D 24 9.72 -38.86 -17.08
C THR D 24 8.45 -39.70 -16.90
N TRP D 25 8.42 -40.92 -17.44
CA TRP D 25 7.28 -41.85 -17.30
C TRP D 25 6.96 -42.03 -15.82
N ARG D 26 8.02 -42.13 -15.02
CA ARG D 26 7.89 -42.39 -13.56
C ARG D 26 6.81 -41.47 -13.00
N TYR D 27 6.79 -40.17 -13.39
CA TYR D 27 5.79 -39.20 -12.89
C TYR D 27 4.45 -39.94 -12.78
N PHE D 28 4.01 -40.53 -13.90
CA PHE D 28 2.66 -41.12 -14.05
C PHE D 28 2.58 -42.41 -13.21
N GLU D 29 3.59 -43.27 -13.35
CA GLU D 29 3.74 -44.47 -12.50
C GLU D 29 3.30 -44.09 -11.09
N ASP D 30 3.90 -43.03 -10.54
CA ASP D 30 3.87 -42.70 -9.10
C ASP D 30 2.59 -41.93 -8.75
N PHE D 31 2.23 -40.90 -9.50
CA PHE D 31 1.20 -39.93 -9.03
C PHE D 31 -0.18 -40.25 -9.60
N VAL D 32 -0.26 -41.12 -10.62
CA VAL D 32 -1.55 -41.67 -11.10
C VAL D 32 -1.87 -42.87 -10.22
N THR D 33 -2.70 -42.63 -9.20
CA THR D 33 -3.05 -43.60 -8.14
C THR D 33 -4.52 -43.99 -8.28
N GLU D 34 -4.88 -45.15 -7.75
CA GLU D 34 -6.29 -45.51 -7.43
C GLU D 34 -6.98 -44.27 -6.82
N GLY D 35 -6.33 -43.64 -5.84
CA GLY D 35 -6.87 -42.49 -5.08
C GLY D 35 -7.22 -41.30 -5.97
N GLN D 36 -6.43 -41.04 -7.02
CA GLN D 36 -6.66 -39.92 -7.98
C GLN D 36 -7.63 -40.43 -9.08
N ASN D 37 -8.37 -41.51 -8.80
CA ASN D 37 -9.36 -42.13 -9.72
C ASN D 37 -8.67 -42.46 -11.06
N TYR D 38 -7.38 -42.79 -11.01
CA TYR D 38 -6.54 -43.19 -12.18
C TYR D 38 -6.37 -42.02 -13.17
N LEU D 39 -6.47 -40.79 -12.68
CA LEU D 39 -6.17 -39.55 -13.44
C LEU D 39 -4.81 -39.02 -13.03
N PRO D 40 -4.08 -38.33 -13.93
CA PRO D 40 -2.85 -37.66 -13.55
C PRO D 40 -3.15 -36.31 -12.93
N PRO D 41 -2.58 -36.01 -11.76
CA PRO D 41 -2.73 -34.69 -11.13
C PRO D 41 -1.89 -33.61 -11.82
N ASP D 42 -2.38 -32.36 -11.91
CA ASP D 42 -1.70 -31.29 -12.69
C ASP D 42 -0.19 -31.40 -12.48
N ASN D 43 0.27 -31.42 -11.23
CA ASN D 43 1.72 -31.32 -10.92
C ASN D 43 2.04 -31.94 -9.56
N PHE D 44 3.34 -32.20 -9.35
CA PHE D 44 3.95 -32.42 -8.02
C PHE D 44 5.09 -31.41 -7.81
N GLN D 45 4.98 -30.62 -6.73
CA GLN D 45 5.94 -29.56 -6.34
C GLN D 45 6.88 -30.14 -5.29
N GLU D 46 8.19 -30.08 -5.55
CA GLU D 46 9.21 -30.69 -4.67
C GLU D 46 9.62 -29.70 -3.59
N ASP D 47 10.40 -28.66 -3.95
CA ASP D 47 11.23 -27.93 -2.95
C ASP D 47 10.31 -27.24 -1.97
N PRO D 48 9.46 -26.29 -2.40
CA PRO D 48 8.27 -25.99 -1.60
C PRO D 48 7.46 -27.28 -1.70
N PRO D 49 7.32 -28.07 -0.61
CA PRO D 49 6.88 -29.46 -0.70
C PRO D 49 5.35 -29.60 -0.65
N ASN D 50 4.62 -28.65 -1.25
CA ASN D 50 3.13 -28.61 -1.19
C ASN D 50 2.56 -29.91 -1.79
N GLY D 51 3.44 -30.74 -2.36
CA GLY D 51 3.17 -32.15 -2.71
C GLY D 51 2.49 -32.24 -4.06
N VAL D 52 1.35 -32.93 -4.11
CA VAL D 52 0.61 -33.24 -5.36
C VAL D 52 -0.65 -32.40 -5.40
N ALA D 53 -0.97 -31.88 -6.57
CA ALA D 53 -2.23 -31.17 -6.89
C ALA D 53 -3.32 -32.22 -6.99
N GLU D 54 -4.52 -31.87 -6.55
CA GLU D 54 -5.71 -32.77 -6.56
C GLU D 54 -6.54 -32.49 -7.82
N ARG D 55 -6.01 -31.73 -8.79
CA ARG D 55 -6.78 -31.26 -9.97
C ARG D 55 -6.16 -31.91 -11.22
N THR D 56 -6.94 -32.03 -12.29
CA THR D 56 -6.43 -32.49 -13.61
C THR D 56 -7.29 -31.89 -14.74
N SER D 57 -6.67 -31.61 -15.89
CA SER D 57 -7.29 -31.00 -17.09
C SER D 57 -7.49 -32.09 -18.14
N PRO D 58 -8.49 -31.93 -19.05
CA PRO D 58 -8.68 -32.85 -20.18
C PRO D 58 -7.32 -33.23 -20.80
N THR D 59 -6.51 -32.21 -21.06
CA THR D 59 -5.17 -32.31 -21.71
C THR D 59 -4.28 -33.27 -20.91
N ASN D 60 -4.08 -32.97 -19.62
CA ASN D 60 -3.34 -33.84 -18.68
C ASN D 60 -3.72 -35.29 -18.99
N ILE D 61 -5.03 -35.55 -18.92
CA ILE D 61 -5.63 -36.91 -18.98
C ILE D 61 -5.24 -37.56 -20.29
N GLY D 62 -5.51 -36.86 -21.40
CA GLY D 62 -5.17 -37.31 -22.76
C GLY D 62 -3.71 -37.69 -22.84
N LEU D 63 -2.84 -36.78 -22.42
CA LEU D 63 -1.36 -36.99 -22.50
C LEU D 63 -0.96 -38.22 -21.68
N TYR D 64 -1.59 -38.47 -20.53
CA TYR D 64 -1.32 -39.69 -19.72
C TYR D 64 -1.67 -40.91 -20.57
N LEU D 65 -2.88 -40.94 -21.14
CA LEU D 65 -3.41 -42.08 -21.94
C LEU D 65 -2.45 -42.43 -23.07
N VAL D 66 -2.07 -41.44 -23.87
CA VAL D 66 -1.10 -41.64 -25.00
C VAL D 66 0.28 -41.96 -24.43
N SER D 67 0.63 -41.45 -23.24
CA SER D 67 1.89 -41.81 -22.53
C SER D 67 1.86 -43.29 -22.18
N VAL D 68 0.75 -43.77 -21.63
CA VAL D 68 0.57 -45.21 -21.29
C VAL D 68 0.98 -46.02 -22.52
N ILE D 69 0.35 -45.75 -23.67
CA ILE D 69 0.69 -46.40 -24.96
C ILE D 69 2.20 -46.29 -25.14
N GLY D 70 2.72 -45.07 -25.07
CA GLY D 70 4.15 -44.73 -25.20
C GLY D 70 5.00 -45.58 -24.27
N ALA D 71 4.53 -45.81 -23.05
CA ALA D 71 5.21 -46.66 -22.05
C ALA D 71 5.49 -48.02 -22.68
N ARG D 72 4.41 -48.71 -23.09
CA ARG D 72 4.51 -50.03 -23.74
C ARG D 72 5.50 -49.92 -24.91
N ASP D 73 5.43 -48.87 -25.74
CA ASP D 73 6.32 -48.68 -26.92
C ASP D 73 7.79 -48.85 -26.51
N LEU D 74 8.19 -48.28 -25.38
CA LEU D 74 9.60 -48.26 -24.90
C LEU D 74 9.88 -49.52 -24.09
N GLY D 75 8.84 -50.17 -23.58
CA GLY D 75 8.91 -51.46 -22.87
C GLY D 75 8.80 -51.29 -21.37
N TYR D 76 8.20 -50.18 -20.94
CA TYR D 76 8.16 -49.76 -19.51
C TYR D 76 6.96 -50.40 -18.84
N ILE D 77 5.96 -50.82 -19.61
CA ILE D 77 4.85 -51.67 -19.10
C ILE D 77 4.67 -52.87 -20.02
N THR D 78 3.82 -53.80 -19.55
CA THR D 78 3.40 -55.03 -20.27
C THR D 78 2.10 -54.73 -21.00
N THR D 79 1.83 -55.47 -22.06
CA THR D 79 0.63 -55.33 -22.90
C THR D 79 -0.60 -55.23 -21.99
N THR D 80 -0.70 -56.17 -21.04
CA THR D 80 -1.80 -56.26 -20.05
C THR D 80 -1.81 -54.95 -19.24
N GLU D 81 -0.74 -54.70 -18.48
CA GLU D 81 -0.60 -53.49 -17.60
C GLU D 81 -1.19 -52.31 -18.36
N MET D 82 -0.72 -52.12 -19.60
CA MET D 82 -1.17 -51.00 -20.48
C MET D 82 -2.70 -50.96 -20.51
N VAL D 83 -3.32 -51.91 -21.20
CA VAL D 83 -4.78 -51.95 -21.44
C VAL D 83 -5.52 -51.62 -20.14
N GLU D 84 -5.08 -52.21 -19.03
CA GLU D 84 -5.66 -52.00 -17.67
C GLU D 84 -5.82 -50.49 -17.44
N ARG D 85 -4.70 -49.77 -17.30
CA ARG D 85 -4.70 -48.35 -16.86
C ARG D 85 -5.66 -47.55 -17.77
N ILE D 86 -5.62 -47.85 -19.07
CA ILE D 86 -6.49 -47.19 -20.10
C ILE D 86 -7.94 -47.51 -19.72
N LYS D 87 -8.28 -48.80 -19.58
CA LYS D 87 -9.66 -49.23 -19.23
C LYS D 87 -10.12 -48.34 -18.08
N LYS D 88 -9.45 -48.43 -16.93
CA LYS D 88 -9.84 -47.76 -15.66
C LYS D 88 -10.03 -46.26 -15.94
N THR D 89 -8.97 -45.61 -16.45
CA THR D 89 -8.95 -44.15 -16.74
C THR D 89 -10.19 -43.82 -17.58
N LEU D 90 -10.46 -44.60 -18.62
CA LEU D 90 -11.64 -44.39 -19.51
C LEU D 90 -12.93 -44.57 -18.69
N ASP D 91 -13.01 -45.63 -17.88
CA ASP D 91 -14.19 -45.89 -17.00
C ASP D 91 -14.48 -44.59 -16.25
N THR D 92 -13.43 -43.96 -15.70
CA THR D 92 -13.47 -42.67 -14.97
C THR D 92 -14.02 -41.59 -15.88
N ILE D 93 -13.43 -41.44 -17.06
CA ILE D 93 -13.84 -40.41 -18.06
C ILE D 93 -15.35 -40.57 -18.32
N GLU D 94 -15.82 -41.79 -18.63
CA GLU D 94 -17.26 -42.07 -18.94
C GLU D 94 -18.16 -41.59 -17.80
N LYS D 95 -17.59 -41.41 -16.61
CA LYS D 95 -18.29 -40.89 -15.40
C LYS D 95 -18.35 -39.36 -15.42
N MET D 96 -17.25 -38.70 -15.76
CA MET D 96 -17.01 -37.24 -15.56
C MET D 96 -18.15 -36.40 -16.18
N GLU D 97 -18.76 -35.49 -15.39
CA GLU D 97 -19.85 -34.55 -15.81
C GLU D 97 -19.39 -33.89 -17.11
N LYS D 98 -20.04 -34.21 -18.24
CA LYS D 98 -19.66 -33.69 -19.58
C LYS D 98 -20.57 -32.52 -19.96
N TRP D 99 -20.27 -31.88 -21.10
CA TRP D 99 -21.02 -30.76 -21.70
C TRP D 99 -21.05 -30.92 -23.22
N ASN D 100 -22.17 -31.40 -23.76
CA ASN D 100 -22.33 -31.76 -25.19
C ASN D 100 -21.20 -32.72 -25.61
N GLY D 101 -20.80 -33.62 -24.71
CA GLY D 101 -19.75 -34.63 -24.96
C GLY D 101 -18.35 -34.07 -24.81
N HIS D 102 -18.20 -32.91 -24.18
CA HIS D 102 -16.90 -32.30 -23.78
C HIS D 102 -16.58 -32.63 -22.32
N LEU D 103 -15.31 -32.81 -22.00
CA LEU D 103 -14.80 -32.72 -20.60
C LEU D 103 -14.73 -31.23 -20.23
N TYR D 104 -14.82 -30.96 -18.93
CA TYR D 104 -14.72 -29.59 -18.38
C TYR D 104 -13.23 -29.19 -18.34
N ASN D 105 -13.03 -27.88 -18.23
CA ASN D 105 -11.76 -27.16 -18.05
C ASN D 105 -10.83 -27.93 -17.10
N TRP D 106 -11.32 -28.20 -15.89
CA TRP D 106 -10.61 -28.89 -14.79
C TRP D 106 -11.57 -29.79 -14.00
N TYR D 107 -11.10 -30.93 -13.53
CA TYR D 107 -11.79 -31.78 -12.54
C TYR D 107 -10.89 -31.92 -11.33
N ASN D 108 -11.49 -32.30 -10.20
CA ASN D 108 -10.76 -32.77 -9.01
C ASN D 108 -10.44 -34.27 -9.17
N THR D 109 -9.19 -34.67 -8.96
CA THR D 109 -8.69 -36.07 -9.06
C THR D 109 -9.46 -37.03 -8.13
N LYS D 110 -10.14 -36.53 -7.08
CA LYS D 110 -10.83 -37.35 -6.04
C LYS D 110 -12.35 -37.18 -6.15
N THR D 111 -12.85 -35.94 -6.11
CA THR D 111 -14.30 -35.60 -6.19
C THR D 111 -14.81 -35.86 -7.62
N LEU D 112 -13.91 -36.01 -8.60
CA LEU D 112 -14.20 -36.15 -10.05
C LEU D 112 -15.25 -35.12 -10.44
N GLU D 113 -15.22 -33.94 -9.82
CA GLU D 113 -16.27 -32.92 -9.99
C GLU D 113 -15.67 -31.80 -10.83
N PRO D 114 -16.46 -31.16 -11.73
CA PRO D 114 -16.05 -29.92 -12.36
C PRO D 114 -15.47 -28.95 -11.33
N LEU D 115 -14.32 -28.34 -11.60
CA LEU D 115 -13.73 -27.28 -10.76
C LEU D 115 -14.61 -26.04 -10.75
N ARG D 116 -14.22 -25.07 -9.92
CA ARG D 116 -15.04 -23.87 -9.61
C ARG D 116 -15.46 -23.20 -10.91
N PRO D 117 -14.54 -22.60 -11.71
CA PRO D 117 -14.96 -21.79 -12.85
C PRO D 117 -15.63 -22.62 -13.95
N TYR D 118 -16.55 -23.55 -13.64
CA TYR D 118 -17.32 -24.41 -14.59
C TYR D 118 -17.10 -23.89 -16.02
N TYR D 119 -16.11 -24.43 -16.73
CA TYR D 119 -15.68 -23.96 -18.08
C TYR D 119 -15.27 -25.16 -18.95
N VAL D 120 -15.48 -25.05 -20.25
CA VAL D 120 -15.08 -26.06 -21.28
C VAL D 120 -14.11 -25.40 -22.23
N SER D 121 -12.88 -25.90 -22.34
CA SER D 121 -11.85 -25.28 -23.20
C SER D 121 -11.80 -26.01 -24.55
N THR D 122 -11.75 -25.22 -25.63
CA THR D 122 -11.62 -25.70 -27.03
C THR D 122 -10.33 -26.50 -27.14
N VAL D 123 -9.22 -25.84 -26.84
CA VAL D 123 -7.84 -26.43 -26.90
C VAL D 123 -7.88 -27.74 -26.10
N ASP D 124 -8.31 -27.67 -24.83
CA ASP D 124 -8.33 -28.81 -23.87
C ASP D 124 -9.01 -29.99 -24.58
N SER D 125 -10.27 -29.82 -25.02
CA SER D 125 -11.01 -30.83 -25.82
C SER D 125 -10.15 -31.23 -27.03
N GLY D 126 -9.89 -30.28 -27.92
CA GLY D 126 -9.11 -30.49 -29.16
C GLY D 126 -7.91 -31.40 -28.95
N ASN D 127 -7.05 -31.07 -27.99
CA ASN D 127 -5.87 -31.92 -27.65
C ASN D 127 -6.35 -33.31 -27.27
N LEU D 128 -7.17 -33.40 -26.24
CA LEU D 128 -7.66 -34.66 -25.64
C LEU D 128 -8.18 -35.59 -26.73
N VAL D 129 -9.14 -35.11 -27.52
CA VAL D 129 -9.80 -35.90 -28.61
C VAL D 129 -8.69 -36.55 -29.44
N GLY D 130 -7.76 -35.74 -29.95
CA GLY D 130 -6.59 -36.21 -30.71
C GLY D 130 -5.87 -37.35 -30.00
N TYR D 131 -5.55 -37.15 -28.71
CA TYR D 131 -4.76 -38.10 -27.88
C TYR D 131 -5.54 -39.41 -27.78
N LEU D 132 -6.86 -39.34 -27.70
CA LEU D 132 -7.77 -40.52 -27.68
C LEU D 132 -7.70 -41.28 -29.00
N ILE D 133 -7.98 -40.56 -30.09
CA ILE D 133 -7.96 -41.08 -31.48
C ILE D 133 -6.66 -41.86 -31.68
N THR D 134 -5.54 -41.25 -31.30
CA THR D 134 -4.18 -41.86 -31.29
C THR D 134 -4.24 -43.22 -30.60
N VAL D 135 -4.70 -43.24 -29.34
CA VAL D 135 -4.76 -44.46 -28.49
C VAL D 135 -5.62 -45.50 -29.21
N LYS D 136 -6.82 -45.13 -29.65
CA LYS D 136 -7.74 -46.02 -30.40
C LYS D 136 -6.94 -46.77 -31.47
N GLU D 137 -6.37 -46.03 -32.43
CA GLU D 137 -5.71 -46.64 -33.62
C GLU D 137 -4.46 -47.41 -33.19
N ALA D 138 -3.90 -47.10 -32.03
CA ALA D 138 -2.66 -47.72 -31.50
C ALA D 138 -2.97 -49.06 -30.81
N ILE D 139 -3.92 -49.07 -29.88
CA ILE D 139 -4.15 -50.18 -28.89
C ILE D 139 -4.24 -51.51 -29.65
N GLY D 140 -4.94 -51.53 -30.78
CA GLY D 140 -5.09 -52.74 -31.61
C GLY D 140 -3.77 -53.42 -31.81
N GLU D 141 -2.73 -52.64 -32.15
CA GLU D 141 -1.40 -53.15 -32.59
C GLU D 141 -0.94 -54.26 -31.64
N PHE D 142 -1.34 -54.22 -30.36
CA PHE D 142 -0.74 -55.03 -29.27
C PHE D 142 -1.32 -56.45 -29.20
N LEU D 143 -2.34 -56.74 -30.03
CA LEU D 143 -2.89 -58.11 -30.18
C LEU D 143 -2.01 -58.91 -31.14
N ASN D 144 -1.22 -58.26 -32.00
CA ASN D 144 -0.20 -58.93 -32.85
C ASN D 144 1.20 -58.40 -32.54
N LYS D 145 1.37 -57.70 -31.42
CA LYS D 145 2.72 -57.33 -30.90
C LYS D 145 3.06 -58.27 -29.74
N PRO D 146 4.25 -58.93 -29.83
CA PRO D 146 4.69 -59.94 -28.89
C PRO D 146 4.57 -59.53 -27.41
N LEU D 147 3.91 -60.38 -26.60
CA LEU D 147 3.86 -60.22 -25.12
C LEU D 147 5.28 -60.28 -24.55
N ILE D 148 6.18 -61.00 -25.26
CA ILE D 148 7.67 -60.99 -25.06
C ILE D 148 8.35 -60.40 -26.29
N ASP D 149 8.62 -59.09 -26.27
CA ASP D 149 9.55 -58.47 -27.26
C ASP D 149 10.77 -57.95 -26.52
N ILE D 150 11.85 -57.78 -27.29
CA ILE D 150 13.15 -57.23 -26.83
C ILE D 150 12.91 -55.94 -26.05
N GLU D 151 11.95 -55.11 -26.48
CA GLU D 151 11.71 -53.74 -25.92
C GLU D 151 11.41 -53.86 -24.41
N LEU D 152 10.80 -54.96 -23.93
CA LEU D 152 10.46 -55.12 -22.49
C LEU D 152 11.74 -55.36 -21.68
N ALA D 153 12.82 -55.72 -22.36
CA ALA D 153 14.19 -55.88 -21.79
C ALA D 153 14.95 -54.56 -21.90
N LYS D 154 15.02 -53.97 -23.10
CA LYS D 154 15.52 -52.57 -23.28
C LYS D 154 14.86 -51.68 -22.22
N GLY D 155 13.59 -51.97 -21.89
CA GLY D 155 12.75 -51.25 -20.91
C GLY D 155 13.26 -51.43 -19.50
N LEU D 156 13.35 -52.67 -19.03
CA LEU D 156 13.88 -53.00 -17.68
C LEU D 156 15.27 -52.37 -17.51
N LYS D 157 16.12 -52.44 -18.54
CA LYS D 157 17.48 -51.83 -18.56
C LYS D 157 17.39 -50.40 -18.04
N ASP D 158 16.51 -49.61 -18.66
CA ASP D 158 16.24 -48.20 -18.28
C ASP D 158 15.74 -48.20 -16.83
N THR D 159 14.74 -49.02 -16.49
CA THR D 159 14.20 -49.18 -15.11
C THR D 159 15.35 -49.34 -14.11
N ILE D 160 16.34 -50.17 -14.44
CA ILE D 160 17.47 -50.52 -13.54
C ILE D 160 18.44 -49.34 -13.46
N LYS D 161 18.88 -48.82 -14.60
CA LYS D 161 19.73 -47.59 -14.64
C LYS D 161 19.07 -46.55 -13.72
N MET D 162 17.76 -46.35 -13.90
CA MET D 162 16.95 -45.37 -13.14
C MET D 162 17.01 -45.68 -11.65
N LEU D 163 16.81 -46.93 -11.22
CA LEU D 163 16.73 -47.25 -9.77
C LEU D 163 18.11 -47.36 -9.09
N ASN D 164 19.17 -47.66 -9.84
CA ASN D 164 20.57 -47.78 -9.34
C ASN D 164 20.63 -48.56 -8.01
N VAL D 165 19.82 -49.62 -7.86
CA VAL D 165 19.87 -50.54 -6.68
C VAL D 165 21.21 -51.28 -6.72
N LYS D 166 22.18 -50.91 -5.87
CA LYS D 166 23.59 -51.39 -5.91
C LYS D 166 23.72 -52.82 -6.48
N GLY D 167 22.95 -53.76 -5.93
CA GLY D 167 22.90 -55.19 -6.34
C GLY D 167 22.96 -55.40 -7.86
N ILE D 168 22.37 -54.48 -8.62
CA ILE D 168 22.08 -54.63 -10.08
C ILE D 168 22.74 -53.50 -10.88
N THR D 169 23.25 -53.81 -12.07
CA THR D 169 23.99 -52.88 -12.97
C THR D 169 23.34 -52.87 -14.36
N GLU D 170 24.00 -52.23 -15.32
CA GLU D 170 23.60 -52.22 -16.74
C GLU D 170 24.14 -53.48 -17.43
N ASP D 171 25.45 -53.73 -17.30
CA ASP D 171 26.19 -54.85 -17.95
C ASP D 171 25.40 -56.17 -17.82
N ILE D 172 24.74 -56.37 -16.68
CA ILE D 172 23.83 -57.53 -16.40
C ILE D 172 23.08 -57.90 -17.70
N PHE D 173 22.53 -56.92 -18.41
CA PHE D 173 21.76 -57.13 -19.67
C PHE D 173 22.70 -57.74 -20.74
N THR D 174 23.57 -56.91 -21.33
CA THR D 174 24.54 -57.26 -22.42
C THR D 174 23.95 -58.36 -23.32
N THR D 175 24.24 -59.65 -23.02
CA THR D 175 23.71 -60.84 -23.72
C THR D 175 22.34 -60.54 -24.34
N ILE D 176 21.30 -60.41 -23.51
CA ILE D 176 19.87 -60.35 -23.98
C ILE D 176 19.73 -59.28 -25.07
N LEU D 177 20.32 -58.10 -24.87
CA LEU D 177 20.28 -56.93 -25.81
C LEU D 177 21.12 -57.23 -27.07
N SER D 178 22.17 -58.06 -26.97
CA SER D 178 23.05 -58.39 -28.13
C SER D 178 22.25 -59.14 -29.20
N LYS D 179 21.22 -59.87 -28.75
CA LYS D 179 20.23 -60.61 -29.58
C LYS D 179 19.32 -59.57 -30.23
N THR D 180 18.64 -59.94 -31.32
CA THR D 180 17.56 -59.16 -31.97
C THR D 180 16.20 -59.73 -31.54
N THR D 181 16.13 -60.76 -30.69
CA THR D 181 14.89 -61.17 -29.98
C THR D 181 15.20 -61.86 -28.66
N LEU D 182 14.15 -62.25 -27.94
CA LEU D 182 14.18 -62.70 -26.53
C LEU D 182 13.22 -63.88 -26.40
N VAL D 183 13.73 -65.04 -25.97
CA VAL D 183 12.97 -66.31 -25.79
C VAL D 183 12.63 -66.46 -24.31
N PRO D 184 11.34 -66.60 -23.94
CA PRO D 184 10.90 -66.63 -22.54
C PRO D 184 11.81 -67.30 -21.50
N SER D 185 12.42 -68.43 -21.82
CA SER D 185 13.40 -69.13 -20.94
C SER D 185 14.56 -68.19 -20.60
N GLU D 186 15.27 -67.67 -21.60
CA GLU D 186 16.35 -66.64 -21.44
C GLU D 186 15.82 -65.50 -20.56
N TRP D 187 14.60 -65.04 -20.83
CA TRP D 187 13.86 -63.98 -20.07
C TRP D 187 13.55 -64.50 -18.66
N GLU D 188 12.80 -65.60 -18.55
CA GLU D 188 12.51 -66.27 -17.24
C GLU D 188 13.83 -66.39 -16.46
N ALA D 189 14.91 -66.82 -17.11
CA ALA D 189 16.29 -66.93 -16.57
C ALA D 189 16.75 -65.57 -16.03
N PHE D 190 16.83 -64.58 -16.92
CA PHE D 190 17.20 -63.18 -16.63
C PHE D 190 16.39 -62.66 -15.43
N LEU D 191 15.06 -62.75 -15.47
CA LEU D 191 14.14 -62.25 -14.40
C LEU D 191 14.45 -62.91 -13.05
N ASN D 192 14.74 -64.22 -13.04
CA ASN D 192 15.03 -64.97 -11.78
C ASN D 192 16.47 -64.67 -11.34
N LYS D 193 17.41 -64.66 -12.29
CA LYS D 193 18.80 -64.16 -12.15
C LYS D 193 18.78 -62.88 -11.30
N ILE D 194 18.01 -61.86 -11.74
CA ILE D 194 17.82 -60.55 -11.04
C ILE D 194 17.14 -60.84 -9.69
N ARG D 195 16.06 -61.63 -9.68
CA ARG D 195 15.25 -61.98 -8.47
C ARG D 195 16.18 -62.44 -7.35
N GLU D 196 17.20 -63.24 -7.69
CA GLU D 196 18.21 -63.75 -6.73
C GLU D 196 19.08 -62.57 -6.23
N LYS D 197 19.89 -61.97 -7.13
CA LYS D 197 20.84 -60.89 -6.79
C LYS D 197 20.14 -59.77 -6.04
N LEU D 198 18.81 -59.63 -6.17
CA LEU D 198 17.99 -58.64 -5.40
C LEU D 198 17.87 -59.11 -3.94
N LEU D 199 17.48 -60.38 -3.75
CA LEU D 199 17.23 -60.97 -2.40
C LEU D 199 18.48 -60.78 -1.53
N SER D 200 19.66 -60.91 -2.15
CA SER D 200 21.00 -60.88 -1.51
C SER D 200 21.44 -59.44 -1.20
N SER D 201 21.24 -58.49 -2.11
CA SER D 201 21.51 -57.03 -1.94
C SER D 201 20.92 -56.52 -0.62
N GLN D 202 21.68 -55.67 0.08
CA GLN D 202 21.23 -54.94 1.31
C GLN D 202 21.03 -53.44 1.00
N ASP D 203 20.55 -53.10 -0.21
CA ASP D 203 20.17 -51.71 -0.60
C ASP D 203 18.88 -51.35 0.15
N ASP D 204 18.56 -50.06 0.22
CA ASP D 204 17.25 -49.51 0.68
C ASP D 204 16.14 -50.49 0.23
N LEU D 205 15.59 -51.27 1.17
CA LEU D 205 14.46 -52.22 0.92
C LEU D 205 13.49 -51.60 -0.09
N GLU D 206 13.05 -50.35 0.12
CA GLU D 206 12.10 -49.59 -0.76
C GLU D 206 12.57 -49.65 -2.23
N ASN D 207 13.78 -49.17 -2.54
CA ASN D 207 14.38 -49.22 -3.90
C ASN D 207 14.33 -50.68 -4.41
N ILE D 208 14.87 -51.64 -3.64
CA ILE D 208 14.83 -53.10 -3.95
C ILE D 208 13.37 -53.47 -4.29
N LYS D 209 12.49 -53.27 -3.31
CA LYS D 209 11.06 -53.66 -3.35
C LYS D 209 10.50 -53.34 -4.74
N ARG D 210 10.55 -52.07 -5.15
CA ARG D 210 9.92 -51.65 -6.43
C ARG D 210 10.44 -52.54 -7.56
N LEU D 211 11.77 -52.71 -7.70
CA LEU D 211 12.37 -53.54 -8.78
C LEU D 211 11.84 -54.98 -8.70
N LYS D 212 11.66 -55.52 -7.48
CA LYS D 212 11.01 -56.85 -7.28
C LYS D 212 9.65 -56.85 -7.98
N ASN D 213 8.77 -55.93 -7.58
CA ASN D 213 7.36 -55.84 -8.08
C ASN D 213 7.31 -55.53 -9.57
N ILE D 214 8.30 -54.81 -10.09
CA ILE D 214 8.41 -54.48 -11.54
C ILE D 214 9.07 -55.67 -12.26
N ILE D 215 9.60 -56.65 -11.53
CA ILE D 215 9.99 -58.01 -12.05
C ILE D 215 8.91 -59.05 -11.70
N ILE D 216 8.12 -58.80 -10.66
CA ILE D 216 6.94 -59.63 -10.25
C ILE D 216 5.79 -59.44 -11.25
N ALA D 217 5.51 -58.19 -11.65
CA ALA D 217 4.54 -57.85 -12.71
C ALA D 217 5.02 -58.44 -14.05
N LEU D 218 6.33 -58.46 -14.30
CA LEU D 218 6.96 -59.04 -15.51
C LEU D 218 6.71 -60.55 -15.60
N LYS D 219 6.91 -61.29 -14.51
CA LYS D 219 6.60 -62.74 -14.42
C LYS D 219 5.10 -62.93 -14.54
N GLY D 220 4.31 -62.05 -13.88
CA GLY D 220 2.83 -62.11 -13.82
C GLY D 220 2.19 -62.38 -15.17
N GLU D 221 2.37 -61.45 -16.13
CA GLU D 221 1.94 -61.56 -17.55
C GLU D 221 2.44 -62.90 -18.10
N MET D 222 3.74 -63.20 -17.92
CA MET D 222 4.45 -64.32 -18.61
C MET D 222 3.87 -65.67 -18.17
N LYS D 223 3.84 -65.94 -16.86
CA LYS D 223 3.29 -67.19 -16.26
C LYS D 223 1.86 -67.40 -16.77
N GLU D 224 1.04 -66.35 -16.68
CA GLU D 224 -0.42 -66.37 -16.97
C GLU D 224 -0.65 -66.68 -18.45
N PHE D 225 -0.03 -65.92 -19.36
CA PHE D 225 -0.36 -65.93 -20.82
C PHE D 225 0.56 -66.92 -21.57
N LEU D 226 1.81 -67.10 -21.12
CA LEU D 226 2.77 -68.09 -21.68
C LEU D 226 2.94 -69.23 -20.67
N VAL D 227 1.88 -70.00 -20.42
CA VAL D 227 1.86 -70.99 -19.29
C VAL D 227 2.89 -72.10 -19.55
N TRP D 228 3.50 -72.19 -20.73
CA TRP D 228 4.49 -73.27 -21.06
C TRP D 228 5.68 -73.25 -20.08
N THR D 229 6.00 -72.12 -19.46
CA THR D 229 7.07 -72.03 -18.42
C THR D 229 6.59 -72.66 -17.10
N GLU D 230 5.32 -73.10 -17.03
CA GLU D 230 4.67 -73.68 -15.82
C GLU D 230 4.44 -75.18 -16.01
N PHE D 231 4.98 -75.84 -17.06
CA PHE D 231 4.83 -77.31 -17.27
C PHE D 231 5.99 -78.02 -16.57
N ASP D 232 5.70 -78.91 -15.61
CA ASP D 232 6.71 -79.56 -14.72
C ASP D 232 7.44 -80.66 -15.50
N GLU D 233 8.58 -81.11 -14.98
CA GLU D 233 9.57 -82.02 -15.62
C GLU D 233 8.87 -83.10 -16.46
N SER D 234 7.89 -83.79 -15.88
CA SER D 234 7.13 -84.91 -16.50
C SER D 234 6.25 -84.38 -17.66
N GLU D 235 5.58 -83.24 -17.47
CA GLU D 235 4.60 -82.68 -18.43
C GLU D 235 5.32 -82.16 -19.67
N LYS D 236 6.54 -81.60 -19.53
CA LYS D 236 7.36 -81.08 -20.65
C LYS D 236 7.75 -82.22 -21.61
N GLU D 237 7.73 -83.46 -21.12
CA GLU D 237 8.24 -84.65 -21.83
C GLU D 237 7.19 -85.15 -22.83
N GLN D 238 5.89 -85.08 -22.51
CA GLN D 238 4.79 -85.50 -23.45
C GLN D 238 5.21 -85.12 -24.88
N GLU D 239 5.43 -86.08 -25.80
CA GLU D 239 6.04 -85.80 -27.14
C GLU D 239 5.30 -84.64 -27.79
N ILE D 240 3.97 -84.60 -27.65
CA ILE D 240 3.06 -83.52 -28.15
C ILE D 240 3.67 -82.14 -27.83
N PHE D 241 4.22 -81.96 -26.63
CA PHE D 241 4.81 -80.70 -26.10
C PHE D 241 6.13 -80.41 -26.83
N LYS D 242 6.87 -81.43 -27.27
CA LYS D 242 8.19 -81.28 -27.95
C LYS D 242 8.04 -80.99 -29.45
N ARG D 243 6.86 -81.17 -30.05
CA ARG D 243 6.54 -80.65 -31.40
C ARG D 243 6.14 -79.18 -31.29
N TYR D 244 5.58 -78.80 -30.13
CA TYR D 244 4.99 -77.47 -29.79
C TYR D 244 5.99 -76.66 -28.94
N LYS D 245 7.24 -77.13 -28.84
CA LYS D 245 8.37 -76.50 -28.12
C LYS D 245 8.83 -75.26 -28.91
N GLU D 246 9.24 -75.44 -30.17
CA GLU D 246 9.74 -74.33 -31.02
C GLU D 246 8.57 -73.59 -31.67
N VAL D 247 7.32 -74.01 -31.42
CA VAL D 247 6.07 -73.28 -31.84
C VAL D 247 5.62 -72.35 -30.70
N PHE D 248 6.18 -72.49 -29.50
CA PHE D 248 6.05 -71.53 -28.36
C PHE D 248 7.17 -70.48 -28.43
N GLU D 249 8.31 -70.81 -29.07
CA GLU D 249 9.52 -69.97 -29.24
C GLU D 249 9.49 -69.13 -30.53
N GLU D 250 8.41 -69.12 -31.31
CA GLU D 250 8.33 -68.31 -32.56
C GLU D 250 6.96 -67.65 -32.70
N HIS D 251 6.19 -67.61 -31.61
CA HIS D 251 4.83 -67.01 -31.53
C HIS D 251 4.55 -66.61 -30.07
N SER D 252 4.57 -65.31 -29.78
CA SER D 252 4.37 -64.71 -28.41
C SER D 252 3.25 -63.66 -28.40
N SER D 253 2.69 -63.33 -29.57
CA SER D 253 1.58 -62.34 -29.70
C SER D 253 0.28 -62.98 -29.26
N PRO D 254 -0.66 -62.24 -28.62
CA PRO D 254 -1.96 -62.78 -28.21
C PRO D 254 -2.74 -63.56 -29.29
N LYS D 255 -2.60 -63.20 -30.57
CA LYS D 255 -3.27 -63.89 -31.71
C LYS D 255 -2.46 -65.12 -32.14
N GLU D 256 -1.13 -64.97 -32.27
CA GLU D 256 -0.19 -66.09 -32.58
C GLU D 256 -0.26 -67.14 -31.46
N LEU D 257 -0.63 -66.75 -30.24
CA LEU D 257 -0.88 -67.66 -29.08
C LEU D 257 -2.28 -68.28 -29.23
N GLU D 258 -3.31 -67.44 -29.39
CA GLU D 258 -4.71 -67.90 -29.58
C GLU D 258 -4.76 -69.02 -30.64
N LYS D 259 -3.97 -68.92 -31.72
CA LYS D 259 -3.78 -69.96 -32.76
C LYS D 259 -3.17 -71.23 -32.12
N VAL D 260 -1.97 -71.11 -31.54
CA VAL D 260 -1.15 -72.23 -30.99
C VAL D 260 -1.71 -72.74 -29.64
N TYR D 261 -2.77 -72.13 -29.08
CA TYR D 261 -3.46 -72.58 -27.83
C TYR D 261 -4.80 -73.26 -28.14
N LYS D 262 -5.12 -73.53 -29.41
CA LYS D 262 -6.24 -74.44 -29.80
C LYS D 262 -5.71 -75.59 -30.67
N ASN D 263 -4.66 -75.37 -31.46
CA ASN D 263 -3.91 -76.41 -32.21
C ASN D 263 -3.26 -77.42 -31.25
N TYR D 264 -3.02 -77.00 -30.00
CA TYR D 264 -2.51 -77.82 -28.86
C TYR D 264 -3.68 -78.53 -28.17
N LEU D 265 -4.89 -77.94 -28.23
CA LEU D 265 -6.13 -78.53 -27.63
C LEU D 265 -6.72 -79.58 -28.59
N LEU D 266 -6.52 -79.40 -29.89
CA LEU D 266 -6.93 -80.36 -30.94
C LEU D 266 -5.90 -81.49 -31.03
N GLU D 267 -4.61 -81.18 -30.81
CA GLU D 267 -3.52 -82.19 -30.87
C GLU D 267 -3.52 -83.03 -29.59
N ILE D 268 -4.06 -82.52 -28.47
CA ILE D 268 -4.18 -83.28 -27.18
C ILE D 268 -5.38 -84.25 -27.24
N GLU D 269 -6.41 -83.94 -28.03
CA GLU D 269 -7.66 -84.78 -28.11
C GLU D 269 -7.51 -85.93 -29.11
N GLU D 270 -6.36 -86.11 -29.79
CA GLU D 270 -6.02 -87.28 -30.67
C GLU D 270 -5.03 -88.21 -29.96
N VAL D 271 -4.63 -87.86 -28.73
CA VAL D 271 -3.92 -88.75 -27.75
C VAL D 271 -4.47 -88.42 -26.34
N PHE D 272 -5.78 -88.10 -26.24
CA PHE D 272 -6.54 -88.01 -24.97
C PHE D 272 -6.90 -89.43 -24.48
N LYS D 273 -6.95 -90.41 -25.38
CA LYS D 273 -7.18 -91.84 -25.03
C LYS D 273 -6.39 -92.78 -25.94
N LYS D 274 -5.39 -92.27 -26.69
CA LYS D 274 -4.29 -93.02 -27.38
C LYS D 274 -2.99 -92.94 -26.55
N ALA D 275 -3.12 -92.93 -25.21
CA ALA D 275 -2.06 -92.62 -24.22
C ALA D 275 -2.50 -93.16 -22.85
N THR D 276 -1.53 -93.60 -22.06
CA THR D 276 -1.70 -94.37 -20.79
C THR D 276 -2.38 -93.50 -19.72
N GLU D 277 -2.70 -94.01 -18.53
CA GLU D 277 -3.16 -93.27 -17.31
C GLU D 277 -2.04 -92.36 -16.76
N GLU D 278 -0.81 -92.80 -17.02
CA GLU D 278 0.51 -92.13 -16.90
C GLU D 278 0.56 -90.91 -17.84
N GLU D 279 -0.01 -91.02 -19.06
CA GLU D 279 -0.03 -89.98 -20.11
C GLU D 279 -1.42 -89.34 -20.23
N LYS D 280 -2.41 -89.73 -19.40
CA LYS D 280 -3.82 -89.24 -19.37
C LYS D 280 -4.01 -88.28 -18.17
N ALA D 281 -3.39 -88.55 -17.03
CA ALA D 281 -3.34 -87.65 -15.87
C ALA D 281 -2.47 -86.42 -16.20
N LEU D 282 -1.43 -86.58 -17.03
CA LEU D 282 -0.39 -85.54 -17.34
C LEU D 282 -0.95 -84.46 -18.29
N LEU D 283 -1.45 -84.90 -19.45
CA LEU D 283 -2.07 -84.00 -20.47
C LEU D 283 -3.37 -83.42 -19.87
N LYS D 284 -3.97 -84.11 -18.90
CA LYS D 284 -5.14 -83.65 -18.10
C LYS D 284 -4.95 -82.17 -17.71
N SER D 285 -4.06 -81.87 -16.74
CA SER D 285 -3.91 -80.49 -16.18
C SER D 285 -3.52 -79.53 -17.31
N GLN D 286 -2.59 -79.96 -18.18
CA GLN D 286 -2.11 -79.23 -19.39
C GLN D 286 -3.27 -78.59 -20.18
N LYS D 287 -4.41 -79.28 -20.25
CA LYS D 287 -5.59 -78.81 -21.01
C LYS D 287 -6.34 -77.73 -20.21
N ASP D 288 -6.78 -78.03 -18.98
CA ASP D 288 -7.53 -77.07 -18.12
C ASP D 288 -6.64 -75.84 -17.81
N LYS D 289 -5.31 -75.95 -17.83
CA LYS D 289 -4.36 -74.81 -17.65
C LYS D 289 -4.39 -73.88 -18.87
N VAL D 290 -4.09 -74.44 -20.04
CA VAL D 290 -4.03 -73.76 -21.37
C VAL D 290 -5.41 -73.17 -21.70
N ALA D 291 -6.47 -73.70 -21.07
CA ALA D 291 -7.87 -73.24 -21.17
C ALA D 291 -8.01 -71.82 -20.64
N GLN D 292 -7.75 -71.56 -19.35
CA GLN D 292 -7.93 -70.18 -18.81
C GLN D 292 -6.97 -69.22 -19.53
N ALA D 293 -5.75 -69.66 -19.82
CA ALA D 293 -4.71 -68.89 -20.56
C ALA D 293 -5.28 -68.42 -21.90
N LEU D 294 -6.15 -69.22 -22.53
CA LEU D 294 -6.89 -68.84 -23.77
C LEU D 294 -8.05 -67.91 -23.42
N GLU D 295 -8.87 -68.29 -22.42
CA GLU D 295 -10.02 -67.48 -21.90
C GLU D 295 -9.52 -66.05 -21.60
N LYS D 296 -8.28 -65.91 -21.10
CA LYS D 296 -7.69 -64.59 -20.74
C LYS D 296 -7.30 -63.85 -22.01
N ILE D 297 -6.74 -64.53 -23.01
CA ILE D 297 -6.41 -63.91 -24.33
C ILE D 297 -7.70 -63.32 -24.91
N LYS D 298 -8.82 -64.06 -24.86
CA LYS D 298 -10.13 -63.59 -25.36
C LYS D 298 -10.60 -62.38 -24.56
N LYS D 299 -10.42 -62.40 -23.24
CA LYS D 299 -10.79 -61.31 -22.30
C LYS D 299 -10.01 -60.04 -22.66
N LEU D 300 -8.69 -60.14 -22.74
CA LEU D 300 -7.75 -59.05 -23.17
C LEU D 300 -8.32 -58.42 -24.44
N GLU D 301 -8.51 -59.24 -25.49
CA GLU D 301 -8.98 -58.82 -26.84
C GLU D 301 -10.32 -58.10 -26.70
N ALA D 302 -11.19 -58.51 -25.79
CA ALA D 302 -12.53 -57.92 -25.51
C ALA D 302 -12.36 -56.51 -24.95
N GLU D 303 -11.72 -56.40 -23.78
CA GLU D 303 -11.49 -55.11 -23.08
C GLU D 303 -10.93 -54.09 -24.08
N ILE D 304 -10.02 -54.54 -24.97
CA ILE D 304 -9.44 -53.71 -26.08
C ILE D 304 -10.58 -53.12 -26.92
N GLU D 305 -11.43 -53.95 -27.51
CA GLU D 305 -12.50 -53.50 -28.44
C GLU D 305 -13.43 -52.56 -27.65
N ASN D 306 -13.82 -52.94 -26.43
CA ASN D 306 -14.66 -52.09 -25.54
C ASN D 306 -14.02 -50.70 -25.43
N ILE D 307 -12.71 -50.63 -25.18
CA ILE D 307 -11.93 -49.36 -25.19
C ILE D 307 -12.17 -48.69 -26.55
N LYS D 308 -11.70 -49.30 -27.65
CA LYS D 308 -11.81 -48.73 -29.01
C LYS D 308 -13.21 -48.18 -29.23
N SER D 309 -14.25 -48.94 -28.90
CA SER D 309 -15.69 -48.52 -29.03
C SER D 309 -15.96 -47.34 -28.11
N THR D 310 -15.61 -47.47 -26.83
CA THR D 310 -15.81 -46.40 -25.81
C THR D 310 -15.16 -45.11 -26.33
N ILE D 311 -13.88 -45.18 -26.74
CA ILE D 311 -13.12 -44.01 -27.27
C ILE D 311 -13.94 -43.46 -28.44
N GLU D 312 -14.01 -44.25 -29.53
CA GLU D 312 -14.65 -43.85 -30.81
C GLU D 312 -15.90 -43.07 -30.46
N ASN D 313 -16.75 -43.64 -29.58
CA ASN D 313 -18.00 -43.01 -29.12
C ASN D 313 -17.67 -41.62 -28.58
N LEU D 314 -16.88 -41.54 -27.51
CA LEU D 314 -16.62 -40.29 -26.74
C LEU D 314 -16.20 -39.19 -27.73
N VAL D 315 -15.40 -39.56 -28.74
CA VAL D 315 -14.90 -38.65 -29.82
C VAL D 315 -16.09 -38.13 -30.62
N GLU D 316 -16.86 -39.04 -31.26
CA GLU D 316 -18.00 -38.69 -32.17
C GLU D 316 -19.09 -37.99 -31.35
N LYS D 317 -19.01 -38.03 -30.01
CA LYS D 317 -19.94 -37.38 -29.06
C LYS D 317 -19.55 -35.94 -28.80
N THR D 318 -18.29 -35.55 -29.05
CA THR D 318 -17.71 -34.23 -28.70
C THR D 318 -18.16 -33.16 -29.70
N GLU D 319 -19.18 -32.38 -29.39
CA GLU D 319 -19.82 -31.44 -30.35
C GLU D 319 -18.98 -30.16 -30.42
N PHE D 320 -17.88 -30.15 -31.19
CA PHE D 320 -17.01 -28.98 -31.44
C PHE D 320 -17.83 -27.82 -32.01
N ARG D 321 -18.88 -28.15 -32.79
CA ARG D 321 -19.87 -27.21 -33.37
C ARG D 321 -20.11 -26.07 -32.36
N HIS D 322 -20.27 -26.46 -31.10
CA HIS D 322 -20.75 -25.58 -30.00
C HIS D 322 -19.71 -24.51 -29.68
N LEU D 323 -18.44 -24.68 -30.06
CA LEU D 323 -17.33 -23.77 -29.67
C LEU D 323 -16.87 -22.89 -30.84
N TYR D 324 -17.62 -22.93 -31.95
CA TYR D 324 -17.30 -22.27 -33.24
C TYR D 324 -18.29 -21.13 -33.48
N ASP D 325 -17.80 -19.90 -33.64
CA ASP D 325 -18.64 -18.72 -34.01
C ASP D 325 -18.77 -18.71 -35.54
N GLU D 326 -19.72 -19.50 -36.07
CA GLU D 326 -20.02 -19.61 -37.52
C GLU D 326 -19.70 -18.26 -38.18
N LYS D 327 -20.11 -17.15 -37.58
CA LYS D 327 -19.93 -15.77 -38.11
C LYS D 327 -18.44 -15.48 -38.37
N ARG D 328 -17.57 -15.71 -37.38
CA ARG D 328 -16.12 -15.45 -37.56
C ARG D 328 -15.46 -16.65 -38.27
N GLN D 329 -16.22 -17.69 -38.62
CA GLN D 329 -15.69 -18.95 -39.23
C GLN D 329 -14.50 -19.40 -38.37
N LEU D 330 -14.63 -19.24 -37.05
CA LEU D 330 -13.48 -19.31 -36.12
C LEU D 330 -13.90 -19.96 -34.80
N PHE D 331 -12.91 -20.58 -34.15
CA PHE D 331 -13.08 -21.27 -32.87
C PHE D 331 -12.86 -20.27 -31.76
N SER D 332 -13.84 -20.15 -30.86
CA SER D 332 -13.75 -19.37 -29.59
C SER D 332 -12.83 -20.12 -28.63
N ILE D 333 -12.29 -19.40 -27.66
CA ILE D 333 -11.33 -19.92 -26.66
C ILE D 333 -11.95 -21.14 -25.98
N GLY D 334 -13.23 -20.99 -25.62
CA GLY D 334 -14.05 -22.03 -24.97
C GLY D 334 -15.37 -21.46 -24.46
N TYR D 335 -16.18 -22.32 -23.85
CA TYR D 335 -17.54 -22.01 -23.37
C TYR D 335 -17.49 -21.84 -21.85
N ASN D 336 -17.93 -20.68 -21.37
CA ASN D 336 -18.16 -20.37 -19.93
C ASN D 336 -19.55 -20.85 -19.56
N VAL D 337 -19.67 -21.98 -18.87
CA VAL D 337 -20.99 -22.62 -18.60
C VAL D 337 -21.70 -21.78 -17.55
N GLU D 338 -20.96 -20.99 -16.76
CA GLU D 338 -21.50 -20.23 -15.61
C GLU D 338 -22.36 -19.07 -16.13
N GLU D 339 -21.89 -18.40 -17.19
CA GLU D 339 -22.59 -17.28 -17.86
C GLU D 339 -23.30 -17.78 -19.13
N GLU D 340 -23.52 -19.09 -19.25
CA GLU D 340 -24.14 -19.77 -20.42
C GLU D 340 -23.85 -19.00 -21.71
N LYS D 341 -22.58 -18.58 -21.89
CA LYS D 341 -22.11 -17.83 -23.08
C LYS D 341 -20.78 -18.40 -23.58
N LEU D 342 -20.59 -18.36 -24.91
CA LEU D 342 -19.28 -18.68 -25.54
C LEU D 342 -18.37 -17.46 -25.34
N THR D 343 -17.07 -17.68 -25.24
CA THR D 343 -16.08 -16.64 -24.91
C THR D 343 -16.03 -15.63 -26.07
N LYS D 344 -15.73 -14.37 -25.76
CA LYS D 344 -15.58 -13.28 -26.77
C LYS D 344 -14.40 -13.64 -27.69
N SER D 345 -13.15 -13.59 -27.20
CA SER D 345 -11.90 -13.77 -28.01
C SER D 345 -11.91 -15.15 -28.68
N TYR D 346 -11.06 -15.32 -29.72
CA TYR D 346 -11.02 -16.52 -30.60
C TYR D 346 -9.59 -16.86 -31.03
N TYR D 347 -9.37 -18.13 -31.45
CA TYR D 347 -8.07 -18.68 -31.88
C TYR D 347 -7.86 -18.35 -33.34
N ASP D 348 -7.47 -17.08 -33.53
CA ASP D 348 -7.39 -16.31 -34.77
C ASP D 348 -5.97 -16.43 -35.32
N LEU D 349 -5.35 -17.59 -35.14
CA LEU D 349 -4.00 -17.85 -35.67
C LEU D 349 -3.83 -19.33 -35.96
N LEU D 350 -3.06 -19.63 -37.02
CA LEU D 350 -2.73 -21.02 -37.36
C LEU D 350 -1.72 -21.51 -36.33
N ALA D 351 -0.67 -20.75 -36.08
CA ALA D 351 0.40 -21.12 -35.12
C ALA D 351 -0.17 -21.16 -33.69
N SER D 352 -0.78 -22.28 -33.30
CA SER D 352 -1.56 -22.38 -32.02
C SER D 352 -1.98 -23.83 -31.77
N GLU D 353 -1.62 -24.39 -30.61
CA GLU D 353 -2.18 -25.63 -30.02
C GLU D 353 -3.62 -25.87 -30.50
N ALA D 354 -4.37 -24.79 -30.78
CA ALA D 354 -5.78 -24.75 -31.22
C ALA D 354 -5.91 -24.82 -32.74
N ARG D 355 -4.89 -25.38 -33.39
CA ARG D 355 -5.01 -25.94 -34.76
C ARG D 355 -5.33 -27.43 -34.60
N GLN D 356 -4.75 -28.12 -33.62
CA GLN D 356 -5.10 -29.53 -33.29
C GLN D 356 -6.60 -29.59 -33.03
N ALA D 357 -7.13 -28.61 -32.30
CA ALA D 357 -8.58 -28.39 -32.15
C ALA D 357 -9.23 -28.20 -33.52
N SER D 358 -8.82 -27.12 -34.20
CA SER D 358 -9.38 -26.63 -35.50
C SER D 358 -9.38 -27.78 -36.52
N PHE D 359 -8.32 -28.59 -36.56
CA PHE D 359 -8.11 -29.72 -37.49
C PHE D 359 -9.12 -30.84 -37.24
N ILE D 360 -9.17 -31.31 -35.99
CA ILE D 360 -9.99 -32.48 -35.59
C ILE D 360 -11.46 -32.17 -35.88
N ALA D 361 -11.88 -30.94 -35.61
CA ALA D 361 -13.23 -30.45 -35.95
C ALA D 361 -13.52 -30.71 -37.44
N ILE D 362 -12.67 -30.21 -38.34
CA ILE D 362 -12.89 -30.31 -39.82
C ILE D 362 -12.88 -31.79 -40.20
N ALA D 363 -11.97 -32.56 -39.59
CA ALA D 363 -11.76 -34.00 -39.89
C ALA D 363 -12.98 -34.80 -39.48
N LYS D 364 -13.59 -34.45 -38.33
CA LYS D 364 -14.87 -35.00 -37.82
C LYS D 364 -16.06 -34.45 -38.60
N LYS D 365 -15.78 -33.60 -39.58
CA LYS D 365 -16.75 -32.98 -40.52
C LYS D 365 -17.73 -32.13 -39.68
N GLU D 366 -17.22 -31.38 -38.70
CA GLU D 366 -18.08 -30.55 -37.81
C GLU D 366 -18.03 -29.10 -38.29
N VAL D 367 -16.94 -28.68 -38.94
CA VAL D 367 -16.85 -27.32 -39.57
C VAL D 367 -16.30 -27.43 -40.99
N ASP D 368 -16.49 -26.35 -41.76
CA ASP D 368 -16.20 -26.30 -43.21
C ASP D 368 -14.71 -26.53 -43.44
N LYS D 369 -14.36 -27.20 -44.52
CA LYS D 369 -12.96 -27.54 -44.90
C LYS D 369 -12.17 -26.22 -44.97
N LYS D 370 -12.85 -25.12 -45.29
CA LYS D 370 -12.18 -23.79 -45.47
C LYS D 370 -11.82 -23.16 -44.13
N HIS D 371 -12.40 -23.57 -43.00
CA HIS D 371 -12.03 -22.99 -41.67
C HIS D 371 -10.50 -22.99 -41.59
N TRP D 372 -9.88 -24.12 -41.96
CA TRP D 372 -8.42 -24.33 -41.83
C TRP D 372 -7.68 -23.13 -42.41
N PHE D 373 -8.21 -22.57 -43.50
CA PHE D 373 -7.54 -21.53 -44.33
C PHE D 373 -7.95 -20.15 -43.85
N LYS D 374 -9.07 -20.04 -43.15
CA LYS D 374 -9.53 -18.77 -42.56
C LYS D 374 -8.66 -18.43 -41.32
N LEU D 375 -8.04 -19.44 -40.69
CA LEU D 375 -7.08 -19.24 -39.56
C LEU D 375 -5.95 -18.28 -40.01
N GLY D 376 -5.58 -17.36 -39.13
CA GLY D 376 -4.51 -16.37 -39.40
C GLY D 376 -3.18 -17.03 -39.72
N ARG D 377 -2.65 -16.75 -40.90
CA ARG D 377 -1.28 -17.07 -41.32
C ARG D 377 -0.56 -15.75 -41.49
N MET D 378 0.40 -15.50 -40.62
CA MET D 378 1.28 -14.33 -40.67
C MET D 378 2.72 -14.82 -40.77
N LEU D 379 3.50 -14.39 -41.76
CA LEU D 379 4.92 -14.80 -41.85
C LEU D 379 5.78 -13.67 -41.33
N ALA D 380 6.95 -14.05 -40.79
CA ALA D 380 7.99 -13.13 -40.34
C ALA D 380 9.26 -13.40 -41.13
N ILE D 381 9.82 -12.35 -41.73
CA ILE D 381 10.98 -12.40 -42.67
C ILE D 381 12.26 -12.26 -41.85
N GLU D 382 12.32 -12.90 -40.67
CA GLU D 382 13.58 -12.97 -39.89
C GLU D 382 14.66 -13.40 -40.88
N ASN D 383 15.77 -12.65 -40.91
CA ASN D 383 16.88 -12.79 -41.88
C ASN D 383 16.38 -13.50 -43.16
N ARG D 384 16.65 -14.80 -43.24
CA ARG D 384 16.32 -15.63 -44.42
C ARG D 384 15.09 -16.48 -44.15
N TYR D 385 15.22 -17.56 -43.36
CA TYR D 385 14.08 -18.44 -42.97
C TYR D 385 12.95 -17.53 -42.48
N LYS D 386 11.76 -17.76 -43.03
CA LYS D 386 10.50 -17.06 -42.69
C LYS D 386 9.60 -18.11 -42.07
N GLY D 387 8.54 -17.69 -41.40
CA GLY D 387 7.70 -18.65 -40.68
C GLY D 387 6.54 -17.97 -40.00
N LEU D 388 5.48 -18.75 -39.76
CA LEU D 388 4.25 -18.30 -39.08
C LEU D 388 4.62 -17.71 -37.72
N VAL D 389 4.05 -16.56 -37.39
CA VAL D 389 4.16 -15.97 -36.03
C VAL D 389 2.96 -16.46 -35.25
N SER D 390 3.15 -16.57 -33.93
CA SER D 390 2.18 -17.10 -32.95
C SER D 390 1.77 -15.97 -32.03
N TRP D 391 0.66 -16.19 -31.32
CA TRP D 391 0.02 -15.17 -30.48
C TRP D 391 1.01 -14.73 -29.40
N SER D 392 1.63 -15.71 -28.72
CA SER D 392 2.46 -15.55 -27.49
C SER D 392 3.96 -15.84 -27.75
N GLY D 393 4.26 -16.84 -28.57
CA GLY D 393 5.65 -17.09 -29.05
C GLY D 393 6.30 -18.25 -28.34
N THR D 394 5.48 -19.08 -27.70
CA THR D 394 5.91 -20.27 -26.92
C THR D 394 6.13 -21.43 -27.87
N MET D 395 7.28 -22.13 -27.75
CA MET D 395 7.53 -23.41 -28.46
C MET D 395 6.24 -24.23 -28.49
N PHE D 396 5.62 -24.46 -27.33
CA PHE D 396 4.37 -25.24 -27.16
C PHE D 396 3.38 -24.90 -28.28
N GLU D 397 3.11 -23.60 -28.49
CA GLU D 397 2.13 -23.06 -29.50
C GLU D 397 2.37 -23.68 -30.88
N TYR D 398 3.66 -23.87 -31.21
CA TYR D 398 4.14 -24.41 -32.51
C TYR D 398 4.12 -25.95 -32.49
N PHE D 399 4.65 -26.60 -31.45
CA PHE D 399 5.10 -28.02 -31.53
C PHE D 399 4.15 -28.98 -30.79
N MET D 400 3.29 -28.51 -29.89
CA MET D 400 2.42 -29.40 -29.08
C MET D 400 1.53 -30.25 -29.97
N PRO D 401 0.92 -29.66 -31.02
CA PRO D 401 0.24 -30.47 -32.03
C PRO D 401 1.12 -31.59 -32.60
N LEU D 402 2.40 -31.31 -32.96
CA LEU D 402 3.31 -32.25 -33.67
C LEU D 402 3.50 -33.58 -32.93
N LEU D 403 3.00 -33.69 -31.71
CA LEU D 403 2.93 -34.98 -30.99
C LEU D 403 2.12 -35.99 -31.81
N VAL D 404 1.00 -35.56 -32.41
CA VAL D 404 0.08 -36.44 -33.18
C VAL D 404 -0.04 -35.94 -34.62
N MET D 405 -0.34 -34.65 -34.80
CA MET D 405 -0.45 -34.02 -36.14
C MET D 405 0.91 -34.20 -36.83
N ARG D 406 0.93 -34.62 -38.09
CA ARG D 406 2.22 -34.87 -38.77
C ARG D 406 2.71 -33.57 -39.39
N ASN D 407 3.93 -33.66 -39.88
CA ASN D 407 4.52 -32.63 -40.73
C ASN D 407 4.93 -33.32 -42.02
N TYR D 408 4.58 -32.70 -43.15
CA TYR D 408 5.08 -33.04 -44.51
C TYR D 408 6.16 -32.00 -44.87
N GLN D 409 7.28 -32.45 -45.46
CA GLN D 409 8.46 -31.57 -45.74
C GLN D 409 8.07 -30.48 -46.76
N ASN D 410 8.71 -29.31 -46.71
CA ASN D 410 8.53 -28.22 -47.71
C ASN D 410 7.10 -27.70 -47.70
N THR D 411 6.39 -27.97 -46.60
CA THR D 411 5.04 -27.42 -46.34
C THR D 411 5.18 -26.14 -45.51
N LEU D 412 4.14 -25.31 -45.49
CA LEU D 412 4.08 -24.06 -44.70
C LEU D 412 4.57 -24.37 -43.30
N LEU D 413 3.83 -25.24 -42.60
CA LEU D 413 4.18 -25.70 -41.23
C LEU D 413 5.68 -25.96 -41.15
N ASP D 414 6.21 -26.80 -42.04
CA ASP D 414 7.63 -27.27 -41.97
C ASP D 414 8.54 -26.05 -41.85
N GLU D 415 8.56 -25.21 -42.89
CA GLU D 415 9.34 -23.94 -42.89
C GLU D 415 9.24 -23.33 -41.49
N THR D 416 8.00 -23.15 -41.00
CA THR D 416 7.67 -22.52 -39.70
C THR D 416 8.37 -23.29 -38.57
N TYR D 417 8.15 -24.60 -38.47
CA TYR D 417 8.71 -25.42 -37.36
C TYR D 417 10.21 -25.12 -37.24
N ALA D 418 10.94 -25.07 -38.36
CA ALA D 418 12.39 -24.74 -38.36
C ALA D 418 12.60 -23.30 -37.91
N PHE D 419 12.04 -22.34 -38.65
CA PHE D 419 12.00 -20.91 -38.29
C PHE D 419 11.94 -20.74 -36.77
N ALA D 420 10.95 -21.37 -36.11
CA ALA D 420 10.69 -21.25 -34.66
C ALA D 420 11.97 -21.62 -33.88
N VAL D 421 12.46 -22.84 -34.08
CA VAL D 421 13.67 -23.37 -33.37
C VAL D 421 14.83 -22.40 -33.60
N ARG D 422 15.07 -21.94 -34.83
CA ARG D 422 16.13 -20.96 -35.16
C ARG D 422 16.00 -19.76 -34.20
N VAL D 423 14.94 -18.95 -34.35
CA VAL D 423 14.74 -17.67 -33.61
C VAL D 423 14.92 -17.94 -32.11
N GLN D 424 14.20 -18.94 -31.60
CA GLN D 424 14.19 -19.40 -30.18
C GLN D 424 15.60 -19.70 -29.67
N LYS D 425 16.44 -20.31 -30.54
CA LYS D 425 17.82 -20.74 -30.19
C LYS D 425 18.73 -19.52 -30.24
N ASN D 426 18.46 -18.58 -31.15
CA ASN D 426 19.25 -17.32 -31.30
C ASN D 426 18.99 -16.46 -30.08
N TYR D 427 17.73 -16.05 -29.91
CA TYR D 427 17.26 -15.31 -28.72
C TYR D 427 17.98 -15.82 -27.48
N ALA D 428 17.99 -17.14 -27.29
CA ALA D 428 18.57 -17.85 -26.12
C ALA D 428 20.10 -17.78 -26.12
N LYS D 429 20.76 -17.97 -27.26
CA LYS D 429 22.24 -17.83 -27.38
C LYS D 429 22.65 -16.45 -26.88
N GLU D 430 22.01 -15.40 -27.39
CA GLU D 430 22.32 -14.00 -26.98
C GLU D 430 22.28 -13.91 -25.45
N LEU D 431 21.20 -14.41 -24.85
CA LEU D 431 20.92 -14.23 -23.38
C LEU D 431 21.69 -15.30 -22.57
N GLY D 432 22.43 -16.17 -23.25
CA GLY D 432 23.42 -17.08 -22.65
C GLY D 432 22.77 -18.19 -21.82
N ILE D 433 21.54 -18.54 -22.16
CA ILE D 433 20.67 -19.52 -21.45
C ILE D 433 20.39 -20.67 -22.40
N PRO D 434 20.05 -21.86 -21.89
CA PRO D 434 19.52 -22.91 -22.77
C PRO D 434 18.23 -22.41 -23.44
N TRP D 435 17.94 -22.87 -24.66
CA TRP D 435 16.80 -22.40 -25.48
C TRP D 435 15.53 -23.14 -25.10
N GLY D 436 14.39 -22.67 -25.61
CA GLY D 436 13.09 -23.34 -25.43
C GLY D 436 12.23 -22.59 -24.45
N ILE D 437 12.15 -21.28 -24.59
CA ILE D 437 11.24 -20.40 -23.78
C ILE D 437 9.82 -20.79 -24.14
N SER D 438 8.98 -21.09 -23.16
CA SER D 438 7.57 -21.50 -23.39
C SER D 438 6.79 -21.39 -22.08
N GLU D 439 5.46 -21.51 -22.15
CA GLU D 439 4.48 -21.44 -21.03
C GLU D 439 4.93 -22.44 -19.97
N SER D 440 5.38 -21.95 -18.81
CA SER D 440 6.04 -22.72 -17.71
C SER D 440 5.82 -22.03 -16.37
N GLY D 441 6.22 -22.69 -15.29
CA GLY D 441 6.30 -22.06 -13.97
C GLY D 441 7.48 -21.12 -13.89
N PHE D 442 7.56 -20.30 -12.83
CA PHE D 442 8.70 -19.38 -12.54
C PHE D 442 8.84 -19.18 -11.02
N TYR D 443 10.01 -18.70 -10.59
CA TYR D 443 10.40 -18.66 -9.15
C TYR D 443 9.66 -17.52 -8.45
N ALA D 444 8.36 -17.72 -8.29
CA ALA D 444 7.44 -16.89 -7.48
C ALA D 444 6.30 -17.78 -7.03
N PHE D 445 5.64 -17.43 -5.91
CA PHE D 445 4.73 -18.33 -5.15
C PHE D 445 3.50 -17.55 -4.67
N ASP D 446 2.36 -18.24 -4.59
CA ASP D 446 1.07 -17.70 -4.09
C ASP D 446 1.07 -17.76 -2.56
N MET D 447 0.00 -17.29 -1.93
CA MET D 447 -0.08 -17.21 -0.45
C MET D 447 0.25 -18.57 0.18
N ASN D 448 0.15 -19.67 -0.56
CA ASN D 448 0.36 -21.04 -0.03
C ASN D 448 1.69 -21.61 -0.54
N LEU D 449 2.53 -20.80 -1.19
CA LEU D 449 3.90 -21.19 -1.65
C LEU D 449 3.82 -22.18 -2.81
N ASN D 450 2.99 -21.91 -3.81
CA ASN D 450 2.90 -22.73 -5.05
C ASN D 450 3.48 -21.93 -6.22
N TYR D 451 4.43 -22.50 -6.94
CA TYR D 451 5.03 -21.92 -8.17
C TYR D 451 3.89 -21.40 -9.05
N GLN D 452 3.96 -20.12 -9.48
CA GLN D 452 3.01 -19.55 -10.50
C GLN D 452 3.41 -20.10 -11.88
N TYR D 453 2.47 -20.08 -12.84
CA TYR D 453 2.58 -20.66 -14.20
C TYR D 453 1.97 -19.66 -15.18
N LYS D 454 2.73 -19.25 -16.20
CA LYS D 454 2.31 -18.21 -17.19
C LYS D 454 3.01 -18.40 -18.53
N ALA D 455 2.65 -17.58 -19.51
CA ALA D 455 3.17 -17.61 -20.89
C ALA D 455 4.54 -16.93 -21.00
N PHE D 456 5.51 -17.66 -21.50
CA PHE D 456 6.85 -17.10 -21.81
C PHE D 456 7.16 -17.45 -23.25
N GLY D 457 7.15 -16.44 -24.12
CA GLY D 457 7.48 -16.61 -25.53
C GLY D 457 8.50 -15.59 -25.96
N VAL D 458 9.35 -15.92 -26.93
CA VAL D 458 10.33 -14.95 -27.48
C VAL D 458 9.52 -13.92 -28.27
N PRO D 459 9.74 -12.61 -28.01
CA PRO D 459 8.88 -11.55 -28.53
C PRO D 459 8.83 -11.45 -30.06
N SER D 460 9.86 -11.99 -30.74
CA SER D 460 9.98 -12.09 -32.22
C SER D 460 8.81 -12.91 -32.75
N LEU D 461 8.74 -14.19 -32.35
CA LEU D 461 7.66 -15.16 -32.71
C LEU D 461 6.35 -14.73 -32.04
N GLY D 462 6.45 -13.71 -31.18
CA GLY D 462 5.32 -13.16 -30.42
C GLY D 462 4.67 -11.99 -31.12
N LEU D 463 3.50 -12.26 -31.71
CA LEU D 463 2.59 -11.19 -32.18
C LEU D 463 2.31 -10.22 -31.03
N LYS D 464 2.63 -10.58 -29.79
CA LYS D 464 2.53 -9.69 -28.62
C LYS D 464 3.76 -9.95 -27.75
N ARG D 465 3.54 -10.40 -26.52
CA ARG D 465 4.60 -10.60 -25.48
C ARG D 465 5.40 -9.29 -25.40
N GLY D 466 4.97 -8.39 -24.50
CA GLY D 466 5.55 -7.06 -24.24
C GLY D 466 7.05 -7.08 -23.87
N LEU D 467 7.92 -6.97 -24.90
CA LEU D 467 9.37 -7.35 -24.94
C LEU D 467 9.55 -8.66 -24.15
N SER D 468 10.16 -8.65 -22.96
CA SER D 468 10.31 -9.86 -22.11
C SER D 468 10.86 -9.45 -20.74
N HIS D 469 12.19 -9.41 -20.60
CA HIS D 469 12.92 -9.30 -19.31
C HIS D 469 12.90 -10.66 -18.60
N ASP D 470 11.73 -11.30 -18.53
CA ASP D 470 11.55 -12.69 -18.03
C ASP D 470 12.42 -13.64 -18.85
N LYS D 471 13.38 -14.33 -18.22
CA LYS D 471 14.24 -15.37 -18.83
C LYS D 471 13.87 -16.72 -18.21
N VAL D 472 12.71 -17.27 -18.57
CA VAL D 472 12.22 -18.57 -18.03
C VAL D 472 12.28 -19.62 -19.13
N VAL D 473 13.34 -20.42 -19.08
CA VAL D 473 13.51 -21.58 -19.99
C VAL D 473 12.85 -22.78 -19.33
N ALA D 474 11.82 -23.33 -19.97
CA ALA D 474 11.26 -24.66 -19.64
C ALA D 474 11.85 -25.72 -20.57
N PRO D 475 12.42 -26.83 -20.05
CA PRO D 475 12.96 -27.87 -20.90
C PRO D 475 11.85 -28.46 -21.78
N TYR D 476 10.61 -28.54 -21.29
CA TYR D 476 9.55 -29.29 -22.00
C TYR D 476 9.52 -28.78 -23.44
N GLY D 477 9.58 -27.47 -23.63
CA GLY D 477 9.56 -26.78 -24.95
C GLY D 477 10.75 -27.17 -25.83
N SER D 478 11.96 -27.25 -25.28
CA SER D 478 13.20 -27.69 -25.97
C SER D 478 12.97 -29.08 -26.59
N LEU D 479 12.54 -30.02 -25.75
CA LEU D 479 12.30 -31.43 -26.14
C LEU D 479 11.14 -31.54 -27.12
N LEU D 480 10.11 -30.72 -26.98
CA LEU D 480 8.94 -30.78 -27.87
C LEU D 480 9.34 -30.56 -29.33
N ALA D 481 10.61 -30.19 -29.58
CA ALA D 481 11.16 -29.93 -30.93
C ALA D 481 12.32 -30.88 -31.22
N ILE D 482 12.54 -31.91 -30.40
CA ILE D 482 13.58 -32.96 -30.67
C ILE D 482 13.52 -33.25 -32.15
N GLY D 483 12.33 -33.52 -32.68
CA GLY D 483 12.09 -33.78 -34.10
C GLY D 483 13.06 -32.98 -34.96
N VAL D 484 13.07 -31.65 -34.78
CA VAL D 484 13.80 -30.71 -35.67
C VAL D 484 15.29 -30.75 -35.36
N ASP D 485 15.76 -30.01 -34.35
CA ASP D 485 17.21 -29.85 -34.09
C ASP D 485 17.64 -30.79 -32.98
N VAL D 486 17.56 -32.10 -33.22
CA VAL D 486 17.91 -33.13 -32.20
C VAL D 486 19.27 -32.77 -31.62
N GLU D 487 20.25 -32.50 -32.49
CA GLU D 487 21.58 -32.01 -32.07
C GLU D 487 21.36 -30.96 -30.96
N GLY D 488 20.80 -29.81 -31.32
CA GLY D 488 20.50 -28.68 -30.40
C GLY D 488 19.91 -29.15 -29.08
N VAL D 489 18.82 -29.91 -29.13
CA VAL D 489 18.08 -30.41 -27.93
C VAL D 489 19.07 -31.18 -27.06
N LEU D 490 19.87 -32.07 -27.65
CA LEU D 490 20.89 -32.84 -26.89
C LEU D 490 21.77 -31.85 -26.11
N GLN D 491 22.34 -30.85 -26.79
CA GLN D 491 23.21 -29.82 -26.13
C GLN D 491 22.43 -29.27 -24.93
N ASN D 492 21.26 -28.69 -25.19
CA ASN D 492 20.35 -28.14 -24.14
C ASN D 492 20.28 -29.13 -22.97
N ILE D 493 20.13 -30.43 -23.21
CA ILE D 493 20.00 -31.46 -22.13
C ILE D 493 21.28 -31.47 -21.29
N ARG D 494 22.47 -31.52 -21.88
CA ARG D 494 23.75 -31.37 -21.13
C ARG D 494 23.65 -30.10 -20.29
N PHE D 495 23.43 -28.95 -20.95
CA PHE D 495 23.29 -27.60 -20.35
C PHE D 495 22.26 -27.59 -19.21
N PHE D 496 21.14 -28.31 -19.38
CA PHE D 496 20.09 -28.46 -18.34
C PHE D 496 20.64 -29.26 -17.15
N LYS D 497 21.36 -30.36 -17.39
CA LYS D 497 21.90 -31.21 -16.28
C LYS D 497 22.93 -30.39 -15.52
N LYS D 498 23.85 -29.72 -16.23
CA LYS D 498 24.90 -28.85 -15.62
C LYS D 498 24.24 -27.77 -14.76
N GLU D 499 23.20 -27.10 -15.29
CA GLU D 499 22.43 -26.07 -14.56
C GLU D 499 21.42 -26.74 -13.61
N GLY D 500 21.41 -28.08 -13.54
CA GLY D 500 20.83 -28.86 -12.43
C GLY D 500 19.35 -29.21 -12.61
N ALA D 501 18.79 -29.14 -13.81
CA ALA D 501 17.33 -29.36 -14.04
C ALA D 501 16.98 -30.84 -13.94
N GLU D 502 17.99 -31.73 -14.04
CA GLU D 502 17.79 -33.20 -13.97
C GLU D 502 17.31 -33.51 -12.54
N GLY D 503 16.26 -34.35 -12.43
CA GLY D 503 15.58 -34.72 -11.17
C GLY D 503 15.05 -36.15 -11.25
N LYS D 504 14.29 -36.55 -10.22
CA LYS D 504 13.74 -37.92 -10.07
C LYS D 504 12.84 -38.27 -11.25
N TYR D 505 11.95 -37.33 -11.61
CA TYR D 505 10.91 -37.51 -12.65
C TYR D 505 11.30 -36.80 -13.94
N GLY D 506 12.62 -36.72 -14.23
CA GLY D 506 13.14 -36.18 -15.50
C GLY D 506 13.67 -34.78 -15.33
N PHE D 507 13.16 -33.82 -16.11
CA PHE D 507 13.59 -32.40 -16.03
C PHE D 507 12.58 -31.58 -15.23
N TYR D 508 13.06 -30.74 -14.31
CA TYR D 508 12.20 -29.86 -13.47
C TYR D 508 11.41 -28.96 -14.40
N GLU D 509 10.23 -28.51 -13.96
CA GLU D 509 9.29 -27.73 -14.81
C GLU D 509 10.07 -26.75 -15.67
N ALA D 510 10.81 -25.83 -15.04
CA ALA D 510 11.56 -24.73 -15.69
C ALA D 510 12.75 -24.28 -14.85
N ILE D 511 13.67 -23.56 -15.50
CA ILE D 511 14.77 -22.78 -14.86
C ILE D 511 14.49 -21.30 -15.06
N ASP D 512 14.48 -20.58 -13.95
CA ASP D 512 14.22 -19.12 -13.90
C ASP D 512 15.56 -18.42 -13.75
N TYR D 513 16.00 -17.74 -14.81
CA TYR D 513 17.28 -16.98 -14.85
C TYR D 513 16.97 -15.51 -14.54
N THR D 514 15.69 -15.18 -14.35
CA THR D 514 15.19 -13.78 -14.26
C THR D 514 15.91 -13.04 -13.14
N PRO D 515 16.57 -11.91 -13.43
CA PRO D 515 17.26 -11.15 -12.39
C PRO D 515 16.32 -10.90 -11.19
N GLU D 516 15.17 -10.27 -11.46
CA GLU D 516 14.16 -9.79 -10.48
C GLU D 516 13.82 -10.89 -9.48
N ARG D 517 13.75 -12.15 -9.92
CA ARG D 517 13.18 -13.27 -9.13
C ARG D 517 14.27 -14.21 -8.59
N VAL D 518 15.48 -14.19 -9.15
CA VAL D 518 16.57 -15.08 -8.65
C VAL D 518 16.90 -14.67 -7.22
N PRO D 519 16.97 -15.65 -6.29
CA PRO D 519 17.44 -15.40 -4.93
C PRO D 519 18.87 -14.88 -5.01
N PHE D 520 19.14 -13.80 -4.28
CA PHE D 520 20.39 -13.00 -4.36
C PHE D 520 21.62 -13.92 -4.43
N GLY D 521 22.55 -13.62 -5.33
CA GLY D 521 23.82 -14.36 -5.48
C GLY D 521 23.59 -15.81 -5.86
N LYS D 522 22.61 -16.06 -6.75
CA LYS D 522 22.44 -17.37 -7.43
C LYS D 522 22.36 -17.11 -8.93
N LYS D 523 22.88 -18.05 -9.74
CA LYS D 523 22.86 -18.04 -11.23
C LYS D 523 21.41 -17.96 -11.71
N SER D 524 20.53 -18.68 -11.01
CA SER D 524 19.23 -19.14 -11.54
C SER D 524 18.45 -19.75 -10.41
N ALA D 525 17.12 -19.77 -10.51
CA ALA D 525 16.20 -20.39 -9.54
C ALA D 525 15.47 -21.56 -10.18
N ILE D 526 15.89 -22.80 -9.94
CA ILE D 526 15.17 -23.97 -10.53
C ILE D 526 13.80 -24.04 -9.88
N VAL D 527 12.78 -24.11 -10.73
CA VAL D 527 11.36 -24.34 -10.33
C VAL D 527 11.26 -25.84 -10.03
N LYS D 528 11.52 -26.20 -8.78
CA LYS D 528 11.58 -27.61 -8.29
C LYS D 528 10.14 -28.15 -8.32
N SER D 529 9.68 -28.53 -9.51
CA SER D 529 8.28 -28.93 -9.81
C SER D 529 8.29 -29.96 -10.95
N PHE D 530 7.24 -30.78 -11.06
CA PHE D 530 6.97 -31.65 -12.23
C PHE D 530 5.49 -31.57 -12.60
N MET D 531 5.20 -31.07 -13.80
CA MET D 531 3.82 -30.80 -14.26
C MET D 531 3.41 -31.90 -15.25
N ALA D 532 2.30 -32.58 -14.96
CA ALA D 532 1.82 -33.81 -15.65
C ALA D 532 1.74 -33.59 -17.15
N HIS D 533 1.10 -32.49 -17.58
CA HIS D 533 0.89 -32.17 -19.01
C HIS D 533 2.26 -32.07 -19.70
N HIS D 534 3.18 -31.26 -19.16
CA HIS D 534 4.53 -31.08 -19.72
C HIS D 534 5.27 -32.42 -19.72
N GLN D 535 5.21 -33.13 -18.58
CA GLN D 535 5.86 -34.45 -18.40
C GLN D 535 5.44 -35.33 -19.59
N GLY D 536 4.13 -35.40 -19.86
CA GLY D 536 3.55 -36.12 -21.02
C GLY D 536 4.21 -35.75 -22.33
N MET D 537 4.13 -34.46 -22.69
CA MET D 537 4.73 -33.88 -23.93
C MET D 537 6.15 -34.42 -24.09
N VAL D 538 6.99 -34.24 -23.08
CA VAL D 538 8.40 -34.71 -23.09
C VAL D 538 8.40 -36.20 -23.46
N PHE D 539 7.64 -37.00 -22.71
CA PHE D 539 7.64 -38.49 -22.83
C PHE D 539 7.29 -38.87 -24.26
N VAL D 540 6.11 -38.42 -24.68
CA VAL D 540 5.55 -38.69 -26.04
C VAL D 540 6.60 -38.25 -27.07
N ALA D 541 6.97 -36.97 -27.04
CA ALA D 541 7.92 -36.34 -27.98
C ALA D 541 9.18 -37.21 -28.10
N LEU D 542 9.68 -37.74 -26.98
CA LEU D 542 10.85 -38.63 -26.95
C LEU D 542 10.52 -39.89 -27.74
N ASP D 543 9.49 -40.63 -27.29
CA ASP D 543 8.96 -41.82 -28.02
C ASP D 543 8.95 -41.49 -29.52
N ASN D 544 8.17 -40.46 -29.90
CA ASN D 544 8.06 -39.98 -31.30
C ASN D 544 9.43 -39.96 -31.96
N PHE D 545 10.38 -39.27 -31.35
CA PHE D 545 11.75 -39.16 -31.89
C PHE D 545 12.35 -40.56 -32.10
N ILE D 546 12.24 -41.44 -31.10
CA ILE D 546 12.93 -42.76 -31.09
C ILE D 546 12.28 -43.71 -32.10
N ASN D 547 10.97 -43.93 -31.98
CA ASN D 547 10.20 -44.91 -32.81
C ASN D 547 9.57 -44.18 -34.00
N ASN D 548 10.38 -43.44 -34.76
CA ASN D 548 9.98 -42.69 -35.98
C ASN D 548 8.53 -42.24 -35.90
N ASN D 549 8.32 -41.05 -35.35
CA ASN D 549 7.01 -40.34 -35.22
C ASN D 549 5.86 -41.37 -35.19
N VAL D 550 5.97 -42.40 -34.35
CA VAL D 550 4.93 -43.48 -34.20
C VAL D 550 3.57 -42.83 -33.96
N MET D 551 3.41 -42.14 -32.82
CA MET D 551 2.11 -41.60 -32.34
C MET D 551 1.45 -40.82 -33.48
N GLN D 552 2.26 -40.12 -34.27
CA GLN D 552 1.83 -39.38 -35.49
C GLN D 552 1.14 -40.34 -36.46
N LYS D 553 1.84 -41.40 -36.84
CA LYS D 553 1.40 -42.37 -37.87
C LYS D 553 0.13 -43.07 -37.38
N ARG D 554 -0.02 -43.23 -36.05
CA ARG D 554 -1.22 -43.82 -35.41
C ARG D 554 -2.42 -42.88 -35.55
N PHE D 555 -2.23 -41.60 -35.25
CA PHE D 555 -3.28 -40.55 -35.33
C PHE D 555 -3.80 -40.50 -36.77
N HIS D 556 -2.89 -40.64 -37.74
CA HIS D 556 -3.18 -40.57 -39.21
C HIS D 556 -3.63 -41.93 -39.73
N LYS D 557 -3.50 -43.02 -38.96
CA LYS D 557 -4.20 -44.29 -39.23
C LYS D 557 -5.72 -44.04 -39.15
N ASP D 558 -6.19 -43.02 -38.41
CA ASP D 558 -7.65 -42.72 -38.37
C ASP D 558 -8.07 -42.20 -39.73
N PRO D 559 -9.17 -42.75 -40.29
CA PRO D 559 -9.73 -42.30 -41.56
C PRO D 559 -10.06 -40.80 -41.62
N ARG D 560 -10.90 -40.32 -40.70
CA ARG D 560 -11.38 -38.90 -40.70
C ARG D 560 -10.18 -37.97 -40.68
N ILE D 561 -9.08 -38.38 -40.03
CA ILE D 561 -7.78 -37.66 -39.96
C ILE D 561 -7.10 -37.73 -41.33
N LYS D 562 -7.01 -38.92 -41.91
CA LYS D 562 -6.45 -39.13 -43.27
C LYS D 562 -7.22 -38.26 -44.28
N ALA D 563 -8.54 -38.13 -44.10
CA ALA D 563 -9.44 -37.30 -44.94
C ALA D 563 -8.88 -35.89 -45.05
N ALA D 564 -8.39 -35.33 -43.94
CA ALA D 564 -7.99 -33.91 -43.82
C ALA D 564 -6.47 -33.74 -44.03
N GLN D 565 -5.72 -34.84 -43.95
CA GLN D 565 -4.26 -34.77 -43.71
C GLN D 565 -3.60 -33.98 -44.84
N ILE D 566 -4.30 -33.79 -45.96
CA ILE D 566 -3.80 -32.98 -47.10
C ILE D 566 -3.63 -31.50 -46.67
N LEU D 567 -4.40 -31.02 -45.69
CA LEU D 567 -4.32 -29.62 -45.19
C LEU D 567 -2.90 -29.27 -44.70
N LEU D 568 -2.17 -30.26 -44.18
CA LEU D 568 -0.84 -30.05 -43.56
C LEU D 568 0.20 -29.86 -44.67
N GLN D 569 -0.16 -30.31 -45.89
CA GLN D 569 0.72 -30.33 -47.09
C GLN D 569 0.61 -29.00 -47.86
N GLU D 570 -0.10 -28.03 -47.28
CA GLU D 570 -0.04 -26.60 -47.63
C GLU D 570 1.40 -26.21 -47.95
N LYS D 571 1.67 -25.73 -49.17
CA LYS D 571 3.01 -25.23 -49.62
C LYS D 571 3.09 -23.73 -49.32
N MET D 572 4.28 -23.22 -49.02
CA MET D 572 4.48 -21.80 -48.60
C MET D 572 4.41 -20.91 -49.82
N PRO D 573 3.47 -19.94 -49.91
CA PRO D 573 3.14 -19.32 -51.19
C PRO D 573 4.38 -18.64 -51.78
N MET D 574 4.60 -18.89 -53.08
CA MET D 574 5.63 -18.19 -53.89
C MET D 574 5.00 -16.84 -54.24
N TYR D 575 5.81 -15.82 -54.42
CA TYR D 575 5.36 -14.42 -54.58
C TYR D 575 4.57 -14.01 -53.34
N LEU D 576 4.83 -12.81 -52.80
CA LEU D 576 4.07 -12.26 -51.66
C LEU D 576 3.68 -10.82 -51.93
N ASP D 577 2.39 -10.58 -52.12
CA ASP D 577 1.88 -9.24 -52.49
C ASP D 577 2.12 -8.30 -51.30
N ILE D 578 3.21 -7.51 -51.33
CA ILE D 578 3.47 -6.45 -50.32
C ILE D 578 2.33 -5.44 -50.48
N THR D 579 2.25 -4.77 -51.64
CA THR D 579 1.27 -3.69 -51.96
C THR D 579 1.07 -2.75 -50.76
N ARG D 580 -0.16 -2.32 -50.43
CA ARG D 580 -0.47 -1.55 -49.18
C ARG D 580 -1.98 -1.39 -48.98
N GLU D 581 -2.73 -0.96 -50.02
CA GLU D 581 -4.21 -0.81 -49.96
C GLU D 581 -4.61 -0.35 -48.54
#